data_8A0E
#
_entry.id   8A0E
#
_cell.length_a   1.00
_cell.length_b   1.00
_cell.length_c   1.00
_cell.angle_alpha   90.00
_cell.angle_beta   90.00
_cell.angle_gamma   90.00
#
_symmetry.space_group_name_H-M   'P 1'
#
loop_
_entity.id
_entity.type
_entity.pdbx_description
1 polymer 'Deoxyhypusine synthase'
2 polymer 'Deoxyhypusine synthase'
3 polymer 'Eukaryotic translation initiation factor 5A'
4 non-polymer NICOTINAMIDE-ADENINE-DINUCLEOTIDE
5 non-polymer SPERMIDINE
#
loop_
_entity_poly.entity_id
_entity_poly.type
_entity_poly.pdbx_seq_one_letter_code
_entity_poly.pdbx_strand_id
1 'polypeptide(L)'
;GSMEGSLEREAPAGALAAVLKHSSTLPPESTQVRGYDFNRGVNYRALLEAFGTTGFQATNFGRAVQQVNAMIEKKLEPLS
QDEDQHADLTQSRRPLTSCTIFLGYTSNLISSGIRETIRYLVQHNMVDVLVTTAGGVEEDLIKCLAPTYLGEFSLRGKEL
RENGINRIGNLLVPNENYCKFEDWLMPILDQMVMEQNTEGVKWTPSKMIARLGKEINNPESVYYWAQKNHIPVFSPALTD
GSLGDMIFFHSYKNPGLVLDIVEDLRLINTQAIFAKCTGMIILGGGVVKHHIANANLMRNGADYAVYINTAQEFDGSDSG
ARPDEAVSWGAIRVDAQPVKVYADASLVFPLLVAETFAQKMDAFMHEKNED
;
A,B
2 'polypeptide(L)'
;GSMEGSLEREAPAGALAAVLKHSSTLPPESTQVRGYDFNRGVNYRALLEAFGTTGFQATNFGRAVQQVNAMIEKKLEPLS
QDEDQHADLTQSRRPLTSCTIFLGYTSNLISSGIRETIRYLVQHNMVDVLVTTAGGVEEDLIKCLAPTYLGEFSLRGKEL
RENGINRIGNLLVPNENY(CSS)KFEDWLMPILDQMVMEQNTEGVKWTPSKMIARLGKEINNPESVYYWAQKNHIPVFSP
ALTDGSLGDMIFFHSYKNPGLVLDIVEDLRLINTQAIFAKCTGMIILGGGVVKHHIANANLMRNGADYAVYINTAQEFDG
SDSGARPDEAVSWGAIRVDAQPVKVYADASLVFPLLVAETFAQKMDAFMHEKNED
;
C,D
3 'polypeptide(L)'
;GSMADDLDFETGDAGASATFPMQCSALRKNGFVVLKGRPCKIVEMSTSKTGKHGHAKVHLVGIDIFTGKKYEDICPSTHN
MDVPNIKRNDFQLIGIQDGYLSLLQDSGEVREDLRLPEGDLGKEIEQKYDCGEEILITVLSAMTEEAAVAIKAMAK
;
E
#
loop_
_chem_comp.id
_chem_comp.type
_chem_comp.name
_chem_comp.formula
NAD non-polymer NICOTINAMIDE-ADENINE-DINUCLEOTIDE 'C21 H27 N7 O14 P2'
SPD non-polymer SPERMIDINE 'C7 H19 N3'
#
# COMPACT_ATOMS: atom_id res chain seq x y z
N GLU A 10 15.61 -11.49 45.16
CA GLU A 10 14.36 -11.92 45.80
C GLU A 10 13.25 -11.92 44.75
N ALA A 11 13.60 -11.48 43.55
CA ALA A 11 12.64 -11.44 42.46
C ALA A 11 12.19 -12.86 42.11
N PRO A 12 10.95 -13.01 41.62
CA PRO A 12 10.46 -14.36 41.30
C PRO A 12 11.36 -15.04 40.27
N ALA A 13 11.68 -16.32 40.54
CA ALA A 13 12.63 -17.02 39.70
C ALA A 13 12.10 -17.22 38.28
N GLY A 14 10.83 -17.60 38.15
CA GLY A 14 10.27 -17.84 36.83
C GLY A 14 10.29 -16.60 35.95
N ALA A 15 9.94 -15.45 36.53
CA ALA A 15 10.03 -14.19 35.79
C ALA A 15 11.45 -13.88 35.35
N LEU A 16 12.46 -14.41 36.07
CA LEU A 16 13.84 -14.22 35.68
C LEU A 16 14.27 -15.15 34.56
N ALA A 17 13.46 -16.15 34.21
CA ALA A 17 13.76 -17.08 33.14
C ALA A 17 13.21 -16.61 31.79
N ALA A 18 12.46 -15.53 31.76
CA ALA A 18 11.91 -14.97 30.53
C ALA A 18 12.68 -13.78 30.01
N VAL A 19 13.04 -12.84 30.88
CA VAL A 19 13.81 -11.68 30.44
C VAL A 19 15.22 -12.08 30.07
N LEU A 20 15.87 -12.89 30.91
CA LEU A 20 17.24 -13.34 30.65
C LEU A 20 17.24 -14.76 30.09
N LYS A 21 16.66 -14.91 28.90
CA LYS A 21 16.67 -16.17 28.20
C LYS A 21 18.01 -16.39 27.50
N HIS A 22 18.50 -17.63 27.56
CA HIS A 22 19.74 -17.96 26.88
C HIS A 22 19.53 -17.95 25.36
N SER A 23 20.52 -17.45 24.64
CA SER A 23 20.45 -17.28 23.20
C SER A 23 21.43 -18.23 22.50
N SER A 24 21.41 -18.18 21.17
CA SER A 24 22.30 -18.95 20.31
C SER A 24 23.30 -18.00 19.64
N THR A 25 24.12 -18.55 18.75
CA THR A 25 25.13 -17.79 18.03
C THR A 25 24.79 -17.81 16.55
N LEU A 26 24.72 -16.62 15.95
CA LEU A 26 24.37 -16.50 14.54
C LEU A 26 25.51 -17.00 13.65
N PRO A 27 25.19 -17.38 12.41
CA PRO A 27 26.23 -17.86 11.52
C PRO A 27 27.24 -16.76 11.21
N PRO A 28 28.49 -17.12 10.94
CA PRO A 28 29.51 -16.10 10.66
C PRO A 28 29.23 -15.24 9.44
N GLU A 29 28.43 -15.72 8.49
CA GLU A 29 28.08 -14.94 7.31
C GLU A 29 26.91 -13.99 7.58
N SER A 30 27.05 -13.19 8.64
CA SER A 30 26.00 -12.28 9.08
C SER A 30 26.47 -10.84 8.92
N THR A 31 25.67 -10.02 8.26
CA THR A 31 25.99 -8.62 8.03
C THR A 31 25.55 -7.79 9.24
N GLN A 32 26.41 -6.86 9.64
CA GLN A 32 26.08 -5.95 10.74
C GLN A 32 25.32 -4.74 10.20
N VAL A 33 25.08 -3.76 11.06
CA VAL A 33 24.35 -2.55 10.70
C VAL A 33 25.31 -1.37 10.82
N ARG A 34 25.50 -0.66 9.71
CA ARG A 34 26.34 0.53 9.67
C ARG A 34 25.65 1.63 8.88
N GLY A 35 25.90 2.87 9.28
CA GLY A 35 25.51 4.03 8.51
C GLY A 35 26.68 4.66 7.80
N TYR A 36 26.45 5.87 7.30
CA TYR A 36 27.50 6.64 6.66
C TYR A 36 28.01 7.71 7.62
N ASP A 37 29.32 7.76 7.80
CA ASP A 37 29.95 8.71 8.71
C ASP A 37 30.25 9.99 7.92
N PHE A 38 29.63 11.10 8.33
CA PHE A 38 29.82 12.36 7.63
C PHE A 38 31.12 13.06 7.99
N ASN A 39 31.88 12.52 8.95
CA ASN A 39 33.18 13.10 9.29
C ASN A 39 34.18 13.00 8.14
N ARG A 40 33.97 12.09 7.21
CA ARG A 40 34.84 11.93 6.05
C ARG A 40 34.46 12.85 4.90
N GLY A 41 33.42 13.65 5.05
CA GLY A 41 32.96 14.53 3.98
C GLY A 41 31.75 13.96 3.27
N VAL A 42 31.32 14.69 2.25
CA VAL A 42 30.14 14.33 1.46
C VAL A 42 30.64 13.61 0.21
N ASN A 43 30.71 12.28 0.28
CA ASN A 43 31.04 11.44 -0.87
C ASN A 43 29.76 10.72 -1.28
N TYR A 44 29.18 11.15 -2.41
CA TYR A 44 27.84 10.70 -2.76
C TYR A 44 27.80 9.22 -3.13
N ARG A 45 28.82 8.71 -3.82
CA ARG A 45 28.82 7.30 -4.18
C ARG A 45 28.90 6.41 -2.93
N ALA A 46 29.76 6.76 -1.99
CA ALA A 46 29.82 6.03 -0.72
C ALA A 46 28.54 6.20 0.09
N LEU A 47 27.97 7.40 0.08
CA LEU A 47 26.73 7.64 0.80
C LEU A 47 25.61 6.75 0.27
N LEU A 48 25.52 6.60 -1.05
CA LEU A 48 24.51 5.75 -1.64
C LEU A 48 24.82 4.27 -1.51
N GLU A 49 26.10 3.89 -1.47
CA GLU A 49 26.44 2.49 -1.24
C GLU A 49 26.15 2.07 0.19
N ALA A 50 26.25 3.00 1.14
CA ALA A 50 26.00 2.69 2.55
C ALA A 50 24.54 2.38 2.84
N PHE A 51 23.63 2.58 1.89
CA PHE A 51 22.22 2.26 2.10
C PHE A 51 21.99 0.77 2.30
N GLY A 52 22.90 -0.08 1.80
CA GLY A 52 22.68 -1.52 1.87
C GLY A 52 22.72 -2.09 3.28
N THR A 53 23.29 -1.37 4.23
CA THR A 53 23.38 -1.83 5.61
C THR A 53 22.72 -0.89 6.61
N THR A 54 22.04 0.15 6.15
CA THR A 54 21.48 1.14 7.08
C THR A 54 20.31 0.57 7.87
N GLY A 55 19.36 -0.06 7.20
CA GLY A 55 18.15 -0.43 7.90
C GLY A 55 17.00 -0.96 7.06
N PHE A 56 15.82 -0.38 7.25
CA PHE A 56 14.57 -1.03 6.85
C PHE A 56 14.33 -1.02 5.35
N GLN A 57 14.19 0.18 4.75
CA GLN A 57 13.92 0.29 3.33
C GLN A 57 15.17 0.54 2.49
N ALA A 58 16.20 1.14 3.08
CA ALA A 58 17.46 1.32 2.35
C ALA A 58 18.08 0.00 1.96
N THR A 59 17.88 -1.04 2.78
CA THR A 59 18.34 -2.38 2.40
C THR A 59 17.61 -2.87 1.16
N ASN A 60 16.30 -2.63 1.08
CA ASN A 60 15.55 -2.98 -0.12
C ASN A 60 16.03 -2.20 -1.34
N PHE A 61 16.36 -0.93 -1.14
CA PHE A 61 16.91 -0.12 -2.24
C PHE A 61 18.23 -0.72 -2.75
N GLY A 62 19.12 -1.10 -1.83
CA GLY A 62 20.36 -1.73 -2.24
C GLY A 62 20.16 -3.05 -2.96
N ARG A 63 19.23 -3.87 -2.47
CA ARG A 63 18.94 -5.14 -3.12
C ARG A 63 18.38 -4.93 -4.53
N ALA A 64 17.52 -3.92 -4.70
CA ALA A 64 17.01 -3.59 -6.02
C ALA A 64 18.14 -3.16 -6.95
N VAL A 65 19.09 -2.38 -6.42
CA VAL A 65 20.24 -1.98 -7.23
C VAL A 65 21.01 -3.20 -7.70
N GLN A 66 21.24 -4.16 -6.80
CA GLN A 66 21.95 -5.37 -7.19
C GLN A 66 21.19 -6.17 -8.23
N GLN A 67 19.87 -6.27 -8.10
CA GLN A 67 19.08 -7.01 -9.07
C GLN A 67 19.15 -6.37 -10.45
N VAL A 68 19.05 -5.04 -10.52
CA VAL A 68 19.12 -4.37 -11.82
C VAL A 68 20.51 -4.52 -12.42
N ASN A 69 21.55 -4.46 -11.59
CA ASN A 69 22.90 -4.67 -12.10
C ASN A 69 23.07 -6.07 -12.67
N ALA A 70 22.48 -7.07 -12.00
CA ALA A 70 22.51 -8.43 -12.55
C ALA A 70 21.79 -8.50 -13.88
N MET A 71 20.63 -7.85 -14.01
CA MET A 71 19.95 -7.78 -15.30
C MET A 71 20.87 -7.22 -16.38
N ILE A 72 21.52 -6.09 -16.08
CA ILE A 72 22.35 -5.42 -17.08
C ILE A 72 23.54 -6.29 -17.48
N GLU A 73 24.18 -6.94 -16.50
CA GLU A 73 25.29 -7.84 -16.81
C GLU A 73 24.83 -9.01 -17.68
N LYS A 74 23.63 -9.55 -17.41
CA LYS A 74 23.14 -10.64 -18.23
C LYS A 74 22.85 -10.19 -19.65
N LYS A 75 22.31 -8.98 -19.81
CA LYS A 75 21.93 -8.52 -21.16
C LYS A 75 23.14 -8.34 -22.06
N LEU A 76 24.25 -7.85 -21.52
CA LEU A 76 25.42 -7.49 -22.32
C LEU A 76 26.20 -8.69 -22.84
N GLU A 77 25.86 -9.90 -22.41
CA GLU A 77 26.59 -11.08 -22.89
C GLU A 77 26.30 -11.29 -24.38
N PRO A 78 27.33 -11.42 -25.21
CA PRO A 78 27.09 -11.65 -26.65
C PRO A 78 26.45 -12.99 -26.91
N LEU A 79 25.59 -13.03 -27.92
CA LEU A 79 25.00 -14.29 -28.35
C LEU A 79 25.97 -15.01 -29.30
N SER A 80 25.67 -16.30 -29.53
CA SER A 80 26.47 -17.07 -30.48
C SER A 80 26.25 -16.63 -31.92
N GLN A 81 25.19 -15.84 -32.18
CA GLN A 81 24.86 -15.30 -33.50
C GLN A 81 24.74 -16.38 -34.56
N ASP A 82 24.67 -17.64 -34.13
CA ASP A 82 24.39 -18.76 -35.00
C ASP A 82 22.97 -19.28 -34.84
N GLU A 83 22.21 -18.74 -33.91
CA GLU A 83 20.85 -19.19 -33.64
C GLU A 83 19.93 -18.83 -34.80
N ASP A 84 18.81 -19.55 -34.88
CA ASP A 84 17.82 -19.25 -35.90
C ASP A 84 17.26 -17.84 -35.74
N GLN A 85 16.97 -17.44 -34.50
CA GLN A 85 16.47 -16.10 -34.19
C GLN A 85 15.20 -15.82 -35.00
N HIS A 86 14.16 -16.57 -34.64
CA HIS A 86 12.91 -16.57 -35.37
C HIS A 86 12.29 -15.17 -35.44
N ALA A 87 12.28 -14.58 -36.63
CA ALA A 87 11.70 -13.26 -36.86
C ALA A 87 10.37 -13.30 -37.59
N ASP A 88 10.13 -14.33 -38.40
CA ASP A 88 8.84 -14.47 -39.06
C ASP A 88 7.77 -14.97 -38.10
N LEU A 89 8.13 -15.85 -37.16
CA LEU A 89 7.19 -16.33 -36.16
C LEU A 89 6.95 -15.30 -35.06
N THR A 90 7.82 -14.32 -34.92
CA THR A 90 7.71 -13.32 -33.85
C THR A 90 7.10 -12.01 -34.33
N GLN A 91 7.24 -11.69 -35.62
CA GLN A 91 6.76 -10.43 -36.19
C GLN A 91 7.40 -9.22 -35.51
N SER A 92 8.73 -9.27 -35.39
CA SER A 92 9.49 -8.20 -34.76
C SER A 92 10.69 -7.85 -35.63
N ARG A 93 10.95 -6.55 -35.75
CA ARG A 93 12.10 -6.05 -36.48
C ARG A 93 13.31 -5.81 -35.58
N ARG A 94 13.19 -6.09 -34.28
CA ARG A 94 14.20 -5.83 -33.27
C ARG A 94 15.06 -7.05 -33.06
N PRO A 95 16.39 -6.94 -33.18
CA PRO A 95 17.25 -8.10 -32.94
C PRO A 95 17.19 -8.56 -31.50
N LEU A 96 17.42 -9.85 -31.32
CA LEU A 96 17.33 -10.50 -30.01
C LEU A 96 18.64 -10.34 -29.25
N THR A 97 18.53 -10.17 -27.94
CA THR A 97 19.68 -10.07 -27.05
C THR A 97 19.63 -11.20 -26.03
N SER A 98 20.55 -11.15 -25.06
CA SER A 98 20.66 -12.19 -24.05
C SER A 98 19.65 -12.02 -22.92
N CYS A 99 18.95 -10.90 -22.85
CA CYS A 99 17.96 -10.69 -21.80
C CYS A 99 16.95 -9.66 -22.29
N THR A 100 15.67 -10.01 -22.21
CA THR A 100 14.58 -9.13 -22.62
C THR A 100 14.00 -8.44 -21.39
N ILE A 101 13.87 -7.12 -21.45
CA ILE A 101 13.46 -6.31 -20.30
C ILE A 101 12.10 -5.69 -20.57
N PHE A 102 11.19 -5.85 -19.62
CA PHE A 102 9.88 -5.22 -19.64
C PHE A 102 9.89 -4.06 -18.66
N LEU A 103 9.40 -2.90 -19.11
CA LEU A 103 9.30 -1.71 -18.26
C LEU A 103 7.84 -1.27 -18.25
N GLY A 104 7.24 -1.27 -17.07
CA GLY A 104 5.84 -0.90 -16.91
C GLY A 104 5.70 0.29 -15.99
N TYR A 105 4.81 1.22 -16.36
CA TYR A 105 4.62 2.42 -15.54
C TYR A 105 3.18 2.90 -15.64
N THR A 106 2.79 3.71 -14.66
CA THR A 106 1.44 4.22 -14.54
C THR A 106 1.32 5.61 -15.17
N SER A 107 0.09 6.14 -15.17
CA SER A 107 -0.18 7.38 -15.88
C SER A 107 0.45 8.59 -15.19
N ASN A 108 0.31 8.68 -13.86
CA ASN A 108 0.76 9.87 -13.15
C ASN A 108 2.27 10.05 -13.18
N LEU A 109 3.02 9.00 -13.47
CA LEU A 109 4.47 9.10 -13.53
C LEU A 109 4.96 9.81 -14.79
N ILE A 110 4.11 9.96 -15.81
CA ILE A 110 4.48 10.72 -16.98
C ILE A 110 4.23 12.21 -16.80
N SER A 111 3.23 12.59 -15.99
CA SER A 111 2.96 13.99 -15.70
C SER A 111 4.06 14.64 -14.89
N SER A 112 4.94 13.86 -14.25
CA SER A 112 6.01 14.38 -13.43
C SER A 112 7.32 14.40 -14.21
N GLY A 113 8.42 14.72 -13.53
CA GLY A 113 9.73 14.76 -14.14
C GLY A 113 10.34 13.42 -14.48
N ILE A 114 9.77 12.33 -13.97
CA ILE A 114 10.24 10.99 -14.31
C ILE A 114 10.14 10.72 -15.80
N ARG A 115 9.33 11.50 -16.53
CA ARG A 115 9.28 11.38 -17.97
C ARG A 115 10.65 11.64 -18.61
N GLU A 116 11.41 12.60 -18.08
CA GLU A 116 12.75 12.81 -18.59
C GLU A 116 13.74 11.73 -18.15
N THR A 117 13.33 10.86 -17.22
CA THR A 117 14.18 9.74 -16.84
C THR A 117 13.87 8.49 -17.66
N ILE A 118 12.60 8.28 -18.01
CA ILE A 118 12.23 7.15 -18.84
C ILE A 118 12.75 7.32 -20.26
N ARG A 119 12.62 8.54 -20.81
CA ARG A 119 13.06 8.79 -22.18
C ARG A 119 14.54 8.49 -22.36
N TYR A 120 15.36 8.84 -21.35
CA TYR A 120 16.79 8.53 -21.41
C TYR A 120 17.04 7.05 -21.62
N LEU A 121 16.20 6.19 -21.04
CA LEU A 121 16.34 4.76 -21.25
C LEU A 121 15.83 4.32 -22.61
N VAL A 122 14.85 5.02 -23.17
CA VAL A 122 14.31 4.64 -24.48
C VAL A 122 15.18 5.17 -25.61
N GLN A 123 15.83 6.33 -25.40
CA GLN A 123 16.68 6.92 -26.42
C GLN A 123 17.92 6.08 -26.69
N HIS A 124 18.39 5.32 -25.70
CA HIS A 124 19.66 4.64 -25.78
C HIS A 124 19.52 3.12 -25.83
N ASN A 125 18.33 2.61 -26.15
CA ASN A 125 18.11 1.18 -26.38
C ASN A 125 18.48 0.35 -25.15
N MET A 126 18.01 0.78 -23.98
CA MET A 126 18.29 0.07 -22.74
C MET A 126 17.15 -0.84 -22.30
N VAL A 127 15.96 -0.70 -22.88
CA VAL A 127 14.81 -1.53 -22.56
C VAL A 127 14.30 -2.17 -23.86
N ASP A 128 13.40 -3.11 -23.71
CA ASP A 128 12.86 -3.86 -24.84
C ASP A 128 11.36 -3.69 -25.04
N VAL A 129 10.56 -3.77 -23.98
CA VAL A 129 9.11 -3.67 -24.10
C VAL A 129 8.62 -2.61 -23.13
N LEU A 130 7.66 -1.79 -23.57
CA LEU A 130 7.05 -0.76 -22.73
C LEU A 130 5.58 -1.07 -22.51
N VAL A 131 5.13 -0.96 -21.26
CA VAL A 131 3.72 -1.14 -20.91
C VAL A 131 3.28 0.04 -20.06
N THR A 132 2.17 0.66 -20.44
CA THR A 132 1.62 1.81 -19.73
C THR A 132 0.10 1.80 -19.90
N THR A 133 -0.53 2.90 -19.53
CA THR A 133 -1.97 3.06 -19.61
C THR A 133 -2.30 4.14 -20.66
N ALA A 134 -3.60 4.41 -20.80
CA ALA A 134 -4.04 5.37 -21.82
C ALA A 134 -3.58 6.78 -21.50
N GLY A 135 -3.62 7.18 -20.24
CA GLY A 135 -3.19 8.51 -19.84
C GLY A 135 -1.71 8.77 -20.08
N GLY A 136 -0.87 7.76 -19.92
CA GLY A 136 0.56 7.93 -20.07
C GLY A 136 1.03 8.24 -21.48
N VAL A 137 0.20 7.98 -22.47
CA VAL A 137 0.50 8.36 -23.85
C VAL A 137 0.00 9.75 -24.17
N GLU A 138 -1.24 10.04 -23.80
CA GLU A 138 -1.82 11.36 -24.09
C GLU A 138 -1.09 12.46 -23.34
N GLU A 139 -0.71 12.22 -22.08
CA GLU A 139 0.01 13.25 -21.34
C GLU A 139 1.38 13.53 -21.96
N ASP A 140 2.09 12.48 -22.38
CA ASP A 140 3.38 12.68 -23.01
C ASP A 140 3.27 13.42 -24.34
N LEU A 141 2.24 13.10 -25.13
CA LEU A 141 2.06 13.82 -26.40
C LEU A 141 1.67 15.28 -26.14
N ILE A 142 0.84 15.52 -25.12
CA ILE A 142 0.42 16.89 -24.81
C ILE A 142 1.58 17.73 -24.32
N LYS A 143 2.48 17.13 -23.54
CA LYS A 143 3.62 17.88 -23.02
C LYS A 143 4.52 18.43 -24.12
N CYS A 144 4.42 17.89 -25.34
CA CYS A 144 5.16 18.41 -26.48
C CYS A 144 4.47 19.60 -27.13
N LEU A 145 3.31 20.00 -26.65
CA LEU A 145 2.58 21.16 -27.17
C LEU A 145 2.36 22.24 -26.13
N ALA A 146 2.12 21.86 -24.88
CA ALA A 146 1.86 22.80 -23.79
C ALA A 146 2.57 22.32 -22.53
N PRO A 147 2.93 23.23 -21.63
CA PRO A 147 3.66 22.85 -20.42
C PRO A 147 2.73 22.57 -19.24
N THR A 148 3.34 22.07 -18.16
CA THR A 148 2.65 21.72 -16.93
C THR A 148 3.28 22.47 -15.76
N TYR A 149 2.44 22.86 -14.80
CA TYR A 149 2.86 23.71 -13.68
C TYR A 149 2.74 22.96 -12.37
N LEU A 150 3.33 23.54 -11.32
CA LEU A 150 3.26 22.99 -9.98
C LEU A 150 2.03 23.52 -9.24
N GLY A 151 1.76 22.95 -8.07
CA GLY A 151 0.60 23.36 -7.30
C GLY A 151 0.60 22.89 -5.85
N GLU A 152 -0.59 22.71 -5.28
CA GLU A 152 -0.74 22.27 -3.90
C GLU A 152 -1.73 21.11 -3.84
N PHE A 153 -1.51 20.22 -2.87
CA PHE A 153 -2.44 19.11 -2.68
C PHE A 153 -3.78 19.59 -2.13
N SER A 154 -3.79 20.69 -1.39
CA SER A 154 -5.00 21.21 -0.77
C SER A 154 -5.47 22.43 -1.58
N LEU A 155 -6.28 22.17 -2.60
CA LEU A 155 -6.86 23.22 -3.42
C LEU A 155 -8.31 22.87 -3.71
N ARG A 156 -9.21 23.85 -3.54
CA ARG A 156 -10.63 23.60 -3.69
C ARG A 156 -10.99 23.34 -5.15
N GLY A 157 -11.85 22.35 -5.38
CA GLY A 157 -12.20 21.97 -6.74
C GLY A 157 -13.15 22.92 -7.43
N LYS A 158 -14.00 23.62 -6.66
CA LYS A 158 -14.94 24.54 -7.27
C LYS A 158 -14.23 25.70 -7.96
N GLU A 159 -13.26 26.32 -7.27
CA GLU A 159 -12.53 27.43 -7.86
C GLU A 159 -11.70 26.97 -9.05
N LEU A 160 -11.10 25.77 -8.96
CA LEU A 160 -10.34 25.24 -10.09
C LEU A 160 -11.24 24.98 -11.29
N ARG A 161 -12.44 24.43 -11.06
CA ARG A 161 -13.35 24.16 -12.17
C ARG A 161 -13.88 25.45 -12.78
N GLU A 162 -14.11 26.49 -11.97
CA GLU A 162 -14.57 27.76 -12.53
C GLU A 162 -13.55 28.34 -13.48
N ASN A 163 -12.26 28.22 -13.14
CA ASN A 163 -11.18 28.72 -13.97
C ASN A 163 -10.69 27.71 -15.00
N GLY A 164 -11.29 26.52 -15.05
CA GLY A 164 -10.93 25.53 -16.05
C GLY A 164 -9.54 24.95 -15.92
N ILE A 165 -9.12 24.61 -14.71
CA ILE A 165 -7.83 23.99 -14.45
C ILE A 165 -8.06 22.66 -13.76
N ASN A 166 -7.47 21.60 -14.30
CA ASN A 166 -7.60 20.26 -13.75
C ASN A 166 -6.41 19.94 -12.85
N ARG A 167 -6.66 19.16 -11.82
CA ARG A 167 -5.66 18.82 -10.83
C ARG A 167 -5.30 17.33 -10.89
N ILE A 168 -4.00 17.05 -10.83
CA ILE A 168 -3.47 15.70 -10.77
C ILE A 168 -2.49 15.71 -9.60
N GLY A 169 -2.95 15.24 -8.44
CA GLY A 169 -2.13 15.33 -7.24
C GLY A 169 -1.89 16.77 -6.84
N ASN A 170 -0.65 17.22 -7.01
CA ASN A 170 -0.30 18.62 -6.80
C ASN A 170 0.19 19.27 -8.09
N LEU A 171 -0.33 18.79 -9.22
CA LEU A 171 0.01 19.34 -10.53
C LEU A 171 -1.24 19.92 -11.18
N LEU A 172 -1.05 20.99 -11.95
CA LEU A 172 -2.14 21.71 -12.56
C LEU A 172 -2.02 21.67 -14.08
N VAL A 173 -3.14 21.45 -14.77
CA VAL A 173 -3.18 21.40 -16.22
C VAL A 173 -4.34 22.26 -16.72
N PRO A 174 -4.07 23.30 -17.50
CA PRO A 174 -5.18 24.10 -18.06
C PRO A 174 -5.94 23.34 -19.12
N ASN A 175 -7.15 23.83 -19.40
CA ASN A 175 -7.98 23.21 -20.43
C ASN A 175 -7.49 23.49 -21.84
N GLU A 176 -6.80 24.62 -22.05
CA GLU A 176 -6.30 24.93 -23.38
C GLU A 176 -5.25 23.92 -23.85
N ASN A 177 -4.65 23.17 -22.92
CA ASN A 177 -3.74 22.10 -23.30
C ASN A 177 -4.47 21.00 -24.06
N TYR A 178 -5.76 20.82 -23.78
CA TYR A 178 -6.54 19.76 -24.40
C TYR A 178 -7.25 20.24 -25.66
N CYS A 179 -7.22 21.55 -25.88
CA CYS A 179 -7.86 22.13 -27.04
C CYS A 179 -6.88 22.09 -28.21
N LYS A 180 -5.61 22.12 -27.85
CA LYS A 180 -4.52 22.01 -28.82
C LYS A 180 -4.37 20.58 -29.29
N PHE A 181 -4.74 19.64 -28.42
CA PHE A 181 -4.62 18.21 -28.74
C PHE A 181 -5.62 17.80 -29.81
N GLU A 182 -6.85 18.33 -29.74
CA GLU A 182 -7.89 17.98 -30.70
C GLU A 182 -7.52 18.44 -32.11
N ASP A 183 -7.02 19.66 -32.24
CA ASP A 183 -6.64 20.18 -33.55
C ASP A 183 -5.52 19.38 -34.17
N TRP A 184 -4.54 18.97 -33.34
CA TRP A 184 -3.44 18.16 -33.84
C TRP A 184 -3.86 16.73 -34.13
N LEU A 185 -4.94 16.26 -33.49
CA LEU A 185 -5.28 14.85 -33.53
C LEU A 185 -6.29 14.49 -34.63
N MET A 186 -7.23 15.39 -34.95
CA MET A 186 -8.28 15.03 -35.90
C MET A 186 -7.77 14.63 -37.28
N PRO A 187 -6.85 15.37 -37.93
CA PRO A 187 -6.38 14.92 -39.26
C PRO A 187 -5.74 13.55 -39.25
N ILE A 188 -5.01 13.20 -38.18
CA ILE A 188 -4.40 11.88 -38.09
C ILE A 188 -5.47 10.80 -38.06
N LEU A 189 -6.54 11.04 -37.31
CA LEU A 189 -7.64 10.08 -37.27
C LEU A 189 -8.32 9.95 -38.63
N ASP A 190 -8.48 11.07 -39.34
CA ASP A 190 -9.08 11.01 -40.67
C ASP A 190 -8.22 10.17 -41.61
N GLN A 191 -6.90 10.37 -41.58
CA GLN A 191 -6.02 9.56 -42.42
C GLN A 191 -6.07 8.09 -42.02
N MET A 192 -6.14 7.81 -40.72
CA MET A 192 -6.22 6.43 -40.25
C MET A 192 -7.47 5.74 -40.78
N VAL A 193 -8.61 6.42 -40.69
CA VAL A 193 -9.86 5.82 -41.18
C VAL A 193 -9.80 5.65 -42.69
N MET A 194 -9.21 6.60 -43.41
CA MET A 194 -9.09 6.47 -44.86
C MET A 194 -8.25 5.27 -45.24
N GLU A 195 -7.11 5.08 -44.56
CA GLU A 195 -6.25 3.93 -44.84
C GLU A 195 -6.89 2.62 -44.45
N GLN A 196 -7.78 2.64 -43.44
CA GLN A 196 -8.44 1.41 -43.03
C GLN A 196 -9.27 0.81 -44.15
N ASN A 197 -9.89 1.65 -44.98
CA ASN A 197 -10.76 1.20 -46.05
C ASN A 197 -10.07 1.15 -47.41
N THR A 198 -9.25 2.13 -47.74
CA THR A 198 -8.66 2.22 -49.07
C THR A 198 -7.43 1.34 -49.23
N GLU A 199 -6.80 0.90 -48.14
CA GLU A 199 -5.58 0.11 -48.24
C GLU A 199 -5.62 -1.18 -47.42
N GLY A 200 -6.71 -1.45 -46.71
CA GLY A 200 -6.83 -2.68 -45.95
C GLY A 200 -5.83 -2.81 -44.82
N VAL A 201 -5.90 -1.88 -43.86
CA VAL A 201 -5.00 -1.87 -42.71
C VAL A 201 -5.80 -2.19 -41.46
N LYS A 202 -5.33 -3.16 -40.69
CA LYS A 202 -5.95 -3.55 -39.43
C LYS A 202 -5.23 -2.85 -38.29
N TRP A 203 -5.96 -2.02 -37.54
CA TRP A 203 -5.37 -1.20 -36.50
C TRP A 203 -5.45 -1.89 -35.14
N THR A 204 -4.36 -1.80 -34.39
CA THR A 204 -4.26 -2.26 -33.01
C THR A 204 -3.70 -1.12 -32.18
N PRO A 205 -3.94 -1.13 -30.86
CA PRO A 205 -3.41 -0.05 -30.02
C PRO A 205 -1.91 0.16 -30.14
N SER A 206 -1.12 -0.91 -30.24
CA SER A 206 0.33 -0.75 -30.37
C SER A 206 0.70 -0.06 -31.68
N LYS A 207 0.06 -0.44 -32.79
CA LYS A 207 0.34 0.20 -34.07
C LYS A 207 -0.09 1.66 -34.05
N MET A 208 -1.23 1.96 -33.42
CA MET A 208 -1.67 3.35 -33.32
C MET A 208 -0.69 4.18 -32.48
N ILE A 209 -0.19 3.62 -31.39
CA ILE A 209 0.80 4.33 -30.58
C ILE A 209 2.08 4.56 -31.37
N ALA A 210 2.52 3.55 -32.13
CA ALA A 210 3.70 3.71 -32.96
C ALA A 210 3.48 4.76 -34.05
N ARG A 211 2.24 4.91 -34.52
CA ARG A 211 1.93 5.91 -35.53
C ARG A 211 1.98 7.32 -34.99
N LEU A 212 1.50 7.55 -33.77
CA LEU A 212 1.45 8.88 -33.20
C LEU A 212 2.83 9.42 -32.85
N GLY A 213 3.80 8.55 -32.54
CA GLY A 213 5.14 9.00 -32.26
C GLY A 213 5.90 9.49 -33.48
N LYS A 214 5.51 9.04 -34.67
CA LYS A 214 6.11 9.53 -35.89
C LYS A 214 5.60 10.90 -36.29
N GLU A 215 4.44 11.30 -35.78
CA GLU A 215 3.82 12.57 -36.15
C GLU A 215 4.23 13.73 -35.25
N ILE A 216 4.53 13.46 -33.98
CA ILE A 216 4.91 14.53 -33.07
C ILE A 216 6.26 15.12 -33.46
N ASN A 217 7.18 14.27 -33.94
CA ASN A 217 8.46 14.71 -34.50
C ASN A 217 9.23 15.61 -33.52
N ASN A 218 9.26 15.18 -32.26
CA ASN A 218 9.93 15.94 -31.20
C ASN A 218 10.92 15.01 -30.51
N PRO A 219 12.21 15.36 -30.47
CA PRO A 219 13.20 14.53 -29.79
C PRO A 219 13.07 14.51 -28.27
N GLU A 220 12.09 15.21 -27.70
CA GLU A 220 11.84 15.21 -26.27
C GLU A 220 10.69 14.30 -25.88
N SER A 221 10.23 13.45 -26.80
CA SER A 221 9.09 12.58 -26.58
C SER A 221 9.55 11.14 -26.41
N VAL A 222 8.92 10.43 -25.47
CA VAL A 222 9.26 9.04 -25.21
C VAL A 222 8.91 8.17 -26.41
N TYR A 223 7.73 8.37 -26.98
CA TYR A 223 7.23 7.52 -28.04
C TYR A 223 7.78 7.89 -29.42
N TYR A 224 8.45 9.03 -29.54
CA TYR A 224 9.24 9.29 -30.73
C TYR A 224 10.46 8.38 -30.78
N TRP A 225 11.19 8.31 -29.67
CA TRP A 225 12.35 7.41 -29.60
C TRP A 225 11.94 5.95 -29.56
N ALA A 226 10.77 5.66 -28.99
CA ALA A 226 10.28 4.27 -28.98
C ALA A 226 10.04 3.77 -30.39
N GLN A 227 9.41 4.57 -31.23
CA GLN A 227 9.18 4.16 -32.61
C GLN A 227 10.44 4.27 -33.46
N LYS A 228 11.35 5.20 -33.11
CA LYS A 228 12.60 5.30 -33.86
C LYS A 228 13.50 4.09 -33.62
N ASN A 229 13.49 3.53 -32.42
CA ASN A 229 14.31 2.38 -32.08
C ASN A 229 13.56 1.06 -32.17
N HIS A 230 12.31 1.07 -32.64
CA HIS A 230 11.49 -0.14 -32.81
C HIS A 230 11.28 -0.86 -31.48
N ILE A 231 10.68 -0.14 -30.54
CA ILE A 231 10.36 -0.66 -29.20
C ILE A 231 8.85 -0.73 -29.08
N PRO A 232 8.27 -1.91 -28.89
CA PRO A 232 6.80 -2.00 -28.79
C PRO A 232 6.27 -1.43 -27.49
N VAL A 233 5.14 -0.74 -27.61
CA VAL A 233 4.41 -0.18 -26.47
C VAL A 233 3.02 -0.81 -26.46
N PHE A 234 2.63 -1.38 -25.32
CA PHE A 234 1.39 -2.12 -25.22
C PHE A 234 0.46 -1.45 -24.21
N SER A 235 -0.82 -1.36 -24.57
CA SER A 235 -1.82 -0.71 -23.74
C SER A 235 -3.17 -1.36 -24.04
N PRO A 236 -3.68 -2.20 -23.13
CA PRO A 236 -4.95 -2.90 -23.39
C PRO A 236 -6.14 -1.96 -23.44
N ALA A 237 -6.27 -1.08 -22.44
CA ALA A 237 -7.40 -0.17 -22.34
C ALA A 237 -6.96 1.22 -22.78
N LEU A 238 -6.97 1.45 -24.09
CA LEU A 238 -6.57 2.72 -24.67
C LEU A 238 -7.71 3.71 -24.79
N THR A 239 -8.95 3.29 -24.53
CA THR A 239 -10.11 4.16 -24.66
C THR A 239 -10.48 4.87 -23.36
N ASP A 240 -9.67 4.72 -22.31
CA ASP A 240 -9.93 5.32 -21.01
C ASP A 240 -9.04 6.55 -20.86
N GLY A 241 -9.48 7.66 -21.43
CA GLY A 241 -8.73 8.90 -21.31
C GLY A 241 -9.24 9.94 -22.28
N SER A 242 -8.42 10.98 -22.48
CA SER A 242 -8.78 12.05 -23.40
CA SER A 242 -8.78 12.05 -23.40
C SER A 242 -8.85 11.56 -24.84
N LEU A 243 -7.95 10.65 -25.23
CA LEU A 243 -7.96 10.10 -26.58
C LEU A 243 -9.25 9.35 -26.88
N GLY A 244 -9.80 8.65 -25.89
CA GLY A 244 -11.08 7.99 -26.08
C GLY A 244 -12.22 8.93 -26.38
N ASP A 245 -12.28 10.06 -25.68
CA ASP A 245 -13.31 11.07 -25.97
C ASP A 245 -13.13 11.64 -27.37
N MET A 246 -11.88 11.86 -27.79
CA MET A 246 -11.63 12.37 -29.13
C MET A 246 -12.11 11.37 -30.18
N ILE A 247 -11.85 10.08 -29.97
CA ILE A 247 -12.34 9.07 -30.90
C ILE A 247 -13.87 9.02 -30.90
N PHE A 248 -14.47 9.13 -29.71
CA PHE A 248 -15.93 9.09 -29.62
C PHE A 248 -16.56 10.23 -30.39
N PHE A 249 -16.00 11.44 -30.29
CA PHE A 249 -16.54 12.58 -31.03
C PHE A 249 -16.20 12.51 -32.53
N HIS A 250 -15.05 11.92 -32.88
CA HIS A 250 -14.71 11.75 -34.28
C HIS A 250 -15.61 10.74 -34.98
N SER A 251 -16.11 9.75 -34.23
CA SER A 251 -16.96 8.72 -34.82
C SER A 251 -18.27 9.25 -35.36
N TYR A 252 -18.69 10.46 -34.97
CA TYR A 252 -19.93 11.03 -35.47
C TYR A 252 -19.79 11.64 -36.86
N LYS A 253 -18.57 11.90 -37.32
CA LYS A 253 -18.34 12.46 -38.64
C LYS A 253 -17.79 11.43 -39.62
N ASN A 254 -16.83 10.63 -39.19
CA ASN A 254 -16.19 9.62 -40.04
C ASN A 254 -16.20 8.28 -39.30
N PRO A 255 -17.36 7.62 -39.23
CA PRO A 255 -17.45 6.37 -38.47
C PRO A 255 -16.77 5.22 -39.19
N GLY A 256 -16.34 4.24 -38.39
CA GLY A 256 -15.78 3.02 -38.95
C GLY A 256 -14.46 2.57 -38.35
N LEU A 257 -13.90 3.36 -37.44
CA LEU A 257 -12.62 3.00 -36.84
C LEU A 257 -12.77 1.76 -35.95
N VAL A 258 -11.80 0.86 -36.06
CA VAL A 258 -11.82 -0.40 -35.33
C VAL A 258 -10.44 -0.63 -34.72
N LEU A 259 -10.40 -0.90 -33.42
CA LEU A 259 -9.18 -1.29 -32.72
C LEU A 259 -9.37 -2.71 -32.18
N ASP A 260 -8.43 -3.59 -32.53
CA ASP A 260 -8.49 -4.99 -32.11
C ASP A 260 -7.45 -5.25 -31.03
N ILE A 261 -7.87 -5.91 -29.95
CA ILE A 261 -6.97 -6.17 -28.82
C ILE A 261 -6.51 -7.63 -28.77
N VAL A 262 -6.86 -8.45 -29.76
CA VAL A 262 -6.43 -9.84 -29.74
C VAL A 262 -5.04 -10.00 -30.36
N GLU A 263 -4.68 -9.13 -31.30
CA GLU A 263 -3.36 -9.24 -31.93
C GLU A 263 -2.25 -8.77 -30.99
N ASP A 264 -2.50 -7.73 -30.19
CA ASP A 264 -1.51 -7.28 -29.23
C ASP A 264 -1.19 -8.35 -28.20
N LEU A 265 -2.20 -9.12 -27.79
CA LEU A 265 -1.95 -10.22 -26.87
C LEU A 265 -1.00 -11.24 -27.48
N ARG A 266 -1.22 -11.59 -28.75
CA ARG A 266 -0.30 -12.50 -29.43
C ARG A 266 1.10 -11.94 -29.50
N LEU A 267 1.23 -10.66 -29.84
CA LEU A 267 2.55 -10.05 -29.96
C LEU A 267 3.29 -10.07 -28.64
N ILE A 268 2.63 -9.62 -27.57
CA ILE A 268 3.31 -9.53 -26.28
C ILE A 268 3.61 -10.92 -25.72
N ASN A 269 2.74 -11.91 -25.97
CA ASN A 269 3.03 -13.26 -25.50
C ASN A 269 4.20 -13.88 -26.27
N THR A 270 4.26 -13.69 -27.58
CA THR A 270 5.37 -14.22 -28.36
C THR A 270 6.68 -13.51 -28.01
N GLN A 271 6.61 -12.25 -27.57
CA GLN A 271 7.83 -11.58 -27.12
C GLN A 271 8.47 -12.29 -25.93
N ALA A 272 7.66 -12.97 -25.11
CA ALA A 272 8.17 -13.65 -23.93
C ALA A 272 8.41 -15.13 -24.16
N ILE A 273 7.68 -15.75 -25.10
CA ILE A 273 7.87 -17.17 -25.37
C ILE A 273 9.24 -17.43 -25.98
N PHE A 274 9.68 -16.57 -26.90
CA PHE A 274 10.91 -16.78 -27.66
C PHE A 274 12.10 -16.06 -27.05
N ALA A 275 12.12 -15.88 -25.74
CA ALA A 275 13.16 -15.10 -25.07
C ALA A 275 14.10 -16.02 -24.29
N LYS A 276 15.40 -15.74 -24.38
CA LYS A 276 16.38 -16.49 -23.60
C LYS A 276 16.25 -16.20 -22.12
N CYS A 277 16.02 -14.94 -21.76
CA CYS A 277 15.89 -14.54 -20.37
C CYS A 277 15.05 -13.28 -20.31
N THR A 278 14.29 -13.14 -19.23
CA THR A 278 13.39 -12.00 -19.06
C THR A 278 13.55 -11.35 -17.70
N GLY A 279 13.40 -10.04 -17.69
CA GLY A 279 13.40 -9.28 -16.45
C GLY A 279 12.29 -8.24 -16.47
N MET A 280 11.82 -7.89 -15.29
CA MET A 280 10.68 -6.99 -15.13
C MET A 280 11.05 -5.82 -14.22
N ILE A 281 10.66 -4.61 -14.64
CA ILE A 281 10.74 -3.43 -13.79
C ILE A 281 9.40 -2.71 -13.89
N ILE A 282 8.67 -2.68 -12.78
CA ILE A 282 7.32 -2.14 -12.75
C ILE A 282 7.26 -1.03 -11.71
N LEU A 283 6.81 0.14 -12.11
CA LEU A 283 6.61 1.28 -11.22
C LEU A 283 5.12 1.50 -11.07
N GLY A 284 4.59 1.19 -9.90
CA GLY A 284 3.16 1.24 -9.66
C GLY A 284 2.51 -0.12 -9.80
N GLY A 285 1.18 -0.10 -9.90
CA GLY A 285 0.41 -1.30 -10.07
C GLY A 285 -0.71 -1.16 -11.07
N GLY A 286 -1.72 -2.02 -10.98
CA GLY A 286 -2.86 -1.92 -11.86
C GLY A 286 -2.90 -2.97 -12.95
N VAL A 287 -3.18 -2.54 -14.18
CA VAL A 287 -3.29 -3.49 -15.28
C VAL A 287 -1.93 -3.80 -15.89
N VAL A 288 -0.97 -2.87 -15.81
CA VAL A 288 0.32 -3.10 -16.43
C VAL A 288 1.09 -4.19 -15.68
N LYS A 289 0.99 -4.21 -14.35
CA LYS A 289 1.69 -5.21 -13.55
C LYS A 289 1.18 -6.61 -13.88
N HIS A 290 -0.14 -6.80 -13.84
CA HIS A 290 -0.70 -8.10 -14.16
C HIS A 290 -0.51 -8.47 -15.62
N HIS A 291 -0.49 -7.48 -16.52
CA HIS A 291 -0.28 -7.76 -17.93
C HIS A 291 1.12 -8.32 -18.17
N ILE A 292 2.13 -7.69 -17.57
CA ILE A 292 3.50 -8.19 -17.71
C ILE A 292 3.65 -9.55 -17.04
N ALA A 293 3.02 -9.73 -15.86
CA ALA A 293 3.08 -11.02 -15.19
C ALA A 293 2.43 -12.12 -16.02
N ASN A 294 1.29 -11.82 -16.63
CA ASN A 294 0.61 -12.79 -17.48
C ASN A 294 1.43 -13.13 -18.71
N ALA A 295 2.09 -12.13 -19.29
CA ALA A 295 2.99 -12.40 -20.41
C ALA A 295 4.13 -13.32 -20.01
N ASN A 296 4.71 -13.08 -18.83
CA ASN A 296 5.83 -13.90 -18.37
C ASN A 296 5.39 -15.28 -17.89
N LEU A 297 4.10 -15.48 -17.60
CA LEU A 297 3.62 -16.79 -17.20
C LEU A 297 3.85 -17.85 -18.26
N MET A 298 3.81 -17.47 -19.54
CA MET A 298 3.91 -18.45 -20.62
C MET A 298 5.25 -19.18 -20.61
N ARG A 299 6.31 -18.53 -20.17
CA ARG A 299 7.63 -19.14 -20.13
C ARG A 299 8.00 -19.67 -18.76
N ASN A 300 7.00 -19.89 -17.89
CA ASN A 300 7.14 -20.45 -16.55
C ASN A 300 7.78 -19.49 -15.56
N GLY A 301 7.75 -18.19 -15.82
CA GLY A 301 8.18 -17.20 -14.87
C GLY A 301 9.34 -16.35 -15.38
N ALA A 302 9.63 -15.30 -14.61
CA ALA A 302 10.72 -14.39 -14.89
C ALA A 302 11.92 -14.70 -13.98
N ASP A 303 13.09 -14.28 -14.44
CA ASP A 303 14.33 -14.55 -13.71
C ASP A 303 14.69 -13.44 -12.73
N TYR A 304 14.40 -12.18 -13.07
CA TYR A 304 14.61 -11.05 -12.18
C TYR A 304 13.35 -10.19 -12.17
N ALA A 305 13.11 -9.53 -11.04
CA ALA A 305 11.93 -8.68 -10.89
C ALA A 305 12.19 -7.64 -9.82
N VAL A 306 11.69 -6.43 -10.04
CA VAL A 306 11.80 -5.33 -9.09
C VAL A 306 10.48 -4.56 -9.08
N TYR A 307 9.92 -4.37 -7.89
CA TYR A 307 8.66 -3.66 -7.72
C TYR A 307 8.89 -2.38 -6.91
N ILE A 308 8.25 -1.30 -7.34
CA ILE A 308 8.25 -0.04 -6.58
C ILE A 308 6.85 0.56 -6.58
N ASN A 309 6.13 0.40 -5.47
CA ASN A 309 4.81 1.01 -5.33
C ASN A 309 4.49 1.18 -3.84
N THR A 310 3.41 1.90 -3.58
CA THR A 310 3.00 2.27 -2.23
C THR A 310 1.65 1.66 -1.87
N ALA A 311 1.44 0.39 -2.21
CA ALA A 311 0.19 -0.31 -1.95
C ALA A 311 0.39 -1.41 -0.93
N GLN A 312 -0.62 -1.63 -0.09
CA GLN A 312 -0.58 -2.63 0.95
C GLN A 312 -1.53 -3.77 0.61
N GLU A 313 -1.25 -4.94 1.17
CA GLU A 313 -1.89 -6.19 0.79
C GLU A 313 -3.03 -6.61 1.71
N PHE A 314 -3.39 -5.79 2.69
CA PHE A 314 -4.37 -6.23 3.70
C PHE A 314 -5.78 -6.36 3.15
N ASP A 315 -6.07 -5.85 1.95
CA ASP A 315 -7.39 -5.92 1.37
C ASP A 315 -7.49 -6.96 0.26
N GLY A 316 -6.50 -7.84 0.15
CA GLY A 316 -6.52 -8.87 -0.87
C GLY A 316 -6.40 -8.36 -2.28
N SER A 317 -5.79 -7.19 -2.46
CA SER A 317 -5.67 -6.58 -3.78
C SER A 317 -4.50 -7.19 -4.55
N ASP A 318 -4.51 -6.96 -5.86
CA ASP A 318 -3.41 -7.38 -6.72
C ASP A 318 -2.28 -6.36 -6.74
N SER A 319 -2.60 -5.07 -6.63
CA SER A 319 -1.56 -4.04 -6.64
C SER A 319 -0.66 -4.16 -5.42
N GLY A 320 -1.23 -4.44 -4.26
CA GLY A 320 -0.47 -4.58 -3.04
C GLY A 320 0.15 -5.94 -2.80
N ALA A 321 -0.02 -6.86 -3.74
CA ALA A 321 0.49 -8.21 -3.57
C ALA A 321 2.01 -8.21 -3.46
N ARG A 322 2.52 -9.04 -2.54
CA ARG A 322 3.95 -9.22 -2.40
C ARG A 322 4.50 -10.05 -3.54
N PRO A 323 5.79 -9.95 -3.83
CA PRO A 323 6.38 -10.76 -4.91
C PRO A 323 6.31 -12.26 -4.66
N ASP A 324 6.12 -12.70 -3.42
CA ASP A 324 6.00 -14.11 -3.10
C ASP A 324 4.65 -14.71 -3.51
N GLU A 325 3.63 -13.89 -3.73
CA GLU A 325 2.37 -14.40 -4.22
C GLU A 325 2.44 -14.76 -5.70
N ALA A 326 3.21 -13.99 -6.48
CA ALA A 326 3.36 -14.31 -7.90
C ALA A 326 4.12 -15.61 -8.12
N VAL A 327 4.93 -16.04 -7.14
CA VAL A 327 5.59 -17.33 -7.24
C VAL A 327 4.58 -18.47 -7.16
N SER A 328 3.47 -18.26 -6.44
CA SER A 328 2.49 -19.32 -6.25
C SER A 328 1.84 -19.74 -7.56
N TRP A 329 1.55 -18.78 -8.44
CA TRP A 329 0.88 -19.10 -9.70
C TRP A 329 1.81 -18.96 -10.91
N GLY A 330 3.12 -19.01 -10.69
CA GLY A 330 4.07 -19.18 -11.78
C GLY A 330 4.48 -17.93 -12.53
N ALA A 331 4.14 -16.74 -12.03
CA ALA A 331 4.58 -15.51 -12.70
C ALA A 331 6.07 -15.26 -12.51
N ILE A 332 6.63 -15.69 -11.38
CA ILE A 332 8.05 -15.54 -11.08
C ILE A 332 8.59 -16.91 -10.71
N ARG A 333 9.83 -17.18 -11.13
CA ARG A 333 10.41 -18.50 -10.94
C ARG A 333 10.68 -18.76 -9.45
N VAL A 334 10.76 -20.05 -9.11
CA VAL A 334 10.93 -20.45 -7.72
C VAL A 334 12.30 -20.05 -7.19
N ASP A 335 13.34 -20.21 -8.01
CA ASP A 335 14.71 -19.94 -7.59
C ASP A 335 15.15 -18.52 -7.89
N ALA A 336 14.21 -17.57 -7.97
CA ALA A 336 14.54 -16.17 -8.17
C ALA A 336 14.50 -15.42 -6.85
N GLN A 337 14.95 -14.15 -6.89
CA GLN A 337 15.02 -13.31 -5.71
C GLN A 337 14.38 -11.96 -6.00
N PRO A 338 13.06 -11.90 -6.07
CA PRO A 338 12.38 -10.63 -6.34
C PRO A 338 12.49 -9.66 -5.16
N VAL A 339 12.42 -8.36 -5.49
CA VAL A 339 12.56 -7.29 -4.52
C VAL A 339 11.43 -6.30 -4.70
N LYS A 340 10.88 -5.81 -3.59
CA LYS A 340 9.90 -4.73 -3.60
C LYS A 340 10.35 -3.62 -2.66
N VAL A 341 10.20 -2.38 -3.10
CA VAL A 341 10.53 -1.20 -2.31
C VAL A 341 9.24 -0.46 -2.00
N TYR A 342 8.98 -0.21 -0.72
CA TYR A 342 7.78 0.49 -0.28
C TYR A 342 8.09 1.99 -0.19
N ALA A 343 8.08 2.63 -1.36
CA ALA A 343 8.43 4.04 -1.42
C ALA A 343 7.80 4.66 -2.67
N ASP A 344 7.76 5.98 -2.68
CA ASP A 344 7.27 6.73 -3.84
C ASP A 344 8.30 6.68 -4.95
N ALA A 345 7.84 6.44 -6.18
CA ALA A 345 8.74 6.27 -7.31
C ALA A 345 9.49 7.55 -7.65
N SER A 346 8.89 8.72 -7.36
CA SER A 346 9.51 9.99 -7.72
C SER A 346 10.84 10.18 -7.00
N LEU A 347 10.93 9.77 -5.74
CA LEU A 347 12.15 9.93 -4.98
C LEU A 347 13.18 8.84 -5.25
N VAL A 348 12.75 7.67 -5.72
CA VAL A 348 13.61 6.50 -5.77
C VAL A 348 14.14 6.25 -7.18
N PHE A 349 13.29 6.39 -8.21
CA PHE A 349 13.69 6.02 -9.56
C PHE A 349 14.89 6.81 -10.07
N PRO A 350 14.97 8.14 -9.93
CA PRO A 350 16.19 8.83 -10.36
C PRO A 350 17.44 8.35 -9.65
N LEU A 351 17.34 7.97 -8.38
CA LEU A 351 18.51 7.44 -7.67
C LEU A 351 18.87 6.04 -8.14
N LEU A 352 17.86 5.25 -8.54
CA LEU A 352 18.15 3.92 -9.08
C LEU A 352 18.82 4.00 -10.44
N VAL A 353 18.36 4.93 -11.30
CA VAL A 353 18.98 5.12 -12.60
C VAL A 353 20.36 5.76 -12.50
N ALA A 354 20.59 6.59 -11.48
CA ALA A 354 21.90 7.22 -11.33
C ALA A 354 22.99 6.20 -11.03
N GLU A 355 22.62 5.00 -10.58
CA GLU A 355 23.58 3.96 -10.22
C GLU A 355 23.64 2.83 -11.21
N THR A 356 22.52 2.48 -11.83
CA THR A 356 22.44 1.48 -12.88
C THR A 356 21.86 2.14 -14.12
N PHE A 357 22.36 1.75 -15.29
CA PHE A 357 22.07 2.28 -16.62
C PHE A 357 22.77 3.60 -16.87
N ALA A 358 23.42 4.21 -15.87
CA ALA A 358 24.15 5.45 -16.08
C ALA A 358 25.65 5.30 -15.91
N GLN A 359 26.11 4.37 -15.09
CA GLN A 359 27.52 4.05 -15.01
C GLN A 359 27.99 3.19 -16.17
N LYS A 360 27.07 2.64 -16.96
CA LYS A 360 27.39 1.80 -18.10
C LYS A 360 26.94 2.43 -19.41
N MET A 361 27.01 3.77 -19.47
CA MET A 361 26.63 4.49 -20.68
C MET A 361 27.52 4.13 -21.86
N ASP A 362 28.83 3.96 -21.62
CA ASP A 362 29.75 3.65 -22.70
C ASP A 362 29.44 2.31 -23.35
N ALA A 363 29.11 1.29 -22.53
CA ALA A 363 28.91 -0.06 -23.02
C ALA A 363 27.65 -0.22 -23.85
N PHE A 364 26.73 0.75 -23.82
CA PHE A 364 25.50 0.68 -24.58
C PHE A 364 25.59 1.38 -25.93
N MET A 365 26.76 1.88 -26.29
CA MET A 365 26.96 2.49 -27.61
C MET A 365 27.77 1.57 -28.51
N GLU B 10 5.35 35.00 39.40
CA GLU B 10 4.20 34.29 38.85
C GLU B 10 4.51 33.76 37.45
N ALA B 11 3.61 32.94 36.92
CA ALA B 11 3.81 32.37 35.60
C ALA B 11 3.77 33.47 34.54
N PRO B 12 4.53 33.35 33.46
CA PRO B 12 4.54 34.40 32.43
C PRO B 12 3.16 34.61 31.83
N ALA B 13 2.83 35.88 31.56
CA ALA B 13 1.51 36.20 31.04
C ALA B 13 1.31 35.71 29.62
N GLY B 14 2.39 35.65 28.82
CA GLY B 14 2.26 35.20 27.44
C GLY B 14 1.83 33.75 27.34
N ALA B 15 2.39 32.90 28.20
CA ALA B 15 2.01 31.49 28.18
C ALA B 15 0.54 31.31 28.53
N LEU B 16 0.05 32.05 29.54
CA LEU B 16 -1.36 31.96 29.90
C LEU B 16 -2.26 32.53 28.80
N ALA B 17 -1.83 33.60 28.14
CA ALA B 17 -2.60 34.16 27.04
C ALA B 17 -2.64 33.26 25.82
N ALA B 18 -1.61 32.44 25.61
CA ALA B 18 -1.57 31.50 24.50
C ALA B 18 -2.35 30.23 24.79
N VAL B 19 -2.17 29.64 25.97
CA VAL B 19 -2.86 28.40 26.31
C VAL B 19 -4.35 28.65 26.49
N LEU B 20 -4.71 29.70 27.23
CA LEU B 20 -6.11 29.98 27.57
C LEU B 20 -6.56 31.21 26.78
N LYS B 21 -7.24 30.96 25.65
CA LYS B 21 -7.90 32.01 24.91
C LYS B 21 -9.40 31.95 25.14
N HIS B 22 -10.12 32.86 24.47
CA HIS B 22 -11.58 32.87 24.47
C HIS B 22 -12.07 32.42 23.11
N SER B 23 -12.99 31.47 23.10
CA SER B 23 -13.51 30.92 21.86
C SER B 23 -14.75 31.70 21.42
N SER B 24 -15.24 31.39 20.22
CA SER B 24 -16.49 31.91 19.72
C SER B 24 -17.50 30.78 19.64
N THR B 25 -18.71 31.03 20.13
CA THR B 25 -19.72 30.00 20.24
C THR B 25 -20.15 29.53 18.85
N LEU B 26 -20.22 28.21 18.67
CA LEU B 26 -20.63 27.59 17.42
C LEU B 26 -22.14 27.70 17.25
N PRO B 27 -22.63 27.70 16.00
CA PRO B 27 -24.07 27.80 15.79
C PRO B 27 -24.78 26.59 16.36
N PRO B 28 -26.05 26.75 16.75
CA PRO B 28 -26.81 25.60 17.28
C PRO B 28 -27.13 24.55 16.22
N GLU B 29 -26.75 24.78 14.97
CA GLU B 29 -26.89 23.80 13.90
C GLU B 29 -25.91 22.64 14.02
N SER B 30 -24.84 22.81 14.79
CA SER B 30 -23.84 21.76 14.93
C SER B 30 -24.39 20.58 15.70
N THR B 31 -23.96 19.38 15.31
CA THR B 31 -24.40 18.14 15.96
C THR B 31 -23.34 17.67 16.96
N GLN B 32 -23.81 17.18 18.09
CA GLN B 32 -22.94 16.69 19.15
C GLN B 32 -22.48 15.26 18.86
N VAL B 33 -21.35 14.90 19.46
CA VAL B 33 -20.84 13.53 19.37
C VAL B 33 -21.51 12.67 20.43
N ARG B 34 -22.08 11.54 20.01
CA ARG B 34 -22.80 10.66 20.90
C ARG B 34 -22.76 9.25 20.35
N GLY B 35 -22.48 8.28 21.21
CA GLY B 35 -22.39 6.90 20.84
C GLY B 35 -23.64 6.12 21.19
N TYR B 36 -23.48 4.80 21.34
CA TYR B 36 -24.56 3.89 21.65
C TYR B 36 -24.23 3.14 22.94
N ASP B 37 -25.15 3.16 23.89
CA ASP B 37 -24.97 2.45 25.16
C ASP B 37 -25.77 1.15 25.15
N PHE B 38 -25.17 0.09 25.67
CA PHE B 38 -25.75 -1.24 25.62
C PHE B 38 -26.61 -1.57 26.83
N ASN B 39 -26.79 -0.63 27.76
CA ASN B 39 -27.70 -0.86 28.88
C ASN B 39 -29.15 -0.99 28.41
N ARG B 40 -29.47 -0.50 27.22
CA ARG B 40 -30.80 -0.62 26.64
C ARG B 40 -30.99 -1.91 25.84
N GLY B 41 -30.01 -2.80 25.85
CA GLY B 41 -30.09 -4.03 25.08
C GLY B 41 -29.38 -3.92 23.75
N VAL B 42 -29.57 -4.95 22.93
CA VAL B 42 -28.98 -5.02 21.61
C VAL B 42 -30.11 -4.81 20.60
N ASN B 43 -30.28 -3.57 20.16
CA ASN B 43 -31.21 -3.23 19.09
C ASN B 43 -30.37 -2.95 17.85
N TYR B 44 -30.45 -3.83 16.86
CA TYR B 44 -29.54 -3.77 15.72
C TYR B 44 -29.85 -2.60 14.80
N ARG B 45 -31.12 -2.23 14.67
CA ARG B 45 -31.48 -1.09 13.84
C ARG B 45 -30.99 0.21 14.45
N ALA B 46 -31.10 0.35 15.77
CA ALA B 46 -30.65 1.56 16.45
C ALA B 46 -29.13 1.61 16.57
N LEU B 47 -28.47 0.46 16.66
CA LEU B 47 -27.01 0.45 16.76
C LEU B 47 -26.36 0.98 15.48
N LEU B 48 -26.92 0.63 14.32
CA LEU B 48 -26.36 1.07 13.05
C LEU B 48 -26.69 2.52 12.72
N GLU B 49 -27.64 3.14 13.43
CA GLU B 49 -27.92 4.55 13.23
C GLU B 49 -27.06 5.46 14.10
N ALA B 50 -26.45 4.92 15.16
CA ALA B 50 -25.53 5.71 15.98
C ALA B 50 -24.22 5.97 15.27
N PHE B 51 -23.88 5.17 14.25
CA PHE B 51 -22.64 5.37 13.51
C PHE B 51 -22.54 6.78 12.96
N GLY B 52 -23.67 7.38 12.59
CA GLY B 52 -23.65 8.72 12.05
C GLY B 52 -23.15 9.78 13.01
N THR B 53 -23.24 9.53 14.32
CA THR B 53 -22.81 10.51 15.31
C THR B 53 -21.71 9.98 16.21
N THR B 54 -21.01 8.92 15.79
CA THR B 54 -20.02 8.27 16.64
C THR B 54 -18.64 8.89 16.50
N GLY B 55 -18.08 8.89 15.29
CA GLY B 55 -16.70 9.26 15.14
C GLY B 55 -16.22 9.48 13.72
N PHE B 56 -15.04 8.94 13.40
CA PHE B 56 -14.30 9.36 12.22
C PHE B 56 -14.85 8.75 10.94
N GLN B 57 -14.81 7.43 10.82
CA GLN B 57 -15.30 6.76 9.61
C GLN B 57 -16.73 6.25 9.74
N ALA B 58 -17.23 6.07 10.98
CA ALA B 58 -18.62 5.71 11.16
C ALA B 58 -19.54 6.82 10.65
N THR B 59 -19.14 8.08 10.84
CA THR B 59 -19.91 9.19 10.28
C THR B 59 -19.95 9.12 8.76
N ASN B 60 -18.82 8.78 8.14
CA ASN B 60 -18.80 8.61 6.69
C ASN B 60 -19.71 7.48 6.25
N PHE B 61 -19.75 6.38 7.02
CA PHE B 61 -20.67 5.29 6.71
C PHE B 61 -22.12 5.76 6.77
N GLY B 62 -22.47 6.54 7.79
CA GLY B 62 -23.82 7.05 7.89
C GLY B 62 -24.19 7.97 6.74
N ARG B 63 -23.27 8.87 6.36
CA ARG B 63 -23.52 9.74 5.22
C ARG B 63 -23.66 8.95 3.92
N ALA B 64 -22.90 7.86 3.77
CA ALA B 64 -23.06 6.99 2.61
C ALA B 64 -24.45 6.36 2.59
N VAL B 65 -24.93 5.93 3.77
CA VAL B 65 -26.28 5.38 3.85
C VAL B 65 -27.30 6.41 3.38
N GLN B 66 -27.16 7.65 3.84
CA GLN B 66 -28.09 8.69 3.44
C GLN B 66 -28.04 8.96 1.93
N GLN B 67 -26.83 8.99 1.36
CA GLN B 67 -26.70 9.23 -0.07
C GLN B 67 -27.35 8.12 -0.89
N VAL B 68 -27.13 6.87 -0.50
CA VAL B 68 -27.73 5.75 -1.23
C VAL B 68 -29.25 5.78 -1.09
N ASN B 69 -29.74 6.15 0.09
CA ASN B 69 -31.18 6.26 0.27
C ASN B 69 -31.75 7.35 -0.63
N ALA B 70 -31.03 8.47 -0.79
CA ALA B 70 -31.48 9.51 -1.70
C ALA B 70 -31.52 9.01 -3.14
N MET B 71 -30.50 8.24 -3.55
CA MET B 71 -30.52 7.63 -4.88
C MET B 71 -31.75 6.77 -5.07
N ILE B 72 -32.03 5.89 -4.10
CA ILE B 72 -33.14 4.95 -4.22
C ILE B 72 -34.47 5.70 -4.28
N GLU B 73 -34.64 6.72 -3.43
CA GLU B 73 -35.87 7.48 -3.44
C GLU B 73 -36.06 8.23 -4.75
N LYS B 74 -34.98 8.78 -5.31
CA LYS B 74 -35.07 9.45 -6.60
C LYS B 74 -35.46 8.49 -7.70
N LYS B 75 -34.94 7.25 -7.64
CA LYS B 75 -35.21 6.28 -8.71
C LYS B 75 -36.70 5.95 -8.81
N LEU B 76 -37.38 5.81 -7.68
CA LEU B 76 -38.74 5.28 -7.68
C LEU B 76 -39.80 6.30 -8.08
N GLU B 77 -39.44 7.56 -8.26
CA GLU B 77 -40.42 8.56 -8.68
C GLU B 77 -40.92 8.23 -10.08
N PRO B 78 -42.23 8.30 -10.33
CA PRO B 78 -42.73 7.89 -11.66
C PRO B 78 -42.27 8.85 -12.74
N LEU B 79 -42.06 8.30 -13.94
CA LEU B 79 -41.49 9.05 -15.04
C LEU B 79 -42.59 9.59 -15.95
N SER B 80 -42.45 10.86 -16.32
CA SER B 80 -43.43 11.51 -17.18
C SER B 80 -43.36 10.96 -18.60
N GLN B 85 -39.21 10.09 -26.61
CA GLN B 85 -39.27 10.05 -25.16
C GLN B 85 -38.19 9.15 -24.58
N HIS B 86 -38.19 7.88 -25.01
CA HIS B 86 -37.18 6.92 -24.59
C HIS B 86 -35.86 7.08 -25.33
N ALA B 87 -35.86 7.75 -26.49
CA ALA B 87 -34.67 7.89 -27.33
C ALA B 87 -34.06 6.52 -27.63
N ASP B 88 -34.89 5.65 -28.23
CA ASP B 88 -34.51 4.26 -28.46
C ASP B 88 -33.48 4.09 -29.57
N LEU B 89 -32.95 5.18 -30.12
CA LEU B 89 -31.86 5.07 -31.08
C LEU B 89 -30.67 4.33 -30.48
N THR B 90 -30.49 4.42 -29.17
CA THR B 90 -29.45 3.68 -28.49
C THR B 90 -29.69 2.17 -28.62
N GLN B 91 -28.62 1.41 -28.78
CA GLN B 91 -28.75 -0.03 -28.84
C GLN B 91 -29.06 -0.57 -27.45
N SER B 92 -30.27 -0.33 -26.97
CA SER B 92 -30.67 -0.75 -25.63
C SER B 92 -32.14 -1.16 -25.66
N ARG B 93 -32.43 -2.33 -25.08
CA ARG B 93 -33.79 -2.81 -24.94
C ARG B 93 -34.36 -2.54 -23.56
N ARG B 94 -33.62 -1.82 -22.71
CA ARG B 94 -33.98 -1.49 -21.34
C ARG B 94 -34.70 -0.15 -21.30
N PRO B 95 -35.85 -0.05 -20.63
CA PRO B 95 -36.56 1.24 -20.57
C PRO B 95 -35.80 2.28 -19.75
N LEU B 96 -36.35 3.48 -19.67
CA LEU B 96 -35.72 4.59 -18.96
C LEU B 96 -36.46 4.87 -17.66
N THR B 97 -35.70 5.11 -16.60
CA THR B 97 -36.24 5.39 -15.28
C THR B 97 -35.84 6.80 -14.85
N SER B 98 -36.20 7.16 -13.62
CA SER B 98 -35.90 8.49 -13.11
C SER B 98 -34.47 8.65 -12.65
N CYS B 99 -33.70 7.56 -12.54
CA CYS B 99 -32.31 7.64 -12.14
C CYS B 99 -31.58 6.40 -12.64
N THR B 100 -30.42 6.60 -13.27
CA THR B 100 -29.60 5.51 -13.78
C THR B 100 -28.42 5.30 -12.86
N ILE B 101 -28.21 4.05 -12.43
CA ILE B 101 -27.21 3.72 -11.43
C ILE B 101 -26.10 2.91 -12.08
N PHE B 102 -24.86 3.34 -11.86
CA PHE B 102 -23.66 2.63 -12.30
C PHE B 102 -23.07 1.93 -11.08
N LEU B 103 -22.72 0.66 -11.25
CA LEU B 103 -22.08 -0.13 -10.19
C LEU B 103 -20.76 -0.66 -10.72
N GLY B 104 -19.66 -0.25 -10.10
CA GLY B 104 -18.33 -0.65 -10.51
C GLY B 104 -17.61 -1.37 -9.39
N TYR B 105 -16.90 -2.44 -9.75
CA TYR B 105 -16.19 -3.22 -8.74
C TYR B 105 -14.93 -3.83 -9.33
N THR B 106 -14.01 -4.20 -8.44
CA THR B 106 -12.74 -4.81 -8.82
C THR B 106 -12.89 -6.33 -8.94
N SER B 107 -11.78 -7.00 -9.23
CA SER B 107 -11.81 -8.44 -9.45
CA SER B 107 -11.80 -8.44 -9.45
C SER B 107 -11.68 -9.24 -8.17
N ASN B 108 -10.91 -8.76 -7.19
CA ASN B 108 -10.73 -9.50 -5.95
C ASN B 108 -12.01 -9.56 -5.13
N LEU B 109 -12.98 -8.68 -5.37
CA LEU B 109 -14.23 -8.70 -4.65
C LEU B 109 -15.21 -9.75 -5.16
N ILE B 110 -14.96 -10.32 -6.34
CA ILE B 110 -15.78 -11.41 -6.85
C ILE B 110 -15.37 -12.75 -6.25
N SER B 111 -14.07 -12.93 -5.97
CA SER B 111 -13.59 -14.17 -5.37
C SER B 111 -14.05 -14.34 -3.93
N SER B 112 -14.56 -13.30 -3.29
CA SER B 112 -15.01 -13.36 -1.92
C SER B 112 -16.53 -13.58 -1.87
N GLY B 113 -17.10 -13.46 -0.67
CA GLY B 113 -18.54 -13.63 -0.51
C GLY B 113 -19.37 -12.46 -0.98
N ILE B 114 -18.74 -11.32 -1.27
CA ILE B 114 -19.47 -10.16 -1.79
C ILE B 114 -20.13 -10.48 -3.12
N ARG B 115 -19.69 -11.54 -3.81
CA ARG B 115 -20.36 -11.99 -5.02
C ARG B 115 -21.84 -12.27 -4.75
N GLU B 116 -22.16 -12.79 -3.57
CA GLU B 116 -23.55 -13.10 -3.24
C GLU B 116 -24.37 -11.85 -2.93
N THR B 117 -23.72 -10.72 -2.71
CA THR B 117 -24.43 -9.47 -2.46
C THR B 117 -24.72 -8.72 -3.77
N ILE B 118 -23.70 -8.57 -4.62
CA ILE B 118 -23.90 -7.91 -5.91
C ILE B 118 -24.98 -8.61 -6.71
N ARG B 119 -24.97 -9.95 -6.70
CA ARG B 119 -25.99 -10.70 -7.42
C ARG B 119 -27.39 -10.36 -6.92
N TYR B 120 -27.54 -10.14 -5.62
CA TYR B 120 -28.84 -9.78 -5.07
C TYR B 120 -29.36 -8.50 -5.70
N LEU B 121 -28.47 -7.56 -6.02
CA LEU B 121 -28.88 -6.33 -6.69
C LEU B 121 -29.16 -6.55 -8.17
N VAL B 122 -28.52 -7.54 -8.79
CA VAL B 122 -28.71 -7.77 -10.21
C VAL B 122 -29.97 -8.59 -10.47
N GLN B 123 -30.29 -9.52 -9.58
CA GLN B 123 -31.48 -10.35 -9.72
C GLN B 123 -32.77 -9.55 -9.60
N HIS B 124 -32.76 -8.41 -8.91
CA HIS B 124 -33.97 -7.68 -8.59
C HIS B 124 -34.05 -6.33 -9.29
N ASN B 125 -33.25 -6.13 -10.34
CA ASN B 125 -33.32 -4.92 -11.18
C ASN B 125 -33.08 -3.65 -10.35
N MET B 126 -32.12 -3.70 -9.44
CA MET B 126 -31.84 -2.55 -8.58
C MET B 126 -30.74 -1.65 -9.14
N VAL B 127 -30.01 -2.10 -10.16
CA VAL B 127 -28.96 -1.31 -10.78
C VAL B 127 -29.16 -1.32 -12.29
N ASP B 128 -28.42 -0.46 -12.98
CA ASP B 128 -28.60 -0.26 -14.41
C ASP B 128 -27.38 -0.63 -15.25
N VAL B 129 -26.18 -0.23 -14.83
CA VAL B 129 -24.97 -0.50 -15.61
C VAL B 129 -23.94 -1.16 -14.70
N LEU B 130 -23.24 -2.17 -15.22
CA LEU B 130 -22.19 -2.86 -14.47
C LEU B 130 -20.83 -2.63 -15.11
N VAL B 131 -19.83 -2.34 -14.30
CA VAL B 131 -18.46 -2.15 -14.75
C VAL B 131 -17.51 -2.96 -13.85
N THR B 132 -16.65 -3.75 -14.47
CA THR B 132 -15.71 -4.60 -13.76
C THR B 132 -14.50 -4.83 -14.65
N THR B 133 -13.58 -5.69 -14.19
CA THR B 133 -12.38 -6.05 -14.93
C THR B 133 -12.49 -7.50 -15.41
N ALA B 134 -11.41 -8.00 -16.00
CA ALA B 134 -11.43 -9.32 -16.62
C ALA B 134 -11.58 -10.43 -15.58
N GLY B 135 -10.91 -10.30 -14.43
CA GLY B 135 -11.00 -11.34 -13.41
C GLY B 135 -12.39 -11.49 -12.83
N GLY B 136 -13.14 -10.40 -12.73
CA GLY B 136 -14.48 -10.42 -12.16
C GLY B 136 -15.48 -11.20 -12.97
N VAL B 137 -15.16 -11.56 -14.20
CA VAL B 137 -15.99 -12.43 -15.02
C VAL B 137 -15.51 -13.86 -14.95
N GLU B 138 -14.19 -14.06 -15.06
CA GLU B 138 -13.61 -15.39 -15.03
C GLU B 138 -13.94 -16.10 -13.72
N GLU B 139 -13.74 -15.41 -12.59
CA GLU B 139 -13.97 -16.04 -11.30
C GLU B 139 -15.44 -16.34 -11.08
N ASP B 140 -16.32 -15.42 -11.51
CA ASP B 140 -17.76 -15.66 -11.36
C ASP B 140 -18.21 -16.87 -12.17
N LEU B 141 -17.69 -17.01 -13.39
CA LEU B 141 -18.05 -18.20 -14.17
C LEU B 141 -17.42 -19.47 -13.60
N ILE B 142 -16.21 -19.37 -13.04
CA ILE B 142 -15.55 -20.54 -12.49
C ILE B 142 -16.27 -21.05 -11.24
N LYS B 143 -16.78 -20.13 -10.42
CA LYS B 143 -17.42 -20.53 -9.17
C LYS B 143 -18.66 -21.38 -9.37
N CYS B 144 -19.22 -21.42 -10.58
CA CYS B 144 -20.33 -22.31 -10.88
C CYS B 144 -19.86 -23.71 -11.28
N LEU B 145 -18.56 -23.94 -11.30
CA LEU B 145 -18.00 -25.25 -11.62
C LEU B 145 -17.20 -25.87 -10.49
N ALA B 146 -16.53 -25.05 -9.68
CA ALA B 146 -15.70 -25.54 -8.58
C ALA B 146 -15.68 -24.50 -7.48
N PRO B 147 -15.49 -24.90 -6.22
CA PRO B 147 -15.52 -23.94 -5.11
C PRO B 147 -14.14 -23.39 -4.76
N THR B 148 -14.16 -22.34 -3.93
CA THR B 148 -12.96 -21.67 -3.46
C THR B 148 -12.88 -21.79 -1.94
N TYR B 149 -11.66 -21.90 -1.42
CA TYR B 149 -11.42 -22.21 -0.02
C TYR B 149 -10.81 -21.02 0.70
N LEU B 150 -10.48 -21.23 1.98
CA LEU B 150 -9.94 -20.20 2.85
C LEU B 150 -8.51 -20.54 3.25
N GLY B 151 -7.66 -19.52 3.32
CA GLY B 151 -6.26 -19.73 3.67
C GLY B 151 -5.70 -18.66 4.60
N GLU B 152 -4.46 -18.24 4.35
CA GLU B 152 -3.79 -17.25 5.17
C GLU B 152 -2.96 -16.34 4.29
N PHE B 153 -2.65 -15.15 4.82
CA PHE B 153 -1.80 -14.20 4.10
C PHE B 153 -0.33 -14.60 4.13
N SER B 154 0.06 -15.50 5.02
CA SER B 154 1.46 -15.79 5.28
C SER B 154 1.98 -17.05 4.60
N LEU B 155 1.16 -17.70 3.79
CA LEU B 155 1.61 -18.93 3.13
C LEU B 155 2.70 -18.63 2.11
N ARG B 156 3.70 -19.52 2.06
CA ARG B 156 4.83 -19.36 1.15
C ARG B 156 4.48 -19.87 -0.24
N GLY B 157 4.99 -19.17 -1.26
CA GLY B 157 4.63 -19.51 -2.62
C GLY B 157 5.35 -20.72 -3.17
N LYS B 158 6.57 -20.98 -2.68
CA LYS B 158 7.34 -22.11 -3.20
C LYS B 158 6.67 -23.44 -2.90
N GLU B 159 6.17 -23.60 -1.67
CA GLU B 159 5.46 -24.83 -1.31
C GLU B 159 4.04 -24.85 -1.86
N LEU B 160 3.44 -23.69 -2.09
CA LEU B 160 2.11 -23.65 -2.69
C LEU B 160 2.17 -24.08 -4.15
N ARG B 161 3.21 -23.66 -4.88
CA ARG B 161 3.31 -23.99 -6.30
C ARG B 161 3.56 -25.48 -6.52
N GLU B 162 4.34 -26.12 -5.64
CA GLU B 162 4.61 -27.54 -5.77
C GLU B 162 3.36 -28.39 -5.62
N ASN B 163 2.34 -27.90 -4.93
CA ASN B 163 1.09 -28.62 -4.78
C ASN B 163 -0.01 -28.13 -5.71
N GLY B 164 0.29 -27.18 -6.59
CA GLY B 164 -0.69 -26.71 -7.55
C GLY B 164 -1.84 -25.91 -6.97
N ILE B 165 -1.53 -24.92 -6.12
CA ILE B 165 -2.54 -24.08 -5.50
C ILE B 165 -2.14 -22.63 -5.70
N ASN B 166 -3.10 -21.81 -6.17
CA ASN B 166 -2.88 -20.39 -6.39
C ASN B 166 -3.49 -19.60 -5.24
N ARG B 167 -2.84 -18.52 -4.85
CA ARG B 167 -3.26 -17.69 -3.72
C ARG B 167 -3.78 -16.36 -4.21
N ILE B 168 -4.88 -15.90 -3.59
CA ILE B 168 -5.43 -14.56 -3.81
C ILE B 168 -5.75 -14.02 -2.41
N GLY B 169 -4.87 -13.17 -1.90
CA GLY B 169 -5.03 -12.67 -0.54
C GLY B 169 -4.90 -13.79 0.47
N ASN B 170 -6.01 -14.13 1.13
CA ASN B 170 -6.06 -15.28 2.03
C ASN B 170 -7.03 -16.34 1.51
N LEU B 171 -7.16 -16.43 0.18
CA LEU B 171 -8.03 -17.41 -0.45
C LEU B 171 -7.19 -18.33 -1.34
N LEU B 172 -7.60 -19.59 -1.42
CA LEU B 172 -6.87 -20.61 -2.17
C LEU B 172 -7.73 -21.13 -3.31
N VAL B 173 -7.12 -21.31 -4.48
CA VAL B 173 -7.79 -21.83 -5.66
C VAL B 173 -6.97 -22.99 -6.21
N PRO B 174 -7.50 -24.21 -6.28
CA PRO B 174 -6.75 -25.31 -6.89
C PRO B 174 -6.57 -25.11 -8.38
N ASN B 175 -5.52 -25.73 -8.92
CA ASN B 175 -5.24 -25.63 -10.35
C ASN B 175 -6.35 -26.29 -11.16
N GLU B 176 -6.94 -27.37 -10.66
CA GLU B 176 -7.94 -28.10 -11.41
C GLU B 176 -9.17 -27.24 -11.72
N ASN B 177 -9.42 -26.21 -10.91
CA ASN B 177 -10.53 -25.30 -11.19
C ASN B 177 -10.36 -24.64 -12.54
N TYR B 178 -9.13 -24.39 -12.97
CA TYR B 178 -8.87 -23.82 -14.28
C TYR B 178 -8.82 -24.86 -15.38
N CYS B 179 -8.76 -26.14 -15.03
CA CYS B 179 -8.84 -27.19 -16.05
C CYS B 179 -10.27 -27.40 -16.54
N LYS B 180 -11.25 -27.28 -15.64
CA LYS B 180 -12.65 -27.42 -16.04
C LYS B 180 -13.09 -26.24 -16.90
N PHE B 181 -12.73 -25.02 -16.50
CA PHE B 181 -13.17 -23.83 -17.22
C PHE B 181 -12.77 -23.90 -18.69
N GLU B 182 -11.52 -24.27 -18.97
CA GLU B 182 -11.08 -24.45 -20.35
C GLU B 182 -12.00 -25.41 -21.10
N ASP B 183 -12.30 -26.56 -20.47
CA ASP B 183 -13.17 -27.54 -21.13
C ASP B 183 -14.55 -26.96 -21.42
N TRP B 184 -15.01 -26.03 -20.58
CA TRP B 184 -16.31 -25.42 -20.82
C TRP B 184 -16.25 -24.28 -21.82
N LEU B 185 -15.06 -23.76 -22.10
CA LEU B 185 -14.93 -22.54 -22.91
C LEU B 185 -14.57 -22.81 -24.37
N MET B 186 -13.76 -23.84 -24.63
CA MET B 186 -13.32 -24.10 -26.00
C MET B 186 -14.47 -24.39 -26.97
N PRO B 187 -15.46 -25.23 -26.65
CA PRO B 187 -16.58 -25.39 -27.59
C PRO B 187 -17.33 -24.11 -27.89
N ILE B 188 -17.45 -23.21 -26.91
CA ILE B 188 -18.16 -21.96 -27.13
C ILE B 188 -17.41 -21.08 -28.13
N LEU B 189 -16.09 -20.96 -27.95
CA LEU B 189 -15.29 -20.11 -28.83
C LEU B 189 -15.39 -20.56 -30.28
N ASP B 190 -15.42 -21.88 -30.50
CA ASP B 190 -15.59 -22.41 -31.85
C ASP B 190 -16.88 -21.92 -32.49
N GLN B 191 -17.94 -21.81 -31.70
CA GLN B 191 -19.21 -21.29 -32.21
C GLN B 191 -19.21 -19.79 -32.38
N MET B 192 -18.21 -19.09 -31.86
CA MET B 192 -18.17 -17.63 -31.97
C MET B 192 -17.40 -17.17 -33.19
N VAL B 193 -16.38 -17.92 -33.62
CA VAL B 193 -15.68 -17.59 -34.85
C VAL B 193 -16.57 -17.86 -36.05
N MET B 194 -17.32 -18.97 -36.02
CA MET B 194 -18.17 -19.35 -37.15
C MET B 194 -19.20 -18.27 -37.44
N GLU B 195 -19.90 -17.80 -36.40
CA GLU B 195 -20.86 -16.71 -36.58
C GLU B 195 -20.19 -15.44 -37.06
N GLN B 196 -18.88 -15.29 -36.81
CA GLN B 196 -18.16 -14.13 -37.30
C GLN B 196 -17.96 -14.19 -38.81
N ASN B 197 -17.93 -15.40 -39.38
CA ASN B 197 -17.68 -15.57 -40.80
C ASN B 197 -18.97 -15.69 -41.61
N THR B 198 -19.98 -16.39 -41.08
CA THR B 198 -21.21 -16.64 -41.82
C THR B 198 -22.23 -15.52 -41.63
N GLU B 199 -22.63 -15.27 -40.39
CA GLU B 199 -23.67 -14.29 -40.10
C GLU B 199 -23.15 -12.86 -40.02
N GLY B 200 -21.83 -12.66 -40.08
CA GLY B 200 -21.27 -11.32 -40.02
C GLY B 200 -21.51 -10.61 -38.70
N VAL B 201 -21.34 -11.32 -37.59
CA VAL B 201 -21.53 -10.76 -36.26
C VAL B 201 -20.25 -10.09 -35.82
N LYS B 202 -20.35 -8.83 -35.39
CA LYS B 202 -19.23 -8.07 -34.86
C LYS B 202 -19.21 -8.21 -33.35
N TRP B 203 -18.15 -8.78 -32.81
CA TRP B 203 -18.07 -9.07 -31.38
C TRP B 203 -17.42 -7.93 -30.62
N THR B 204 -18.00 -7.61 -29.47
CA THR B 204 -17.50 -6.65 -28.51
C THR B 204 -17.48 -7.31 -27.15
N PRO B 205 -16.68 -6.80 -26.20
CA PRO B 205 -16.63 -7.44 -24.88
C PRO B 205 -17.98 -7.60 -24.20
N SER B 206 -18.86 -6.60 -24.31
CA SER B 206 -20.17 -6.69 -23.67
C SER B 206 -21.01 -7.82 -24.27
N LYS B 207 -20.99 -7.95 -25.60
CA LYS B 207 -21.73 -9.02 -26.25
C LYS B 207 -21.19 -10.39 -25.84
N MET B 208 -19.87 -10.52 -25.75
CA MET B 208 -19.27 -11.79 -25.34
C MET B 208 -19.64 -12.13 -23.90
N ILE B 209 -19.64 -11.14 -23.01
CA ILE B 209 -20.03 -11.38 -21.62
C ILE B 209 -21.49 -11.81 -21.55
N ALA B 210 -22.36 -11.17 -22.33
CA ALA B 210 -23.76 -11.57 -22.36
C ALA B 210 -23.91 -13.00 -22.87
N ARG B 211 -23.15 -13.37 -23.91
CA ARG B 211 -23.21 -14.73 -24.42
C ARG B 211 -22.76 -15.74 -23.38
N LEU B 212 -21.67 -15.45 -22.67
CA LEU B 212 -21.19 -16.36 -21.63
C LEU B 212 -22.22 -16.49 -20.51
N GLY B 213 -22.83 -15.38 -20.11
CA GLY B 213 -23.86 -15.44 -19.09
C GLY B 213 -25.06 -16.27 -19.52
N LYS B 214 -25.43 -16.16 -20.80
CA LYS B 214 -26.48 -17.02 -21.33
C LYS B 214 -26.07 -18.49 -21.30
N GLU B 215 -24.81 -18.78 -21.64
CA GLU B 215 -24.37 -20.17 -21.75
C GLU B 215 -24.23 -20.84 -20.38
N ILE B 216 -23.87 -20.10 -19.33
CA ILE B 216 -23.59 -20.75 -18.06
C ILE B 216 -24.85 -21.38 -17.47
N ASN B 217 -25.99 -20.70 -17.60
CA ASN B 217 -27.30 -21.24 -17.19
C ASN B 217 -27.28 -21.69 -15.73
N ASN B 218 -27.02 -20.75 -14.83
CA ASN B 218 -27.00 -21.03 -13.40
C ASN B 218 -27.57 -19.85 -12.65
N PRO B 219 -28.63 -20.05 -11.83
CA PRO B 219 -29.25 -18.91 -11.14
C PRO B 219 -28.41 -18.30 -10.03
N GLU B 220 -27.24 -18.86 -9.73
CA GLU B 220 -26.34 -18.29 -8.74
C GLU B 220 -25.27 -17.40 -9.35
N SER B 221 -25.30 -17.18 -10.66
CA SER B 221 -24.30 -16.39 -11.35
C SER B 221 -24.80 -14.96 -11.55
N VAL B 222 -23.87 -14.01 -11.42
CA VAL B 222 -24.22 -12.60 -11.58
C VAL B 222 -24.61 -12.29 -13.01
N TYR B 223 -23.81 -12.77 -13.97
CA TYR B 223 -24.01 -12.42 -15.37
C TYR B 223 -25.19 -13.12 -16.00
N TYR B 224 -25.62 -14.26 -15.47
CA TYR B 224 -26.86 -14.88 -15.92
C TYR B 224 -28.04 -13.94 -15.67
N TRP B 225 -28.13 -13.38 -14.48
CA TRP B 225 -29.18 -12.41 -14.19
C TRP B 225 -28.94 -11.09 -14.91
N ALA B 226 -27.68 -10.73 -15.16
CA ALA B 226 -27.39 -9.51 -15.90
C ALA B 226 -27.93 -9.59 -17.32
N GLN B 227 -27.71 -10.74 -17.99
CA GLN B 227 -28.24 -10.88 -19.34
C GLN B 227 -29.74 -11.15 -19.35
N LYS B 228 -30.27 -11.79 -18.31
CA LYS B 228 -31.71 -12.04 -18.26
C LYS B 228 -32.50 -10.76 -18.06
N ASN B 229 -31.94 -9.78 -17.36
CA ASN B 229 -32.61 -8.52 -17.09
C ASN B 229 -32.17 -7.39 -18.00
N HIS B 230 -31.35 -7.69 -19.02
CA HIS B 230 -30.89 -6.71 -19.99
C HIS B 230 -30.09 -5.59 -19.32
N ILE B 231 -29.14 -5.97 -18.48
CA ILE B 231 -28.26 -5.03 -17.80
C ILE B 231 -26.89 -5.08 -18.49
N PRO B 232 -26.45 -3.99 -19.12
CA PRO B 232 -25.15 -4.02 -19.81
C PRO B 232 -23.98 -4.08 -18.84
N VAL B 233 -22.98 -4.87 -19.22
CA VAL B 233 -21.75 -5.05 -18.46
C VAL B 233 -20.59 -4.65 -19.38
N PHE B 234 -19.75 -3.74 -18.89
CA PHE B 234 -18.65 -3.20 -19.69
C PHE B 234 -17.31 -3.56 -19.05
N SER B 235 -16.31 -3.83 -19.89
CA SER B 235 -14.96 -4.17 -19.46
C SER B 235 -13.97 -3.84 -20.57
N PRO B 236 -13.35 -2.66 -20.55
CA PRO B 236 -12.48 -2.26 -21.67
C PRO B 236 -11.30 -3.19 -21.92
N ALA B 237 -10.72 -3.78 -20.88
CA ALA B 237 -9.54 -4.64 -21.01
C ALA B 237 -9.95 -6.06 -20.61
N LEU B 238 -10.44 -6.83 -21.58
CA LEU B 238 -10.89 -8.19 -21.33
C LEU B 238 -9.82 -9.24 -21.58
N THR B 239 -8.68 -8.86 -22.15
CA THR B 239 -7.62 -9.82 -22.47
C THR B 239 -6.60 -9.99 -21.36
N ASP B 240 -6.79 -9.31 -20.22
CA ASP B 240 -5.83 -9.37 -19.11
C ASP B 240 -6.36 -10.36 -18.07
N GLY B 241 -6.08 -11.64 -18.30
CA GLY B 241 -6.50 -12.67 -17.37
C GLY B 241 -6.42 -14.04 -18.00
N SER B 242 -7.09 -15.00 -17.37
CA SER B 242 -7.13 -16.37 -17.88
C SER B 242 -7.99 -16.50 -19.13
N LEU B 243 -9.03 -15.68 -19.27
CA LEU B 243 -9.82 -15.67 -20.49
C LEU B 243 -8.98 -15.32 -21.70
N GLY B 244 -8.15 -14.28 -21.58
CA GLY B 244 -7.24 -13.94 -22.65
C GLY B 244 -6.20 -15.01 -22.92
N ASP B 245 -5.71 -15.67 -21.87
CA ASP B 245 -4.75 -16.75 -22.06
C ASP B 245 -5.37 -17.90 -22.85
N MET B 246 -6.62 -18.24 -22.54
CA MET B 246 -7.31 -19.30 -23.27
C MET B 246 -7.69 -18.89 -24.69
N ILE B 247 -7.98 -17.60 -24.92
CA ILE B 247 -8.17 -17.13 -26.29
C ILE B 247 -6.87 -17.20 -27.08
N PHE B 248 -5.73 -16.91 -26.44
CA PHE B 248 -4.45 -16.94 -27.15
C PHE B 248 -4.12 -18.34 -27.66
N PHE B 249 -4.37 -19.37 -26.86
CA PHE B 249 -4.06 -20.73 -27.27
C PHE B 249 -5.04 -21.27 -28.29
N HIS B 250 -6.29 -20.81 -28.26
CA HIS B 250 -7.30 -21.28 -29.21
C HIS B 250 -7.07 -20.72 -30.61
N SER B 251 -6.42 -19.56 -30.73
CA SER B 251 -6.19 -18.96 -32.04
C SER B 251 -5.19 -19.73 -32.89
N TYR B 252 -4.47 -20.69 -32.31
CA TYR B 252 -3.55 -21.51 -33.08
C TYR B 252 -4.29 -22.52 -33.96
N LYS B 253 -5.50 -22.89 -33.57
CA LYS B 253 -6.33 -23.81 -34.36
C LYS B 253 -7.36 -23.09 -35.21
N ASN B 254 -8.01 -22.07 -34.67
CA ASN B 254 -9.03 -21.29 -35.39
C ASN B 254 -8.69 -19.82 -35.31
N PRO B 255 -7.79 -19.35 -36.16
CA PRO B 255 -7.43 -17.93 -36.15
C PRO B 255 -8.50 -17.06 -36.78
N GLY B 256 -8.49 -15.79 -36.40
CA GLY B 256 -9.39 -14.82 -36.99
C GLY B 256 -10.45 -14.26 -36.05
N LEU B 257 -10.13 -14.14 -34.78
CA LEU B 257 -11.06 -13.56 -33.81
C LEU B 257 -10.74 -12.09 -33.60
N VAL B 258 -11.78 -11.25 -33.64
CA VAL B 258 -11.65 -9.81 -33.50
C VAL B 258 -12.58 -9.34 -32.40
N LEU B 259 -12.06 -8.54 -31.47
CA LEU B 259 -12.85 -7.86 -30.45
C LEU B 259 -12.61 -6.37 -30.58
N ASP B 260 -13.69 -5.61 -30.78
CA ASP B 260 -13.62 -4.17 -31.00
C ASP B 260 -14.01 -3.44 -29.72
N ILE B 261 -13.26 -2.38 -29.40
CA ILE B 261 -13.44 -1.64 -28.15
C ILE B 261 -13.98 -0.25 -28.37
N VAL B 262 -14.33 0.13 -29.60
CA VAL B 262 -14.86 1.46 -29.85
C VAL B 262 -16.38 1.51 -29.70
N GLU B 263 -17.10 0.49 -30.21
CA GLU B 263 -18.54 0.46 -30.04
C GLU B 263 -18.93 0.37 -28.56
N ASP B 264 -18.13 -0.33 -27.75
CA ASP B 264 -18.38 -0.35 -26.31
C ASP B 264 -18.27 1.04 -25.72
N LEU B 265 -17.27 1.81 -26.15
CA LEU B 265 -17.13 3.18 -25.68
C LEU B 265 -18.34 4.03 -26.07
N ARG B 266 -18.81 3.88 -27.32
CA ARG B 266 -20.01 4.60 -27.73
C ARG B 266 -21.21 4.21 -26.88
N LEU B 267 -21.39 2.91 -26.63
CA LEU B 267 -22.54 2.44 -25.88
C LEU B 267 -22.54 2.98 -24.45
N ILE B 268 -21.38 2.94 -23.78
CA ILE B 268 -21.35 3.41 -22.40
C ILE B 268 -21.48 4.93 -22.33
N ASN B 269 -20.84 5.66 -23.25
CA ASN B 269 -20.98 7.11 -23.24
C ASN B 269 -22.39 7.57 -23.58
N THR B 270 -23.14 6.77 -24.35
CA THR B 270 -24.50 7.13 -24.68
C THR B 270 -25.47 6.93 -23.52
N GLN B 271 -25.15 6.03 -22.58
CA GLN B 271 -26.02 5.82 -21.43
C GLN B 271 -26.12 7.07 -20.57
N ALA B 272 -25.01 7.76 -20.36
CA ALA B 272 -25.01 8.94 -19.51
C ALA B 272 -25.64 10.15 -20.20
N ILE B 273 -25.46 10.28 -21.52
CA ILE B 273 -25.96 11.46 -22.22
C ILE B 273 -27.49 11.51 -22.17
N PHE B 274 -28.15 10.37 -22.40
CA PHE B 274 -29.61 10.32 -22.46
C PHE B 274 -30.24 9.88 -21.14
N ALA B 275 -29.65 10.28 -20.02
CA ALA B 275 -30.16 9.93 -18.71
C ALA B 275 -30.70 11.16 -18.00
N LYS B 276 -31.87 11.01 -17.39
CA LYS B 276 -32.45 12.10 -16.62
C LYS B 276 -31.61 12.42 -15.39
N CYS B 277 -31.15 11.38 -14.68
CA CYS B 277 -30.30 11.54 -13.50
C CYS B 277 -29.39 10.34 -13.41
N THR B 278 -28.20 10.53 -12.83
CA THR B 278 -27.21 9.48 -12.71
C THR B 278 -26.64 9.41 -11.31
N GLY B 279 -26.32 8.18 -10.90
CA GLY B 279 -25.63 7.96 -9.65
C GLY B 279 -24.59 6.87 -9.82
N MET B 280 -23.57 6.91 -8.98
CA MET B 280 -22.43 6.01 -9.07
C MET B 280 -22.15 5.34 -7.74
N ILE B 281 -21.88 4.04 -7.78
CA ILE B 281 -21.40 3.29 -6.63
C ILE B 281 -20.18 2.49 -7.06
N ILE B 282 -19.02 2.84 -6.53
CA ILE B 282 -17.74 2.26 -6.95
C ILE B 282 -17.07 1.64 -5.73
N LEU B 283 -16.70 0.36 -5.85
CA LEU B 283 -15.97 -0.36 -4.82
C LEU B 283 -14.55 -0.59 -5.31
N GLY B 284 -13.60 0.15 -4.74
CA GLY B 284 -12.22 0.08 -5.17
C GLY B 284 -11.86 1.21 -6.11
N GLY B 285 -10.76 1.00 -6.84
CA GLY B 285 -10.30 1.97 -7.80
C GLY B 285 -9.82 1.33 -9.08
N GLY B 286 -8.91 1.99 -9.79
CA GLY B 286 -8.35 1.44 -11.01
C GLY B 286 -9.00 1.96 -12.27
N VAL B 287 -9.23 1.06 -13.24
CA VAL B 287 -9.82 1.48 -14.51
C VAL B 287 -11.34 1.61 -14.39
N VAL B 288 -11.98 0.88 -13.49
CA VAL B 288 -13.43 0.93 -13.37
C VAL B 288 -13.88 2.29 -12.86
N LYS B 289 -13.12 2.88 -11.94
CA LYS B 289 -13.47 4.20 -11.42
C LYS B 289 -13.35 5.28 -12.48
N HIS B 290 -12.20 5.31 -13.17
CA HIS B 290 -11.95 6.34 -14.16
C HIS B 290 -12.86 6.19 -15.36
N HIS B 291 -13.18 4.96 -15.75
CA HIS B 291 -14.01 4.75 -16.92
C HIS B 291 -15.42 5.27 -16.69
N ILE B 292 -16.00 5.00 -15.51
CA ILE B 292 -17.30 5.54 -15.15
C ILE B 292 -17.26 7.05 -14.99
N ALA B 293 -16.21 7.59 -14.38
CA ALA B 293 -16.11 9.05 -14.25
C ALA B 293 -16.05 9.72 -15.61
N ASN B 294 -15.27 9.15 -16.53
CA ASN B 294 -15.19 9.71 -17.88
C ASN B 294 -16.52 9.59 -18.61
N ALA B 295 -17.24 8.50 -18.39
CA ALA B 295 -18.57 8.37 -18.99
C ALA B 295 -19.51 9.45 -18.46
N ASN B 296 -19.45 9.73 -17.17
CA ASN B 296 -20.34 10.75 -16.58
C ASN B 296 -19.90 12.17 -16.89
N LEU B 297 -18.65 12.37 -17.31
CA LEU B 297 -18.19 13.69 -17.71
C LEU B 297 -18.98 14.25 -18.90
N MET B 298 -19.57 13.38 -19.72
CA MET B 298 -20.29 13.84 -20.91
C MET B 298 -21.52 14.66 -20.55
N ARG B 299 -22.14 14.39 -19.39
CA ARG B 299 -23.32 15.14 -18.95
C ARG B 299 -22.96 16.18 -17.89
N ASN B 300 -21.72 16.66 -17.88
CA ASN B 300 -21.22 17.67 -16.94
C ASN B 300 -21.23 17.19 -15.49
N GLY B 301 -21.23 15.87 -15.25
CA GLY B 301 -21.09 15.37 -13.90
C GLY B 301 -22.27 14.56 -13.40
N ALA B 302 -22.05 13.79 -12.34
CA ALA B 302 -23.09 12.98 -11.73
C ALA B 302 -23.73 13.72 -10.55
N ASP B 303 -24.93 13.26 -10.19
CA ASP B 303 -25.70 13.91 -9.14
C ASP B 303 -25.43 13.31 -7.76
N TYR B 304 -25.18 12.01 -7.68
CA TYR B 304 -24.83 11.34 -6.43
C TYR B 304 -23.63 10.43 -6.65
N ALA B 305 -22.84 10.24 -5.60
CA ALA B 305 -21.63 9.43 -5.73
C ALA B 305 -21.21 8.94 -4.34
N VAL B 306 -20.82 7.66 -4.28
CA VAL B 306 -20.30 7.05 -3.05
C VAL B 306 -19.08 6.23 -3.41
N TYR B 307 -17.97 6.46 -2.71
CA TYR B 307 -16.72 5.75 -2.92
C TYR B 307 -16.37 4.90 -1.71
N ILE B 308 -15.87 3.69 -1.96
CA ILE B 308 -15.36 2.82 -0.89
C ILE B 308 -14.06 2.17 -1.35
N ASN B 309 -12.93 2.72 -0.93
CA ASN B 309 -11.63 2.15 -1.30
C ASN B 309 -10.60 2.51 -0.24
N THR B 310 -9.48 1.79 -0.27
CA THR B 310 -8.45 1.88 0.75
C THR B 310 -7.20 2.63 0.29
N ALA B 311 -7.26 3.29 -0.85
CA ALA B 311 -6.08 3.97 -1.38
C ALA B 311 -5.87 5.33 -0.72
N GLN B 312 -4.64 5.84 -0.84
CA GLN B 312 -4.26 7.13 -0.29
C GLN B 312 -3.73 8.02 -1.41
N GLU B 313 -3.80 9.34 -1.20
CA GLU B 313 -3.56 10.30 -2.26
C GLU B 313 -2.14 10.83 -2.33
N PHE B 314 -1.27 10.50 -1.38
CA PHE B 314 0.01 11.19 -1.28
C PHE B 314 0.94 10.87 -2.44
N ASP B 315 0.67 9.83 -3.23
CA ASP B 315 1.49 9.46 -4.36
C ASP B 315 0.96 10.01 -5.68
N GLY B 316 -0.13 10.79 -5.65
CA GLY B 316 -0.66 11.39 -6.85
C GLY B 316 -1.45 10.48 -7.75
N SER B 317 -1.79 9.27 -7.30
CA SER B 317 -2.51 8.31 -8.12
C SER B 317 -3.98 8.72 -8.27
N ASP B 318 -4.60 8.21 -9.34
CA ASP B 318 -6.03 8.42 -9.54
C ASP B 318 -6.85 7.53 -8.60
N SER B 319 -6.33 6.37 -8.24
CA SER B 319 -7.05 5.48 -7.33
C SER B 319 -7.20 6.12 -5.95
N GLY B 320 -6.15 6.77 -5.46
CA GLY B 320 -6.16 7.44 -4.19
C GLY B 320 -6.73 8.84 -4.20
N ALA B 321 -7.22 9.29 -5.35
CA ALA B 321 -7.76 10.64 -5.47
C ALA B 321 -8.99 10.82 -4.59
N ARG B 322 -9.07 11.97 -3.92
CA ARG B 322 -10.24 12.32 -3.15
C ARG B 322 -11.40 12.65 -4.09
N PRO B 323 -12.63 12.60 -3.60
CA PRO B 323 -13.78 12.99 -4.44
C PRO B 323 -13.72 14.44 -4.89
N ASP B 324 -12.84 15.26 -4.30
CA ASP B 324 -12.75 16.67 -4.67
C ASP B 324 -12.09 16.88 -6.03
N GLU B 325 -11.18 16.00 -6.45
CA GLU B 325 -10.55 16.18 -7.76
C GLU B 325 -11.54 16.03 -8.89
N ALA B 326 -12.47 15.08 -8.77
CA ALA B 326 -13.46 14.88 -9.82
C ALA B 326 -14.30 16.13 -10.07
N VAL B 327 -14.47 16.98 -9.05
CA VAL B 327 -15.12 18.26 -9.26
C VAL B 327 -14.24 19.18 -10.11
N SER B 328 -12.92 19.09 -9.95
CA SER B 328 -12.02 20.01 -10.64
C SER B 328 -12.09 19.84 -12.16
N TRP B 329 -12.15 18.59 -12.63
CA TRP B 329 -12.19 18.33 -14.07
C TRP B 329 -13.57 17.88 -14.54
N GLY B 330 -14.61 18.12 -13.75
CA GLY B 330 -15.97 18.01 -14.23
C GLY B 330 -16.62 16.64 -14.17
N ALA B 331 -16.00 15.67 -13.48
CA ALA B 331 -16.62 14.35 -13.36
C ALA B 331 -17.78 14.33 -12.38
N ILE B 332 -17.80 15.24 -11.40
CA ILE B 332 -18.86 15.34 -10.42
C ILE B 332 -19.33 16.79 -10.37
N ARG B 333 -20.64 16.99 -10.22
CA ARG B 333 -21.19 18.34 -10.23
C ARG B 333 -20.70 19.15 -9.05
N VAL B 334 -20.67 20.47 -9.24
CA VAL B 334 -20.16 21.38 -8.22
C VAL B 334 -21.06 21.39 -6.99
N ASP B 335 -22.38 21.33 -7.18
CA ASP B 335 -23.34 21.47 -6.10
C ASP B 335 -23.76 20.13 -5.51
N ALA B 336 -22.88 19.14 -5.53
CA ALA B 336 -23.15 17.82 -4.98
C ALA B 336 -22.22 17.55 -3.80
N GLN B 337 -22.55 16.53 -3.01
CA GLN B 337 -21.80 16.15 -1.81
C GLN B 337 -21.43 14.68 -1.90
N PRO B 338 -20.37 14.35 -2.63
CA PRO B 338 -19.90 12.96 -2.66
C PRO B 338 -19.31 12.54 -1.32
N VAL B 339 -19.38 11.24 -1.05
CA VAL B 339 -18.92 10.67 0.21
C VAL B 339 -17.95 9.54 -0.09
N LYS B 340 -16.83 9.51 0.64
CA LYS B 340 -15.87 8.42 0.54
C LYS B 340 -15.66 7.80 1.92
N VAL B 341 -15.56 6.47 1.96
CA VAL B 341 -15.35 5.71 3.19
C VAL B 341 -14.02 4.97 3.04
N TYR B 342 -13.11 5.20 3.97
CA TYR B 342 -11.79 4.57 3.95
C TYR B 342 -11.86 3.25 4.70
N ALA B 343 -12.29 2.20 4.02
CA ALA B 343 -12.46 0.90 4.67
C ALA B 343 -12.42 -0.19 3.62
N ASP B 344 -12.28 -1.42 4.08
CA ASP B 344 -12.33 -2.59 3.22
C ASP B 344 -13.79 -2.87 2.84
N ALA B 345 -14.03 -3.12 1.56
CA ALA B 345 -15.40 -3.26 1.08
C ALA B 345 -16.08 -4.50 1.67
N SER B 346 -15.31 -5.55 1.96
CA SER B 346 -15.89 -6.78 2.48
C SER B 346 -16.45 -6.61 3.88
N LEU B 347 -16.16 -5.51 4.56
CA LEU B 347 -16.69 -5.26 5.89
C LEU B 347 -17.84 -4.26 5.92
N VAL B 348 -17.97 -3.41 4.90
CA VAL B 348 -18.93 -2.33 4.93
C VAL B 348 -19.97 -2.41 3.81
N PHE B 349 -19.79 -3.28 2.81
CA PHE B 349 -20.78 -3.36 1.75
C PHE B 349 -22.02 -4.14 2.19
N PRO B 350 -21.90 -5.31 2.82
CA PRO B 350 -23.11 -5.98 3.32
C PRO B 350 -23.88 -5.17 4.34
N LEU B 351 -23.18 -4.40 5.19
CA LEU B 351 -23.86 -3.52 6.13
C LEU B 351 -24.57 -2.37 5.42
N LEU B 352 -23.98 -1.85 4.34
CA LEU B 352 -24.63 -0.78 3.58
C LEU B 352 -25.88 -1.29 2.88
N VAL B 353 -25.82 -2.50 2.32
CA VAL B 353 -26.97 -3.06 1.63
C VAL B 353 -28.11 -3.35 2.62
N ALA B 354 -27.77 -3.80 3.83
CA ALA B 354 -28.77 -4.16 4.82
C ALA B 354 -29.57 -2.96 5.32
N GLU B 355 -29.11 -1.74 5.07
CA GLU B 355 -29.81 -0.54 5.53
C GLU B 355 -30.48 0.24 4.42
N THR B 356 -30.10 0.03 3.15
CA THR B 356 -30.64 0.83 2.06
C THR B 356 -31.46 0.01 1.07
N PHE B 357 -30.88 -1.05 0.49
CA PHE B 357 -31.58 -1.75 -0.58
C PHE B 357 -32.52 -2.83 -0.06
N ALA B 358 -32.13 -3.50 1.04
CA ALA B 358 -32.96 -4.57 1.56
C ALA B 358 -34.24 -4.04 2.20
N GLN B 359 -34.21 -2.82 2.74
CA GLN B 359 -35.41 -2.25 3.33
C GLN B 359 -36.47 -1.95 2.29
N LYS B 360 -36.07 -1.35 1.15
CA LYS B 360 -37.00 -1.00 0.09
C LYS B 360 -37.10 -2.13 -0.94
N MET B 361 -37.39 -3.33 -0.44
CA MET B 361 -37.30 -4.52 -1.28
C MET B 361 -38.56 -4.77 -2.09
N ASP B 362 -39.75 -4.64 -1.50
CA ASP B 362 -40.98 -4.95 -2.21
C ASP B 362 -41.37 -3.86 -3.20
N ALA B 363 -40.72 -2.70 -3.17
CA ALA B 363 -41.04 -1.61 -4.08
C ALA B 363 -40.37 -1.75 -5.43
N PHE B 364 -39.50 -2.74 -5.62
CA PHE B 364 -38.80 -2.95 -6.88
C PHE B 364 -39.49 -3.99 -7.76
N MET B 365 -40.63 -4.53 -7.32
CA MET B 365 -41.39 -5.47 -8.13
C MET B 365 -42.06 -4.75 -9.31
N PRO C 12 -25.25 15.91 -29.79
CA PRO C 12 -25.55 17.10 -28.98
C PRO C 12 -24.29 17.93 -28.70
N ALA C 13 -24.45 19.26 -28.72
CA ALA C 13 -23.33 20.16 -28.48
C ALA C 13 -23.03 20.35 -26.99
N GLY C 14 -23.91 19.90 -26.10
CA GLY C 14 -23.66 20.06 -24.67
C GLY C 14 -22.46 19.25 -24.20
N ALA C 15 -22.33 18.03 -24.70
CA ALA C 15 -21.17 17.21 -24.33
C ALA C 15 -19.87 17.87 -24.74
N LEU C 16 -19.83 18.46 -25.94
CA LEU C 16 -18.65 19.22 -26.36
C LEU C 16 -18.41 20.44 -25.48
N ALA C 17 -19.45 20.94 -24.81
CA ALA C 17 -19.29 22.02 -23.84
C ALA C 17 -18.78 21.54 -22.49
N ALA C 18 -18.77 20.22 -22.26
CA ALA C 18 -18.25 19.66 -21.02
C ALA C 18 -16.79 19.24 -21.15
N VAL C 19 -16.45 18.52 -22.22
CA VAL C 19 -15.07 18.09 -22.41
C VAL C 19 -14.19 19.29 -22.73
N LEU C 20 -14.69 20.24 -23.51
CA LEU C 20 -13.95 21.43 -23.90
C LEU C 20 -14.56 22.65 -23.22
N LYS C 21 -13.75 23.33 -22.40
CA LYS C 21 -14.18 24.52 -21.70
C LYS C 21 -13.08 25.57 -21.76
N HIS C 22 -13.49 26.84 -21.68
CA HIS C 22 -12.54 27.93 -21.66
C HIS C 22 -11.90 28.04 -20.27
N SER C 23 -10.61 28.34 -20.25
CA SER C 23 -9.85 28.42 -19.00
C SER C 23 -9.20 29.79 -18.85
N SER C 24 -8.80 30.08 -17.63
CA SER C 24 -8.13 31.33 -17.29
C SER C 24 -6.61 31.15 -17.30
N THR C 25 -5.90 32.27 -17.39
CA THR C 25 -4.45 32.24 -17.43
C THR C 25 -3.87 32.18 -16.01
N LEU C 26 -2.91 31.28 -15.82
CA LEU C 26 -2.22 31.14 -14.54
C LEU C 26 -1.27 32.32 -14.32
N PRO C 27 -0.98 32.66 -13.07
CA PRO C 27 -0.08 33.78 -12.81
C PRO C 27 1.30 33.49 -13.33
N PRO C 28 2.05 34.54 -13.72
CA PRO C 28 3.41 34.31 -14.25
C PRO C 28 4.34 33.63 -13.26
N GLU C 29 4.12 33.84 -11.96
CA GLU C 29 4.98 33.23 -10.93
C GLU C 29 4.59 31.77 -10.72
N SER C 30 4.69 31.01 -11.80
CA SER C 30 4.35 29.59 -11.80
C SER C 30 5.56 28.79 -12.26
N THR C 31 5.92 27.78 -11.47
CA THR C 31 7.06 26.93 -11.83
C THR C 31 6.60 25.76 -12.70
N GLN C 32 7.37 25.49 -13.75
CA GLN C 32 7.08 24.38 -14.64
C GLN C 32 7.66 23.08 -14.08
N VAL C 33 7.12 21.96 -14.56
CA VAL C 33 7.58 20.64 -14.15
C VAL C 33 8.70 20.21 -15.09
N ARG C 34 9.83 19.83 -14.51
CA ARG C 34 10.98 19.40 -15.30
C ARG C 34 11.86 18.52 -14.43
N GLY C 35 12.32 17.40 -14.98
CA GLY C 35 13.18 16.48 -14.28
C GLY C 35 14.64 16.77 -14.53
N TYR C 36 15.47 15.76 -14.30
CA TYR C 36 16.91 15.86 -14.51
C TYR C 36 17.29 15.11 -15.78
N ASP C 37 18.10 15.76 -16.62
CA ASP C 37 18.54 15.19 -17.89
C ASP C 37 19.85 14.46 -17.67
N PHE C 38 19.88 13.18 -18.02
CA PHE C 38 21.05 12.34 -17.79
C PHE C 38 22.05 12.40 -18.94
N ASN C 39 21.75 13.16 -20.00
CA ASN C 39 22.70 13.33 -21.09
C ASN C 39 23.87 14.22 -20.72
N ARG C 40 23.79 14.94 -19.61
CA ARG C 40 24.89 15.75 -19.10
C ARG C 40 25.79 14.96 -18.16
N GLY C 41 25.54 13.68 -17.96
CA GLY C 41 26.28 12.90 -16.99
C GLY C 41 25.63 12.88 -15.63
N VAL C 42 26.27 12.17 -14.71
CA VAL C 42 25.77 12.05 -13.34
C VAL C 42 26.46 13.12 -12.50
N ASN C 43 25.76 14.23 -12.28
CA ASN C 43 26.20 15.30 -11.39
C ASN C 43 25.33 15.21 -10.14
N TYR C 44 25.92 14.70 -9.05
CA TYR C 44 25.13 14.41 -7.86
C TYR C 44 24.58 15.67 -7.20
N ARG C 45 25.36 16.76 -7.21
CA ARG C 45 24.89 17.99 -6.59
C ARG C 45 23.69 18.57 -7.33
N ALA C 46 23.70 18.52 -8.66
CA ALA C 46 22.59 19.02 -9.44
C ALA C 46 21.44 18.03 -9.55
N LEU C 47 21.71 16.73 -9.38
CA LEU C 47 20.63 15.74 -9.37
C LEU C 47 19.70 15.95 -8.18
N LEU C 48 20.26 16.23 -7.00
CA LEU C 48 19.45 16.46 -5.82
C LEU C 48 18.75 17.81 -5.84
N GLU C 49 19.27 18.78 -6.60
CA GLU C 49 18.61 20.07 -6.72
C GLU C 49 17.39 20.02 -7.64
N ALA C 50 17.31 19.02 -8.52
CA ALA C 50 16.21 18.89 -9.45
C ALA C 50 14.97 18.24 -8.83
N PHE C 51 15.06 17.81 -7.57
CA PHE C 51 13.90 17.24 -6.91
C PHE C 51 12.81 18.27 -6.67
N GLY C 52 13.18 19.54 -6.53
CA GLY C 52 12.20 20.56 -6.20
C GLY C 52 11.12 20.74 -7.25
N THR C 53 11.49 20.58 -8.52
CA THR C 53 10.56 20.76 -9.63
C THR C 53 10.21 19.45 -10.33
N THR C 54 10.31 18.33 -9.63
CA THR C 54 10.14 17.03 -10.26
C THR C 54 8.70 16.51 -10.18
N GLY C 55 8.10 16.56 -9.00
CA GLY C 55 6.80 15.93 -8.83
C GLY C 55 6.18 16.00 -7.45
N PHE C 56 5.72 14.85 -6.96
CA PHE C 56 4.81 14.83 -5.81
C PHE C 56 5.55 14.98 -4.49
N GLN C 57 6.39 14.01 -4.14
CA GLN C 57 7.11 14.06 -2.87
C GLN C 57 8.51 14.62 -2.98
N ALA C 58 9.09 14.63 -4.18
CA ALA C 58 10.38 15.28 -4.39
C ALA C 58 10.26 16.79 -4.17
N THR C 59 9.12 17.37 -4.54
CA THR C 59 8.86 18.78 -4.23
C THR C 59 8.86 19.00 -2.73
N ASN C 60 8.22 18.10 -1.98
CA ASN C 60 8.23 18.20 -0.52
C ASN C 60 9.65 18.09 0.03
N PHE C 61 10.46 17.22 -0.55
CA PHE C 61 11.86 17.10 -0.14
C PHE C 61 12.61 18.42 -0.36
N GLY C 62 12.40 19.05 -1.51
CA GLY C 62 13.04 20.33 -1.77
C GLY C 62 12.58 21.43 -0.82
N ARG C 63 11.28 21.46 -0.52
CA ARG C 63 10.78 22.44 0.45
C ARG C 63 11.37 22.22 1.83
N ALA C 64 11.51 20.95 2.23
CA ALA C 64 12.15 20.65 3.51
C ALA C 64 13.61 21.11 3.52
N VAL C 65 14.31 20.92 2.41
CA VAL C 65 15.69 21.38 2.32
C VAL C 65 15.75 22.89 2.52
N GLN C 66 14.85 23.61 1.86
CA GLN C 66 14.82 25.07 2.01
C GLN C 66 14.53 25.49 3.44
N GLN C 67 13.58 24.80 4.09
CA GLN C 67 13.24 25.14 5.47
C GLN C 67 14.42 24.92 6.40
N VAL C 68 15.11 23.79 6.26
CA VAL C 68 16.25 23.51 7.12
C VAL C 68 17.39 24.49 6.87
N ASN C 69 17.60 24.87 5.60
CA ASN C 69 18.62 25.87 5.30
C ASN C 69 18.26 27.22 5.93
N ALA C 70 16.98 27.59 5.92
CA ALA C 70 16.57 28.82 6.59
C ALA C 70 16.86 28.76 8.09
N MET C 71 16.56 27.61 8.72
CA MET C 71 16.88 27.46 10.14
C MET C 71 18.38 27.62 10.39
N ILE C 72 19.21 26.97 9.56
CA ILE C 72 20.66 27.02 9.75
C ILE C 72 21.18 28.44 9.60
N GLU C 73 20.69 29.15 8.57
CA GLU C 73 21.12 30.53 8.38
C GLU C 73 20.68 31.43 9.53
N LYS C 74 19.47 31.21 10.05
CA LYS C 74 19.01 32.02 11.18
C LYS C 74 19.85 31.76 12.42
N LYS C 75 20.25 30.51 12.65
CA LYS C 75 21.01 30.18 13.86
C LYS C 75 22.37 30.88 13.89
N LEU C 76 22.97 31.14 12.72
CA LEU C 76 24.34 31.65 12.66
C LEU C 76 24.44 33.15 12.86
N GLU C 77 23.33 33.85 13.02
CA GLU C 77 23.38 35.30 13.27
C GLU C 77 23.77 35.55 14.70
N PRO C 78 24.82 36.34 14.96
CA PRO C 78 25.26 36.58 16.34
C PRO C 78 24.24 37.38 17.13
N LEU C 79 24.23 37.16 18.45
CA LEU C 79 23.34 37.86 19.35
C LEU C 79 23.95 39.20 19.75
N SER C 80 23.27 39.91 20.66
CA SER C 80 23.72 41.20 21.16
C SER C 80 23.97 42.19 20.03
N GLN C 85 18.98 35.19 28.01
CA GLN C 85 20.31 35.50 28.53
C GLN C 85 20.31 35.41 30.05
N HIS C 86 19.28 34.80 30.60
CA HIS C 86 19.09 34.72 32.06
C HIS C 86 19.00 33.24 32.44
N ALA C 87 20.14 32.69 32.86
CA ALA C 87 20.24 31.28 33.22
C ALA C 87 19.44 30.97 34.49
N ASP C 88 19.22 31.97 35.33
CA ASP C 88 18.56 31.78 36.61
C ASP C 88 17.17 31.15 36.47
N LEU C 89 16.37 31.67 35.53
CA LEU C 89 15.03 31.11 35.31
C LEU C 89 15.10 29.79 34.56
N THR C 90 15.99 29.68 33.57
CA THR C 90 16.05 28.46 32.77
C THR C 90 16.75 27.33 33.51
N GLN C 91 17.64 27.64 34.43
CA GLN C 91 18.42 26.65 35.16
C GLN C 91 19.20 25.75 34.20
N SER C 92 19.90 26.37 33.25
CA SER C 92 20.72 25.66 32.28
C SER C 92 22.01 26.41 32.06
N ARG C 93 23.04 25.67 31.66
CA ARG C 93 24.37 26.23 31.45
C ARG C 93 24.66 26.54 29.98
N ARG C 94 23.89 25.96 29.05
CA ARG C 94 24.15 26.13 27.64
C ARG C 94 23.83 27.55 27.19
N PRO C 95 24.77 28.27 26.58
CA PRO C 95 24.45 29.60 26.04
C PRO C 95 23.44 29.49 24.90
N LEU C 96 22.62 30.54 24.76
CA LEU C 96 21.59 30.57 23.73
C LEU C 96 22.09 31.31 22.49
N THR C 97 21.49 30.96 21.35
CA THR C 97 21.82 31.54 20.06
C THR C 97 20.58 32.22 19.49
N SER C 98 20.66 32.65 18.23
CA SER C 98 19.54 33.29 17.56
C SER C 98 18.43 32.31 17.22
N CYS C 99 18.67 31.00 17.30
CA CYS C 99 17.65 30.02 17.01
C CYS C 99 17.91 28.76 17.83
N THR C 100 16.86 28.23 18.45
CA THR C 100 16.93 27.01 19.23
C THR C 100 16.22 25.89 18.48
N ILE C 101 16.89 24.75 18.35
CA ILE C 101 16.42 23.64 17.52
C ILE C 101 16.06 22.46 18.40
N PHE C 102 14.86 21.91 18.18
CA PHE C 102 14.40 20.69 18.82
C PHE C 102 14.50 19.55 17.81
N LEU C 103 15.07 18.42 18.24
CA LEU C 103 15.19 17.24 17.39
C LEU C 103 14.54 16.07 18.11
N GLY C 104 13.53 15.49 17.49
CA GLY C 104 12.81 14.38 18.07
C GLY C 104 12.82 13.17 17.18
N TYR C 105 12.91 11.99 17.80
CA TYR C 105 12.96 10.76 17.02
C TYR C 105 12.40 9.60 17.84
N THR C 106 12.07 8.51 17.14
CA THR C 106 11.46 7.34 17.73
C THR C 106 12.52 6.27 18.04
N SER C 107 12.06 5.15 18.60
CA SER C 107 12.98 4.13 19.11
C SER C 107 13.63 3.34 17.99
N ASN C 108 12.87 2.98 16.96
CA ASN C 108 13.40 2.10 15.92
C ASN C 108 14.43 2.77 15.04
N LEU C 109 14.49 4.11 15.03
CA LEU C 109 15.48 4.81 14.23
C LEU C 109 16.87 4.79 14.85
N ILE C 110 16.99 4.45 16.14
CA ILE C 110 18.29 4.25 16.74
C ILE C 110 18.81 2.83 16.53
N SER C 111 17.91 1.86 16.31
CA SER C 111 18.33 0.49 16.04
C SER C 111 18.88 0.31 14.64
N SER C 112 18.82 1.33 13.79
CA SER C 112 19.28 1.26 12.41
C SER C 112 20.48 2.17 12.20
N GLY C 113 20.89 2.32 10.94
CA GLY C 113 22.05 3.11 10.60
C GLY C 113 21.88 4.61 10.73
N ILE C 114 20.66 5.09 10.98
CA ILE C 114 20.44 6.52 11.23
C ILE C 114 21.03 6.96 12.56
N ARG C 115 21.39 6.02 13.43
CA ARG C 115 22.04 6.37 14.68
C ARG C 115 23.38 7.08 14.45
N GLU C 116 24.03 6.82 13.30
CA GLU C 116 25.28 7.49 12.99
C GLU C 116 25.07 8.93 12.52
N THR C 117 23.92 9.22 11.89
CA THR C 117 23.67 10.56 11.38
C THR C 117 23.30 11.52 12.50
N ILE C 118 22.57 11.04 13.51
CA ILE C 118 22.19 11.87 14.64
C ILE C 118 23.42 12.26 15.45
N ARG C 119 24.34 11.32 15.66
CA ARG C 119 25.55 11.61 16.43
C ARG C 119 26.40 12.67 15.76
N TYR C 120 26.40 12.74 14.43
CA TYR C 120 27.16 13.77 13.74
C TYR C 120 26.64 15.16 14.09
N LEU C 121 25.32 15.32 14.17
CA LEU C 121 24.75 16.60 14.57
C LEU C 121 24.99 16.88 16.05
N VAL C 122 24.88 15.86 16.90
CA VAL C 122 25.08 16.07 18.33
C VAL C 122 26.54 16.37 18.63
N GLN C 123 27.46 15.70 17.91
CA GLN C 123 28.89 15.88 18.16
C GLN C 123 29.38 17.30 17.85
N HIS C 124 28.69 18.02 16.96
CA HIS C 124 29.17 19.31 16.48
C HIS C 124 28.26 20.46 16.89
N ASN C 125 27.44 20.29 17.93
CA ASN C 125 26.62 21.36 18.50
C ASN C 125 25.69 21.98 17.45
N MET C 126 25.13 21.15 16.58
CA MET C 126 24.24 21.65 15.54
C MET C 126 22.78 21.69 15.97
N VAL C 127 22.43 21.07 17.10
CA VAL C 127 21.07 21.05 17.62
C VAL C 127 21.12 21.42 19.10
N ASP C 128 19.95 21.64 19.67
CA ASP C 128 19.85 22.16 21.03
C ASP C 128 19.15 21.23 22.02
N VAL C 129 18.01 20.65 21.64
CA VAL C 129 17.24 19.80 22.55
C VAL C 129 16.95 18.47 21.86
N LEU C 130 17.06 17.37 22.62
CA LEU C 130 16.78 16.04 22.10
C LEU C 130 15.56 15.45 22.78
N VAL C 131 14.67 14.85 21.99
CA VAL C 131 13.48 14.17 22.51
C VAL C 131 13.41 12.79 21.87
N THR C 132 13.28 11.76 22.69
CA THR C 132 13.22 10.38 22.24
C THR C 132 12.36 9.58 23.22
N THR C 133 12.29 8.28 22.99
CA THR C 133 11.56 7.36 23.85
C THR C 133 12.55 6.48 24.62
N ALA C 134 12.01 5.60 25.45
CA ALA C 134 12.85 4.79 26.33
C ALA C 134 13.73 3.83 25.55
N GLY C 135 13.18 3.21 24.50
CA GLY C 135 13.97 2.27 23.72
C GLY C 135 15.12 2.91 22.99
N GLY C 136 14.94 4.14 22.51
CA GLY C 136 15.99 4.87 21.83
C GLY C 136 17.16 5.25 22.71
N VAL C 137 17.01 5.18 24.03
CA VAL C 137 18.10 5.43 24.94
C VAL C 137 18.87 4.15 25.24
N GLU C 138 18.16 3.04 25.49
CA GLU C 138 18.82 1.79 25.84
C GLU C 138 19.46 1.13 24.63
N GLU C 139 18.89 1.27 23.44
CA GLU C 139 19.49 0.68 22.24
C GLU C 139 20.84 1.30 21.92
N ASP C 140 20.99 2.61 22.07
CA ASP C 140 22.25 3.27 21.80
C ASP C 140 23.36 2.77 22.73
N LEU C 141 23.04 2.59 24.01
CA LEU C 141 24.02 2.07 24.95
C LEU C 141 24.32 0.59 24.73
N ILE C 142 23.30 -0.19 24.33
CA ILE C 142 23.54 -1.61 24.06
C ILE C 142 24.44 -1.78 22.84
N LYS C 143 24.27 -0.90 21.84
CA LYS C 143 25.09 -1.00 20.63
C LYS C 143 26.58 -0.81 20.91
N CYS C 144 26.93 -0.21 22.04
CA CYS C 144 28.34 -0.06 22.42
C CYS C 144 28.94 -1.31 23.03
N LEU C 145 28.14 -2.36 23.22
CA LEU C 145 28.61 -3.62 23.77
C LEU C 145 28.50 -4.79 22.79
N ALA C 146 27.50 -4.79 21.92
CA ALA C 146 27.28 -5.86 20.97
C ALA C 146 26.60 -5.31 19.73
N PRO C 147 26.83 -5.91 18.56
CA PRO C 147 26.28 -5.36 17.32
C PRO C 147 24.90 -5.90 16.99
N THR C 148 24.31 -5.32 15.94
CA THR C 148 23.00 -5.71 15.43
C THR C 148 23.16 -6.21 14.00
N TYR C 149 22.40 -7.24 13.65
CA TYR C 149 22.53 -7.91 12.36
C TYR C 149 21.31 -7.61 11.49
N LEU C 150 21.34 -8.16 10.27
CA LEU C 150 20.29 -7.96 9.28
C LEU C 150 19.53 -9.25 9.06
N GLY C 151 18.20 -9.13 8.91
CA GLY C 151 17.35 -10.29 8.69
C GLY C 151 16.33 -10.09 7.60
N GLU C 152 15.10 -10.55 7.84
CA GLU C 152 14.01 -10.42 6.89
C GLU C 152 12.72 -10.10 7.63
N PHE C 153 11.76 -9.53 6.89
CA PHE C 153 10.47 -9.17 7.48
C PHE C 153 9.59 -10.38 7.74
N SER C 154 9.85 -11.52 7.09
CA SER C 154 8.93 -12.64 7.08
C SER C 154 9.42 -13.82 7.93
N LEU C 155 10.44 -13.64 8.75
CA LEU C 155 10.92 -14.72 9.60
C LEU C 155 9.86 -15.07 10.65
N ARG C 156 9.69 -16.37 10.89
CA ARG C 156 8.65 -16.84 11.78
C ARG C 156 9.03 -16.60 13.24
N GLY C 157 8.01 -16.59 14.10
CA GLY C 157 8.17 -16.22 15.49
C GLY C 157 8.72 -17.28 16.40
N LYS C 158 8.12 -18.47 16.41
CA LYS C 158 8.54 -19.50 17.35
C LYS C 158 9.92 -20.03 17.01
N GLU C 159 10.29 -20.07 15.73
CA GLU C 159 11.63 -20.48 15.35
C GLU C 159 12.69 -19.54 15.88
N LEU C 160 12.43 -18.22 15.81
CA LEU C 160 13.34 -17.25 16.40
C LEU C 160 13.34 -17.33 17.91
N ARG C 161 12.18 -17.58 18.51
CA ARG C 161 12.08 -17.66 19.97
C ARG C 161 12.86 -18.85 20.52
N GLU C 162 12.85 -19.99 19.82
CA GLU C 162 13.60 -21.14 20.30
C GLU C 162 15.09 -20.87 20.31
N ASN C 163 15.60 -20.13 19.32
CA ASN C 163 17.01 -19.78 19.26
C ASN C 163 17.36 -18.51 20.02
N GLY C 164 16.38 -17.87 20.66
CA GLY C 164 16.63 -16.68 21.43
C GLY C 164 17.04 -15.45 20.64
N ILE C 165 16.36 -15.18 19.53
CA ILE C 165 16.64 -14.02 18.69
C ILE C 165 15.39 -13.15 18.65
N ASN C 166 15.56 -11.86 18.91
CA ASN C 166 14.47 -10.90 18.89
C ASN C 166 14.48 -10.16 17.56
N ARG C 167 13.29 -9.97 16.98
CA ARG C 167 13.15 -9.35 15.67
C ARG C 167 12.59 -7.94 15.82
N ILE C 168 13.24 -6.98 15.17
CA ILE C 168 12.78 -5.60 15.10
C ILE C 168 12.75 -5.23 13.62
N GLY C 169 11.57 -5.29 13.01
CA GLY C 169 11.46 -5.07 11.59
C GLY C 169 12.18 -6.14 10.80
N ASN C 170 13.29 -5.78 10.15
CA ASN C 170 14.15 -6.75 9.49
C ASN C 170 15.53 -6.79 10.15
N LEU C 171 15.58 -6.56 11.46
CA LEU C 171 16.83 -6.57 12.21
C LEU C 171 16.74 -7.63 13.31
N LEU C 172 17.88 -8.25 13.60
CA LEU C 172 17.96 -9.34 14.56
C LEU C 172 18.84 -8.94 15.73
N VAL C 173 18.39 -9.21 16.95
CA VAL C 173 19.13 -8.91 18.16
C VAL C 173 19.17 -10.15 19.04
N PRO C 174 20.34 -10.72 19.33
CA PRO C 174 20.42 -11.80 20.30
C PRO C 174 20.11 -11.32 21.71
N ASN C 175 19.58 -12.23 22.53
CA ASN C 175 19.31 -11.90 23.92
C ASN C 175 20.57 -11.74 24.77
N GLU C 176 21.70 -12.28 24.31
CA GLU C 176 22.95 -12.09 25.04
C GLU C 176 23.29 -10.61 25.16
N ASN C 177 22.85 -9.79 24.19
CA ASN C 177 23.07 -8.35 24.27
C ASN C 177 22.44 -7.76 25.52
N TYR C 178 21.31 -8.31 25.95
CA TYR C 178 20.61 -7.79 27.11
C TYR C 178 21.19 -8.38 28.39
N CSS C 179 22.12 -9.32 28.24
CA CSS C 179 22.72 -9.99 29.38
CB CSS C 179 22.94 -11.49 29.16
SG CSS C 179 21.48 -12.45 29.25
SD CSS C 179 21.81 -14.17 28.08
C CSS C 179 24.04 -9.30 29.69
O CSS C 179 24.63 -9.42 30.77
N LYS C 180 24.53 -8.57 28.70
CA LYS C 180 25.73 -7.75 28.87
C LYS C 180 25.34 -6.36 29.34
N PHE C 181 24.15 -5.92 28.95
CA PHE C 181 23.63 -4.63 29.40
C PHE C 181 23.35 -4.64 30.89
N GLU C 182 22.65 -5.67 31.38
CA GLU C 182 22.33 -5.75 32.79
C GLU C 182 23.59 -5.76 33.65
N ASP C 183 24.60 -6.53 33.24
CA ASP C 183 25.87 -6.53 33.99
C ASP C 183 26.45 -5.14 34.08
N TRP C 184 26.27 -4.32 33.04
CA TRP C 184 26.82 -2.98 33.05
C TRP C 184 25.98 -2.03 33.90
N LEU C 185 24.71 -2.35 34.11
CA LEU C 185 23.78 -1.38 34.69
C LEU C 185 23.62 -1.53 36.20
N MET C 186 23.68 -2.76 36.72
CA MET C 186 23.40 -2.97 38.15
C MET C 186 24.37 -2.23 39.07
N PRO C 187 25.68 -2.23 38.86
CA PRO C 187 26.54 -1.42 39.74
C PRO C 187 26.21 0.06 39.73
N ILE C 188 25.79 0.61 38.59
CA ILE C 188 25.49 2.03 38.52
C ILE C 188 24.27 2.38 39.36
N LEU C 189 23.19 1.60 39.20
CA LEU C 189 21.94 1.91 39.88
C LEU C 189 22.13 1.99 41.40
N ASP C 190 22.91 1.06 41.96
CA ASP C 190 23.19 1.08 43.39
C ASP C 190 23.69 2.45 43.82
N GLN C 191 24.67 2.99 43.09
CA GLN C 191 25.20 4.31 43.45
C GLN C 191 24.10 5.36 43.42
N MET C 192 23.24 5.31 42.40
CA MET C 192 22.17 6.29 42.30
C MET C 192 21.22 6.22 43.48
N VAL C 193 21.11 5.06 44.13
CA VAL C 193 20.32 4.99 45.35
C VAL C 193 21.05 5.67 46.50
N MET C 194 22.36 5.41 46.63
CA MET C 194 23.12 5.95 47.76
C MET C 194 23.09 7.47 47.76
N GLU C 195 23.40 8.08 46.61
CA GLU C 195 23.35 9.54 46.52
C GLU C 195 21.96 10.09 46.80
N GLN C 196 20.91 9.29 46.58
CA GLN C 196 19.57 9.75 46.92
C GLN C 196 19.36 9.78 48.43
N ASN C 197 19.97 8.86 49.16
CA ASN C 197 19.77 8.77 50.60
C ASN C 197 20.79 9.55 51.41
N THR C 198 21.86 10.03 50.80
CA THR C 198 22.92 10.73 51.53
C THR C 198 23.09 12.18 51.10
N GLU C 199 23.18 12.43 49.79
CA GLU C 199 23.46 13.77 49.28
C GLU C 199 22.20 14.55 48.94
N GLY C 200 21.02 13.99 49.19
CA GLY C 200 19.78 14.69 48.85
C GLY C 200 19.58 14.91 47.38
N VAL C 201 19.92 13.94 46.55
CA VAL C 201 19.78 14.05 45.11
C VAL C 201 18.35 13.73 44.71
N LYS C 202 17.76 14.57 43.86
CA LYS C 202 16.42 14.37 43.33
C LYS C 202 16.56 13.98 41.86
N TRP C 203 16.28 12.72 41.56
CA TRP C 203 16.53 12.19 40.22
C TRP C 203 15.35 12.46 39.29
N THR C 204 15.68 12.78 38.04
CA THR C 204 14.76 12.92 36.93
C THR C 204 15.31 12.14 35.75
N PRO C 205 14.46 11.76 34.79
CA PRO C 205 14.96 11.00 33.63
C PRO C 205 16.10 11.69 32.87
N SER C 206 16.06 13.02 32.73
CA SER C 206 17.13 13.70 32.02
C SER C 206 18.46 13.58 32.74
N LYS C 207 18.46 13.72 34.06
CA LYS C 207 19.69 13.59 34.84
C LYS C 207 20.23 12.16 34.75
N MET C 208 19.34 11.16 34.80
CA MET C 208 19.78 9.78 34.66
C MET C 208 20.38 9.51 33.29
N ILE C 209 19.77 10.07 32.23
CA ILE C 209 20.32 9.90 30.89
C ILE C 209 21.70 10.55 30.80
N ALA C 210 21.86 11.74 31.38
CA ALA C 210 23.16 12.39 31.39
C ALA C 210 24.20 11.56 32.13
N ARG C 211 23.83 10.98 33.27
CA ARG C 211 24.75 10.14 34.02
C ARG C 211 25.15 8.91 33.22
N LEU C 212 24.19 8.25 32.58
CA LEU C 212 24.50 7.06 31.78
C LEU C 212 25.40 7.42 30.60
N GLY C 213 25.14 8.56 29.95
CA GLY C 213 25.99 8.99 28.85
C GLY C 213 27.41 9.28 29.31
N LYS C 214 27.57 9.86 30.49
CA LYS C 214 28.90 10.06 31.05
C LYS C 214 29.58 8.73 31.35
N GLU C 215 28.81 7.76 31.86
CA GLU C 215 29.40 6.49 32.25
C GLU C 215 29.81 5.63 31.06
N ILE C 216 29.10 5.74 29.93
CA ILE C 216 29.40 4.85 28.82
C ILE C 216 30.79 5.10 28.25
N ASN C 217 31.21 6.37 28.20
CA ASN C 217 32.59 6.75 27.86
C ASN C 217 33.03 6.17 26.51
N ASN C 218 32.13 6.21 25.52
CA ASN C 218 32.43 5.74 24.17
C ASN C 218 32.18 6.85 23.18
N PRO C 219 33.15 7.24 22.36
CA PRO C 219 32.93 8.35 21.41
C PRO C 219 31.96 8.04 20.30
N GLU C 220 31.50 6.80 20.17
CA GLU C 220 30.50 6.44 19.17
C GLU C 220 29.07 6.59 19.67
N SER C 221 28.88 6.95 20.94
CA SER C 221 27.55 7.06 21.52
C SER C 221 26.99 8.46 21.33
N VAL C 222 25.68 8.53 21.11
CA VAL C 222 25.00 9.82 20.95
C VAL C 222 25.01 10.59 22.27
N TYR C 223 24.68 9.91 23.37
CA TYR C 223 24.48 10.58 24.64
C TYR C 223 25.78 10.95 25.34
N TYR C 224 26.89 10.28 25.02
CA TYR C 224 28.19 10.75 25.48
C TYR C 224 28.48 12.15 24.96
N TRP C 225 28.26 12.37 23.66
CA TRP C 225 28.43 13.69 23.08
C TRP C 225 27.34 14.66 23.56
N ALA C 226 26.14 14.15 23.81
CA ALA C 226 25.08 15.02 24.32
C ALA C 226 25.43 15.59 25.69
N GLN C 227 25.96 14.75 26.57
CA GLN C 227 26.34 15.24 27.90
C GLN C 227 27.63 16.05 27.85
N LYS C 228 28.54 15.73 26.93
CA LYS C 228 29.77 16.51 26.81
C LYS C 228 29.52 17.92 26.29
N ASN C 229 28.45 18.12 25.51
CA ASN C 229 28.13 19.43 24.95
C ASN C 229 26.95 20.10 25.65
N HIS C 230 26.46 19.53 26.75
CA HIS C 230 25.38 20.11 27.54
C HIS C 230 24.09 20.25 26.73
N ILE C 231 23.68 19.15 26.12
CA ILE C 231 22.44 19.08 25.33
C ILE C 231 21.42 18.28 26.13
N PRO C 232 20.33 18.90 26.59
CA PRO C 232 19.33 18.15 27.35
C PRO C 232 18.57 17.16 26.49
N VAL C 233 18.27 16.00 27.08
CA VAL C 233 17.49 14.93 26.47
C VAL C 233 16.30 14.66 27.35
N PHE C 234 15.12 14.52 26.74
CA PHE C 234 13.88 14.35 27.48
C PHE C 234 13.18 13.06 27.05
N SER C 235 12.59 12.37 28.04
CA SER C 235 11.87 11.12 27.80
C SER C 235 10.80 10.98 28.88
N PRO C 236 9.56 11.33 28.58
CA PRO C 236 8.51 11.28 29.62
C PRO C 236 8.28 9.89 30.19
N ALA C 237 8.40 8.85 29.36
CA ALA C 237 8.14 7.47 29.78
C ALA C 237 9.44 6.67 29.65
N LEU C 238 10.24 6.69 30.71
CA LEU C 238 11.52 5.98 30.72
C LEU C 238 11.41 4.56 31.23
N THR C 239 10.26 4.16 31.77
CA THR C 239 10.10 2.82 32.34
C THR C 239 9.52 1.82 31.35
N ASP C 240 9.32 2.20 30.09
CA ASP C 240 8.75 1.32 29.08
C ASP C 240 9.88 0.79 28.21
N GLY C 241 10.50 -0.28 28.66
CA GLY C 241 11.59 -0.89 27.90
C GLY C 241 12.44 -1.79 28.80
N SER C 242 13.70 -1.93 28.42
CA SER C 242 14.63 -2.74 29.20
C SER C 242 15.01 -2.07 30.51
N LEU C 243 15.14 -0.73 30.51
CA LEU C 243 15.47 -0.03 31.75
C LEU C 243 14.42 -0.25 32.82
N GLY C 244 13.14 -0.24 32.44
CA GLY C 244 12.10 -0.53 33.40
C GLY C 244 12.20 -1.93 33.98
N ASP C 245 12.53 -2.91 33.13
CA ASP C 245 12.69 -4.28 33.61
C ASP C 245 13.84 -4.40 34.59
N MET C 246 14.98 -3.77 34.26
CA MET C 246 16.12 -3.83 35.18
C MET C 246 15.81 -3.12 36.49
N ILE C 247 15.11 -1.99 36.44
CA ILE C 247 14.75 -1.28 37.67
C ILE C 247 13.79 -2.12 38.50
N PHE C 248 12.83 -2.79 37.85
CA PHE C 248 11.90 -3.64 38.57
C PHE C 248 12.62 -4.79 39.26
N PHE C 249 13.57 -5.43 38.58
CA PHE C 249 14.30 -6.53 39.19
C PHE C 249 15.25 -6.03 40.28
N HIS C 250 15.78 -4.81 40.14
CA HIS C 250 16.70 -4.25 41.12
C HIS C 250 15.99 -3.80 42.39
N SER C 251 14.75 -3.34 42.27
CA SER C 251 14.03 -2.81 43.43
C SER C 251 13.66 -3.87 44.45
N TYR C 252 13.77 -5.16 44.12
CA TYR C 252 13.43 -6.20 45.07
C TYR C 252 14.49 -6.35 46.16
N LYS C 253 15.75 -6.03 45.84
CA LYS C 253 16.83 -6.12 46.81
C LYS C 253 17.36 -4.77 47.28
N ASN C 254 17.20 -3.72 46.48
CA ASN C 254 17.63 -2.36 46.85
C ASN C 254 16.50 -1.39 46.55
N PRO C 255 15.44 -1.41 47.37
CA PRO C 255 14.28 -0.56 47.08
C PRO C 255 14.50 0.88 47.49
N GLY C 256 13.79 1.78 46.80
CA GLY C 256 13.80 3.18 47.18
C GLY C 256 13.98 4.18 46.05
N LEU C 257 14.23 3.71 44.84
CA LEU C 257 14.49 4.61 43.73
C LEU C 257 13.22 5.37 43.34
N VAL C 258 13.37 6.67 43.07
CA VAL C 258 12.28 7.55 42.72
C VAL C 258 12.69 8.38 41.51
N LEU C 259 11.82 8.46 40.50
CA LEU C 259 12.02 9.30 39.33
C LEU C 259 10.86 10.27 39.22
N ASP C 260 11.17 11.56 39.23
CA ASP C 260 10.16 12.61 39.18
C ASP C 260 10.08 13.18 37.77
N ILE C 261 8.85 13.32 37.26
CA ILE C 261 8.64 13.79 35.89
C ILE C 261 8.16 15.23 35.82
N VAL C 262 7.81 15.85 36.94
CA VAL C 262 7.32 17.22 36.92
C VAL C 262 8.45 18.19 36.60
N GLU C 263 9.64 17.96 37.16
CA GLU C 263 10.75 18.88 36.96
C GLU C 263 11.20 18.93 35.51
N ASP C 264 11.21 17.77 34.82
CA ASP C 264 11.53 17.79 33.40
C ASP C 264 10.48 18.53 32.59
N LEU C 265 9.22 18.44 32.99
CA LEU C 265 8.17 19.23 32.35
C LEU C 265 8.42 20.71 32.53
N ARG C 266 8.87 21.12 33.71
CA ARG C 266 9.27 22.51 33.91
C ARG C 266 10.45 22.89 33.03
N LEU C 267 11.47 22.03 32.97
CA LEU C 267 12.71 22.36 32.26
C LEU C 267 12.49 22.51 30.76
N ILE C 268 11.77 21.57 30.15
CA ILE C 268 11.57 21.65 28.70
C ILE C 268 10.71 22.85 28.33
N ASN C 269 9.75 23.21 29.19
CA ASN C 269 8.91 24.38 28.91
C ASN C 269 9.71 25.67 29.03
N THR C 270 10.50 25.79 30.10
CA THR C 270 11.33 26.99 30.25
C THR C 270 12.41 27.07 29.18
N GLN C 271 12.83 25.95 28.61
CA GLN C 271 13.76 25.98 27.49
C GLN C 271 13.16 26.63 26.26
N ALA C 272 11.83 26.58 26.11
CA ALA C 272 11.17 27.13 24.93
C ALA C 272 10.57 28.51 25.16
N ILE C 273 10.19 28.83 26.39
CA ILE C 273 9.62 30.16 26.66
C ILE C 273 10.67 31.25 26.43
N PHE C 274 11.89 31.03 26.92
CA PHE C 274 12.94 32.05 26.87
C PHE C 274 13.86 31.82 25.67
N ALA C 275 13.27 31.92 24.48
CA ALA C 275 13.99 31.71 23.23
C ALA C 275 13.63 32.82 22.24
N LYS C 276 14.62 33.23 21.44
CA LYS C 276 14.39 34.21 20.41
C LYS C 276 13.62 33.62 19.23
N CYS C 277 13.99 32.40 18.81
CA CYS C 277 13.37 31.74 17.68
C CYS C 277 13.48 30.24 17.89
N THR C 278 12.54 29.49 17.33
CA THR C 278 12.48 28.06 17.54
C THR C 278 12.30 27.33 16.20
N GLY C 279 12.91 26.16 16.12
CA GLY C 279 12.74 25.28 14.98
C GLY C 279 12.56 23.86 15.44
N MET C 280 11.82 23.08 14.66
CA MET C 280 11.44 21.73 15.01
C MET C 280 11.79 20.77 13.88
N ILE C 281 12.48 19.68 14.21
CA ILE C 281 12.70 18.57 13.28
C ILE C 281 12.30 17.29 13.99
N ILE C 282 11.29 16.61 13.46
CA ILE C 282 10.70 15.43 14.08
C ILE C 282 10.71 14.29 13.08
N LEU C 283 11.26 13.14 13.49
CA LEU C 283 11.32 11.95 12.65
C LEU C 283 10.38 10.90 13.26
N GLY C 284 9.16 10.85 12.75
CA GLY C 284 8.16 9.94 13.24
C GLY C 284 7.02 10.65 13.94
N GLY C 285 6.31 9.89 14.76
CA GLY C 285 5.20 10.43 15.52
C GLY C 285 5.14 9.89 16.94
N GLY C 286 3.94 9.83 17.50
CA GLY C 286 3.78 9.31 18.85
C GLY C 286 3.78 10.40 19.91
N VAL C 287 4.41 10.11 21.06
CA VAL C 287 4.46 11.08 22.14
C VAL C 287 5.52 12.15 21.92
N VAL C 288 6.53 11.87 21.08
CA VAL C 288 7.59 12.85 20.85
CA VAL C 288 7.58 12.87 20.87
C VAL C 288 7.04 14.09 20.15
N LYS C 289 6.24 13.87 19.10
CA LYS C 289 5.69 15.00 18.34
C LYS C 289 4.80 15.87 19.21
N HIS C 290 3.88 15.25 19.94
CA HIS C 290 2.97 16.01 20.80
C HIS C 290 3.74 16.70 21.93
N HIS C 291 4.78 16.04 22.45
CA HIS C 291 5.53 16.62 23.55
C HIS C 291 6.26 17.88 23.10
N ILE C 292 6.92 17.82 21.94
CA ILE C 292 7.61 19.00 21.41
C ILE C 292 6.62 20.09 21.03
N ALA C 293 5.49 19.72 20.42
CA ALA C 293 4.48 20.72 20.05
C ALA C 293 3.89 21.40 21.26
N ASN C 294 3.61 20.64 22.32
CA ASN C 294 3.09 21.23 23.55
C ASN C 294 4.13 22.13 24.20
N ALA C 295 5.41 21.76 24.14
CA ALA C 295 6.46 22.64 24.64
C ALA C 295 6.48 23.96 23.87
N ASN C 296 6.34 23.91 22.54
CA ASN C 296 6.35 25.12 21.74
C ASN C 296 5.06 25.91 21.80
N LEU C 297 3.97 25.31 22.28
CA LEU C 297 2.70 26.03 22.38
C LEU C 297 2.80 27.22 23.34
N MET C 298 3.67 27.15 24.34
CA MET C 298 3.76 28.20 25.35
C MET C 298 4.33 29.51 24.82
N ARG C 299 4.88 29.51 23.60
CA ARG C 299 5.36 30.74 22.99
C ARG C 299 4.54 31.13 21.76
N ASN C 300 3.30 30.64 21.69
CA ASN C 300 2.34 30.91 20.62
C ASN C 300 2.72 30.28 19.29
N GLY C 301 3.65 29.34 19.27
CA GLY C 301 3.98 28.59 18.07
C GLY C 301 5.45 28.65 17.73
N ALA C 302 5.82 27.85 16.74
CA ALA C 302 7.19 27.73 16.26
C ALA C 302 7.30 28.36 14.86
N ASP C 303 8.48 28.93 14.59
CA ASP C 303 8.70 29.60 13.33
C ASP C 303 8.94 28.63 12.17
N TYR C 304 9.59 27.51 12.43
CA TYR C 304 9.90 26.53 11.39
C TYR C 304 9.51 25.14 11.87
N ALA C 305 9.17 24.26 10.91
CA ALA C 305 8.76 22.91 11.24
C ALA C 305 8.91 22.01 10.03
N VAL C 306 9.53 20.84 10.22
CA VAL C 306 9.67 19.83 9.19
C VAL C 306 9.27 18.48 9.78
N TYR C 307 8.38 17.76 9.09
CA TYR C 307 7.91 16.45 9.54
C TYR C 307 8.32 15.39 8.53
N ILE C 308 8.71 14.21 9.04
CA ILE C 308 9.00 13.04 8.21
C ILE C 308 8.42 11.83 8.93
N ASN C 309 7.30 11.30 8.42
CA ASN C 309 6.70 10.10 8.99
C ASN C 309 5.81 9.44 7.93
N THR C 310 5.27 8.28 8.27
CA THR C 310 4.49 7.47 7.34
C THR C 310 3.05 7.25 7.79
N ALA C 311 2.52 8.11 8.65
CA ALA C 311 1.18 7.91 9.18
C ALA C 311 0.15 8.69 8.37
N GLN C 312 -1.07 8.16 8.34
CA GLN C 312 -2.20 8.76 7.64
C GLN C 312 -3.21 9.29 8.64
N GLU C 313 -4.11 10.15 8.15
CA GLU C 313 -5.01 10.91 9.01
C GLU C 313 -6.45 10.42 9.00
N PHE C 314 -6.77 9.37 8.26
CA PHE C 314 -8.17 8.98 8.11
C PHE C 314 -8.75 8.37 9.38
N ASP C 315 -7.90 7.94 10.31
CA ASP C 315 -8.36 7.35 11.56
C ASP C 315 -8.44 8.35 12.70
N GLY C 316 -8.16 9.63 12.45
CA GLY C 316 -8.23 10.64 13.48
C GLY C 316 -7.07 10.64 14.47
N SER C 317 -5.99 9.91 14.18
CA SER C 317 -4.86 9.83 15.08
C SER C 317 -4.05 11.12 15.06
N ASP C 318 -3.31 11.34 16.15
CA ASP C 318 -2.43 12.50 16.23
C ASP C 318 -1.17 12.31 15.41
N SER C 319 -0.69 11.06 15.27
CA SER C 319 0.51 10.80 14.49
C SER C 319 0.31 11.15 13.02
N GLY C 320 -0.86 10.84 12.47
CA GLY C 320 -1.17 11.14 11.09
C GLY C 320 -1.69 12.53 10.83
N ALA C 321 -1.75 13.37 11.86
CA ALA C 321 -2.25 14.73 11.70
C ALA C 321 -1.36 15.53 10.75
N ARG C 322 -2.01 16.30 9.89
CA ARG C 322 -1.27 17.18 8.99
C ARG C 322 -0.68 18.35 9.77
N PRO C 323 0.35 19.01 9.21
CA PRO C 323 0.89 20.20 9.87
C PRO C 323 -0.10 21.32 10.02
N ASP C 324 -1.16 21.36 9.20
CA ASP C 324 -2.17 22.40 9.28
C ASP C 324 -3.06 22.24 10.51
N GLU C 325 -3.21 21.02 11.04
CA GLU C 325 -4.01 20.83 12.24
C GLU C 325 -3.30 21.37 13.48
N ALA C 326 -1.97 21.40 13.47
CA ALA C 326 -1.24 22.02 14.57
C ALA C 326 -1.51 23.51 14.65
N VAL C 327 -1.85 24.14 13.53
CA VAL C 327 -2.18 25.56 13.54
C VAL C 327 -3.49 25.81 14.29
N SER C 328 -4.39 24.83 14.31
CA SER C 328 -5.69 25.01 14.94
C SER C 328 -5.55 25.30 16.43
N TRP C 329 -4.69 24.55 17.13
CA TRP C 329 -4.53 24.72 18.56
C TRP C 329 -3.22 25.41 18.94
N GLY C 330 -2.63 26.16 18.01
CA GLY C 330 -1.55 27.05 18.35
C GLY C 330 -0.19 26.44 18.52
N ALA C 331 0.04 25.25 17.97
CA ALA C 331 1.37 24.64 18.04
C ALA C 331 2.34 25.26 17.06
N ILE C 332 1.86 25.77 15.92
CA ILE C 332 2.69 26.40 14.89
C ILE C 332 2.06 27.74 14.53
N ARG C 333 2.92 28.72 14.25
CA ARG C 333 2.43 30.05 13.91
C ARG C 333 1.66 30.05 12.59
N VAL C 334 0.74 31.00 12.47
CA VAL C 334 -0.10 31.09 11.27
C VAL C 334 0.73 31.48 10.06
N ASP C 335 1.73 32.35 10.24
CA ASP C 335 2.54 32.87 9.15
C ASP C 335 3.74 31.99 8.82
N ALA C 336 3.69 30.71 9.16
CA ALA C 336 4.78 29.78 8.88
C ALA C 336 4.43 28.89 7.69
N GLN C 337 5.43 28.15 7.22
CA GLN C 337 5.29 27.23 6.09
C GLN C 337 5.80 25.86 6.50
N PRO C 338 5.01 25.11 7.27
CA PRO C 338 5.43 23.76 7.67
C PRO C 338 5.43 22.80 6.49
N VAL C 339 6.31 21.81 6.56
CA VAL C 339 6.48 20.82 5.49
C VAL C 339 6.41 19.42 6.10
N LYS C 340 5.71 18.53 5.42
CA LYS C 340 5.70 17.11 5.77
C LYS C 340 6.09 16.28 4.55
N VAL C 341 6.98 15.32 4.75
CA VAL C 341 7.42 14.40 3.71
C VAL C 341 6.91 13.01 4.07
N TYR C 342 6.18 12.39 3.14
CA TYR C 342 5.59 11.07 3.36
C TYR C 342 6.56 10.02 2.85
N ALA C 343 7.53 9.64 3.70
CA ALA C 343 8.51 8.65 3.31
C ALA C 343 9.15 8.06 4.55
N ASP C 344 9.82 6.92 4.36
CA ASP C 344 10.59 6.30 5.44
C ASP C 344 11.82 7.14 5.72
N ALA C 345 12.05 7.44 7.00
CA ALA C 345 13.13 8.35 7.36
C ALA C 345 14.50 7.78 7.03
N SER C 346 14.65 6.46 7.03
CA SER C 346 15.93 5.83 6.74
C SER C 346 16.39 6.05 5.30
N LEU C 347 15.51 6.50 4.42
CA LEU C 347 15.89 6.77 3.03
C LEU C 347 16.10 8.25 2.74
N VAL C 348 15.53 9.15 3.54
CA VAL C 348 15.53 10.56 3.24
C VAL C 348 16.27 11.41 4.26
N PHE C 349 16.61 10.88 5.43
CA PHE C 349 17.32 11.71 6.40
C PHE C 349 18.78 11.91 6.01
N PRO C 350 19.52 10.86 5.63
CA PRO C 350 20.90 11.10 5.15
C PRO C 350 20.97 12.04 3.95
N LEU C 351 20.01 11.96 3.03
CA LEU C 351 20.01 12.90 1.91
C LEU C 351 19.73 14.32 2.35
N LEU C 352 18.88 14.51 3.36
CA LEU C 352 18.63 15.84 3.88
C LEU C 352 19.86 16.40 4.59
N VAL C 353 20.60 15.55 5.30
CA VAL C 353 21.83 16.01 5.96
C VAL C 353 22.98 16.19 4.95
N ALA C 354 22.92 15.54 3.80
CA ALA C 354 23.93 15.76 2.78
C ALA C 354 23.85 17.16 2.17
N GLU C 355 22.66 17.78 2.16
CA GLU C 355 22.48 19.11 1.60
C GLU C 355 22.42 20.20 2.65
N THR C 356 22.09 19.88 3.89
CA THR C 356 22.05 20.82 4.99
C THR C 356 22.84 20.25 6.16
N PHE C 357 23.44 21.14 6.95
CA PHE C 357 24.26 20.82 8.11
C PHE C 357 25.62 20.26 7.72
N ALA C 358 25.82 19.95 6.44
CA ALA C 358 27.08 19.39 5.96
C ALA C 358 27.83 20.32 5.03
N GLN C 359 27.12 21.16 4.26
CA GLN C 359 27.77 22.20 3.49
C GLN C 359 28.22 23.36 4.36
N LYS C 360 27.75 23.42 5.62
CA LYS C 360 28.13 24.45 6.57
C LYS C 360 29.03 23.92 7.68
N MET C 361 29.83 22.90 7.38
CA MET C 361 30.68 22.29 8.41
C MET C 361 31.68 23.29 8.97
N ASP C 362 32.29 24.11 8.10
CA ASP C 362 33.33 25.03 8.54
C ASP C 362 32.82 26.10 9.50
N ALA C 363 31.50 26.35 9.51
CA ALA C 363 30.93 27.39 10.35
C ALA C 363 30.47 26.86 11.71
N PHE C 364 30.87 25.64 12.08
CA PHE C 364 30.49 25.05 13.34
C PHE C 364 31.72 24.53 14.09
N MET C 365 32.77 25.33 14.12
CA MET C 365 33.99 24.98 14.85
C MET C 365 33.96 25.53 16.27
N SER D 30 -10.19 -26.30 4.20
CA SER D 30 -11.34 -27.17 4.01
C SER D 30 -12.64 -26.43 4.28
N THR D 31 -12.56 -25.11 4.33
CA THR D 31 -13.73 -24.26 4.53
C THR D 31 -13.95 -23.43 3.27
N GLN D 32 -15.17 -23.47 2.74
CA GLN D 32 -15.48 -22.77 1.51
C GLN D 32 -15.81 -21.31 1.79
N VAL D 33 -15.85 -20.52 0.72
CA VAL D 33 -16.16 -19.10 0.79
C VAL D 33 -17.62 -18.91 0.43
N ARG D 34 -18.40 -18.39 1.38
CA ARG D 34 -19.82 -18.15 1.18
C ARG D 34 -20.18 -16.80 1.77
N GLY D 35 -21.00 -16.03 1.05
CA GLY D 35 -21.57 -14.81 1.55
C GLY D 35 -22.92 -15.04 2.20
N TYR D 36 -23.57 -13.94 2.55
CA TYR D 36 -24.90 -13.97 3.15
C TYR D 36 -25.95 -13.72 2.07
N ASP D 37 -26.94 -14.59 2.00
CA ASP D 37 -28.01 -14.47 1.01
C ASP D 37 -29.12 -13.61 1.58
N PHE D 38 -29.37 -12.45 0.94
CA PHE D 38 -30.39 -11.53 1.41
C PHE D 38 -31.80 -11.96 1.04
N ASN D 39 -31.96 -13.01 0.25
CA ASN D 39 -33.28 -13.51 -0.07
C ASN D 39 -33.96 -14.16 1.13
N ARG D 40 -33.23 -14.43 2.20
CA ARG D 40 -33.79 -14.95 3.43
C ARG D 40 -34.37 -13.88 4.33
N GLY D 41 -34.22 -12.61 3.95
CA GLY D 41 -34.66 -11.51 4.78
C GLY D 41 -33.49 -10.71 5.31
N VAL D 42 -33.68 -10.00 6.42
CA VAL D 42 -32.62 -9.22 7.05
C VAL D 42 -32.50 -9.76 8.48
N ASN D 43 -31.60 -10.72 8.67
CA ASN D 43 -31.30 -11.29 9.98
C ASN D 43 -29.91 -10.84 10.37
N TYR D 44 -29.83 -10.00 11.42
CA TYR D 44 -28.55 -9.38 11.75
C TYR D 44 -27.58 -10.37 12.39
N ARG D 45 -28.09 -11.31 13.20
CA ARG D 45 -27.22 -12.31 13.80
C ARG D 45 -26.59 -13.21 12.74
N ALA D 46 -27.40 -13.68 11.79
CA ALA D 46 -26.86 -14.49 10.71
C ALA D 46 -25.94 -13.69 9.81
N LEU D 47 -26.27 -12.42 9.57
CA LEU D 47 -25.42 -11.56 8.75
C LEU D 47 -24.05 -11.37 9.39
N LEU D 48 -24.01 -11.19 10.72
CA LEU D 48 -22.73 -11.04 11.40
C LEU D 48 -21.99 -12.36 11.50
N GLU D 49 -22.72 -13.48 11.58
CA GLU D 49 -22.06 -14.78 11.57
C GLU D 49 -21.43 -15.09 10.22
N ALA D 50 -22.04 -14.63 9.13
CA ALA D 50 -21.56 -14.94 7.79
C ALA D 50 -20.22 -14.31 7.47
N PHE D 51 -19.74 -13.35 8.27
CA PHE D 51 -18.44 -12.74 8.01
C PHE D 51 -17.29 -13.73 8.16
N GLY D 52 -17.47 -14.81 8.90
CA GLY D 52 -16.39 -15.76 9.10
C GLY D 52 -15.92 -16.44 7.84
N THR D 53 -16.76 -16.50 6.80
CA THR D 53 -16.40 -17.16 5.55
C THR D 53 -16.50 -16.23 4.35
N THR D 54 -16.57 -14.92 4.57
CA THR D 54 -16.80 -13.99 3.47
C THR D 54 -15.53 -13.71 2.68
N GLY D 55 -14.47 -13.29 3.36
CA GLY D 55 -13.32 -12.81 2.63
C GLY D 55 -12.12 -12.42 3.47
N PHE D 56 -11.57 -11.24 3.21
CA PHE D 56 -10.23 -10.88 3.66
C PHE D 56 -10.19 -10.44 5.12
N GLN D 57 -10.86 -9.32 5.44
CA GLN D 57 -10.87 -8.82 6.81
C GLN D 57 -12.08 -9.29 7.61
N ALA D 58 -13.14 -9.72 6.93
CA ALA D 58 -14.28 -10.29 7.64
C ALA D 58 -13.90 -11.58 8.34
N THR D 59 -13.03 -12.39 7.72
CA THR D 59 -12.51 -13.58 8.37
C THR D 59 -11.75 -13.23 9.64
N ASN D 60 -10.94 -12.17 9.59
CA ASN D 60 -10.23 -11.71 10.77
C ASN D 60 -11.19 -11.24 11.85
N PHE D 61 -12.28 -10.57 11.45
CA PHE D 61 -13.29 -10.16 12.43
C PHE D 61 -13.94 -11.35 13.11
N GLY D 62 -14.27 -12.39 12.34
CA GLY D 62 -14.84 -13.59 12.93
C GLY D 62 -13.88 -14.29 13.88
N ARG D 63 -12.61 -14.37 13.49
CA ARG D 63 -11.61 -14.98 14.37
C ARG D 63 -11.43 -14.18 15.65
N ALA D 64 -11.49 -12.84 15.56
CA ALA D 64 -11.43 -12.02 16.76
C ALA D 64 -12.62 -12.26 17.66
N VAL D 65 -13.81 -12.41 17.07
CA VAL D 65 -15.00 -12.73 17.86
C VAL D 65 -14.79 -14.03 18.62
N GLN D 66 -14.24 -15.05 17.93
CA GLN D 66 -13.97 -16.33 18.58
C GLN D 66 -12.98 -16.19 19.72
N GLN D 67 -11.91 -15.41 19.51
CA GLN D 67 -10.91 -15.22 20.56
C GLN D 67 -11.51 -14.56 21.79
N VAL D 68 -12.32 -13.52 21.59
CA VAL D 68 -12.93 -12.83 22.72
C VAL D 68 -13.91 -13.75 23.45
N ASN D 69 -14.65 -14.56 22.68
CA ASN D 69 -15.57 -15.50 23.32
C ASN D 69 -14.81 -16.52 24.16
N ALA D 70 -13.67 -16.99 23.66
CA ALA D 70 -12.85 -17.91 24.46
C ALA D 70 -12.37 -17.24 25.75
N MET D 71 -11.94 -15.98 25.66
CA MET D 71 -11.59 -15.23 26.87
C MET D 71 -12.76 -15.23 27.86
N ILE D 72 -13.94 -14.90 27.37
CA ILE D 72 -15.11 -14.74 28.26
C ILE D 72 -15.45 -16.07 28.94
N GLU D 73 -15.46 -17.16 28.17
CA GLU D 73 -15.77 -18.45 28.77
C GLU D 73 -14.70 -18.89 29.75
N LYS D 74 -13.44 -18.57 29.48
CA LYS D 74 -12.40 -18.90 30.44
C LYS D 74 -12.57 -18.12 31.75
N LYS D 75 -12.96 -16.85 31.65
CA LYS D 75 -13.05 -16.02 32.85
C LYS D 75 -14.10 -16.55 33.81
N LEU D 76 -15.22 -17.04 33.30
CA LEU D 76 -16.37 -17.39 34.13
C LEU D 76 -16.19 -18.70 34.91
N GLU D 77 -15.12 -19.44 34.66
CA GLU D 77 -14.90 -20.68 35.40
C GLU D 77 -14.57 -20.38 36.86
N PRO D 78 -15.11 -21.19 37.80
CA PRO D 78 -14.86 -20.94 39.22
C PRO D 78 -13.51 -21.49 39.67
N LEU D 79 -12.87 -20.77 40.58
CA LEU D 79 -11.65 -21.23 41.21
C LEU D 79 -11.96 -22.10 42.43
N SER D 80 -10.92 -22.70 42.99
CA SER D 80 -11.07 -23.53 44.18
C SER D 80 -10.53 -22.81 45.41
N GLN D 85 -4.86 -16.03 46.89
CA GLN D 85 -4.85 -15.66 48.30
C GLN D 85 -3.80 -14.58 48.57
N HIS D 86 -3.01 -14.27 47.55
CA HIS D 86 -1.86 -13.39 47.73
C HIS D 86 -2.22 -11.92 47.54
N ALA D 87 -3.16 -11.42 48.33
CA ALA D 87 -3.46 -10.00 48.30
C ALA D 87 -2.32 -9.15 48.84
N ASP D 88 -1.52 -9.70 49.75
CA ASP D 88 -0.39 -8.96 50.31
C ASP D 88 0.71 -8.77 49.28
N LEU D 89 1.06 -9.82 48.54
CA LEU D 89 2.15 -9.73 47.58
C LEU D 89 1.79 -8.82 46.41
N THR D 90 0.57 -8.93 45.91
CA THR D 90 0.19 -8.20 44.70
C THR D 90 -0.23 -6.76 44.96
N GLN D 91 -0.39 -6.37 46.23
CA GLN D 91 -0.78 -5.01 46.60
C GLN D 91 -2.11 -4.61 45.95
N SER D 92 -3.00 -5.58 45.78
CA SER D 92 -4.29 -5.34 45.13
C SER D 92 -5.41 -5.87 46.01
N ARG D 93 -6.40 -5.01 46.24
CA ARG D 93 -7.58 -5.39 47.01
C ARG D 93 -8.69 -5.95 46.13
N ARG D 94 -8.51 -5.91 44.82
CA ARG D 94 -9.45 -6.56 43.91
C ARG D 94 -9.33 -8.07 44.01
N PRO D 95 -10.45 -8.80 44.11
CA PRO D 95 -10.36 -10.27 44.15
C PRO D 95 -9.93 -10.85 42.81
N LEU D 96 -9.36 -12.05 42.89
CA LEU D 96 -8.81 -12.73 41.72
C LEU D 96 -9.89 -13.51 40.98
N THR D 97 -9.69 -13.65 39.66
CA THR D 97 -10.57 -14.44 38.81
C THR D 97 -9.77 -15.47 38.05
N SER D 98 -10.40 -16.15 37.09
CA SER D 98 -9.74 -17.19 36.30
C SER D 98 -9.05 -16.64 35.06
N CYS D 99 -9.21 -15.36 34.74
CA CYS D 99 -8.55 -14.78 33.58
C CYS D 99 -8.50 -13.26 33.76
N THR D 100 -7.30 -12.69 33.72
CA THR D 100 -7.11 -11.26 33.87
C THR D 100 -7.03 -10.61 32.49
N ILE D 101 -7.82 -9.57 32.28
CA ILE D 101 -7.96 -8.94 30.98
C ILE D 101 -7.38 -7.53 31.03
N PHE D 102 -6.50 -7.23 30.07
CA PHE D 102 -5.92 -5.91 29.90
C PHE D 102 -6.60 -5.23 28.72
N LEU D 103 -7.05 -4.00 28.92
CA LEU D 103 -7.67 -3.21 27.87
C LEU D 103 -6.87 -1.94 27.68
N GLY D 104 -6.34 -1.76 26.48
CA GLY D 104 -5.54 -0.59 26.15
C GLY D 104 -6.18 0.20 25.04
N TYR D 105 -6.15 1.53 25.17
CA TYR D 105 -6.73 2.37 24.13
C TYR D 105 -5.98 3.69 24.03
N THR D 106 -6.14 4.35 22.89
CA THR D 106 -5.46 5.61 22.59
C THR D 106 -6.34 6.80 22.95
N SER D 107 -5.80 8.00 22.75
CA SER D 107 -6.46 9.21 23.24
C SER D 107 -7.64 9.59 22.35
N ASN D 108 -7.50 9.45 21.03
CA ASN D 108 -8.53 9.91 20.12
C ASN D 108 -9.79 9.05 20.13
N LEU D 109 -9.73 7.85 20.72
CA LEU D 109 -10.90 7.00 20.83
C LEU D 109 -11.80 7.39 22.01
N ILE D 110 -11.32 8.24 22.91
CA ILE D 110 -12.17 8.75 23.99
C ILE D 110 -12.96 9.97 23.53
N SER D 111 -12.43 10.75 22.59
CA SER D 111 -13.17 11.87 22.01
C SER D 111 -14.33 11.43 21.13
N SER D 112 -14.40 10.14 20.78
CA SER D 112 -15.44 9.61 19.93
C SER D 112 -16.55 8.99 20.78
N GLY D 113 -17.52 8.35 20.11
CA GLY D 113 -18.60 7.67 20.81
C GLY D 113 -18.20 6.36 21.45
N ILE D 114 -17.01 5.84 21.11
CA ILE D 114 -16.53 4.60 21.72
C ILE D 114 -16.36 4.75 23.22
N ARG D 115 -16.26 5.98 23.71
CA ARG D 115 -16.24 6.22 25.15
C ARG D 115 -17.47 5.64 25.82
N GLU D 116 -18.63 5.75 25.16
CA GLU D 116 -19.85 5.19 25.71
C GLU D 116 -19.89 3.68 25.65
N THR D 117 -18.98 3.04 24.91
CA THR D 117 -18.87 1.59 24.88
C THR D 117 -17.91 1.10 25.95
N ILE D 118 -16.73 1.72 26.04
CA ILE D 118 -15.73 1.32 27.03
C ILE D 118 -16.32 1.40 28.43
N ARG D 119 -17.05 2.49 28.73
CA ARG D 119 -17.68 2.62 30.03
C ARG D 119 -18.58 1.44 30.34
N TYR D 120 -19.32 0.95 29.32
CA TYR D 120 -20.21 -0.17 29.54
C TYR D 120 -19.45 -1.40 30.03
N LEU D 121 -18.21 -1.57 29.59
CA LEU D 121 -17.40 -2.69 30.07
C LEU D 121 -16.86 -2.45 31.47
N VAL D 122 -16.59 -1.19 31.82
CA VAL D 122 -16.04 -0.91 33.15
C VAL D 122 -17.14 -0.87 34.20
N GLN D 123 -18.36 -0.51 33.80
CA GLN D 123 -19.47 -0.44 34.75
C GLN D 123 -19.86 -1.81 35.28
N HIS D 124 -19.69 -2.86 34.48
CA HIS D 124 -20.14 -4.20 34.83
C HIS D 124 -18.99 -5.16 35.11
N ASN D 125 -17.79 -4.64 35.40
CA ASN D 125 -16.63 -5.43 35.81
C ASN D 125 -16.27 -6.51 34.79
N MET D 126 -16.25 -6.13 33.52
CA MET D 126 -15.88 -7.07 32.47
C MET D 126 -14.40 -7.09 32.16
N VAL D 127 -13.63 -6.12 32.66
CA VAL D 127 -12.19 -6.04 32.42
C VAL D 127 -11.50 -5.92 33.77
N ASP D 128 -10.17 -5.97 33.73
CA ASP D 128 -9.37 -5.95 34.95
C ASP D 128 -8.36 -4.82 35.01
N VAL D 129 -7.67 -4.51 33.91
CA VAL D 129 -6.66 -3.46 33.90
C VAL D 129 -6.92 -2.52 32.74
N LEU D 130 -6.79 -1.20 32.98
CA LEU D 130 -6.95 -0.20 31.94
C LEU D 130 -5.62 0.49 31.67
N VAL D 131 -5.28 0.64 30.39
CA VAL D 131 -4.08 1.35 29.97
C VAL D 131 -4.46 2.36 28.90
N THR D 132 -4.01 3.60 29.07
CA THR D 132 -4.33 4.69 28.15
C THR D 132 -3.22 5.72 28.20
N THR D 133 -3.42 6.83 27.51
CA THR D 133 -2.48 7.94 27.50
C THR D 133 -3.09 9.12 28.24
N ALA D 134 -2.31 10.20 28.35
CA ALA D 134 -2.76 11.37 29.08
C ALA D 134 -4.00 11.99 28.45
N GLY D 135 -3.96 12.22 27.14
CA GLY D 135 -5.09 12.81 26.44
C GLY D 135 -6.34 11.95 26.49
N GLY D 136 -6.19 10.65 26.68
CA GLY D 136 -7.35 9.79 26.85
C GLY D 136 -7.99 9.84 28.21
N VAL D 137 -7.38 10.54 29.17
CA VAL D 137 -7.93 10.65 30.51
C VAL D 137 -8.73 11.94 30.61
N GLU D 138 -8.08 13.07 30.37
CA GLU D 138 -8.70 14.37 30.60
C GLU D 138 -9.91 14.60 29.71
N GLU D 139 -9.89 14.12 28.47
CA GLU D 139 -11.04 14.28 27.60
C GLU D 139 -12.27 13.55 28.14
N ASP D 140 -12.08 12.55 28.99
CA ASP D 140 -13.23 11.93 29.65
C ASP D 140 -13.78 12.82 30.75
N LEU D 141 -12.91 13.55 31.46
CA LEU D 141 -13.39 14.49 32.47
C LEU D 141 -13.98 15.73 31.83
N ILE D 142 -13.33 16.25 30.78
CA ILE D 142 -13.81 17.46 30.11
C ILE D 142 -15.21 17.24 29.53
N LYS D 143 -15.46 16.04 29.03
CA LYS D 143 -16.78 15.72 28.49
C LYS D 143 -17.87 15.77 29.55
N CYS D 144 -17.50 15.74 30.83
CA CYS D 144 -18.47 15.86 31.90
C CYS D 144 -18.86 17.31 32.17
N LEU D 145 -18.22 18.26 31.51
CA LEU D 145 -18.50 19.68 31.69
C LEU D 145 -18.98 20.38 30.42
N ALA D 146 -18.53 19.95 29.25
CA ALA D 146 -18.91 20.57 28.00
C ALA D 146 -18.88 19.53 26.88
N PRO D 147 -19.71 19.66 25.86
CA PRO D 147 -19.77 18.62 24.82
C PRO D 147 -18.80 18.85 23.66
N THR D 148 -18.75 17.88 22.74
CA THR D 148 -17.95 17.95 21.54
C THR D 148 -18.87 17.84 20.32
N TYR D 149 -18.50 18.55 19.25
CA TYR D 149 -19.33 18.65 18.05
C TYR D 149 -18.63 18.00 16.87
N LEU D 150 -19.39 17.80 15.81
CA LEU D 150 -18.92 17.19 14.57
C LEU D 150 -18.44 18.26 13.60
N GLY D 151 -17.54 17.86 12.70
CA GLY D 151 -16.97 18.77 11.71
C GLY D 151 -16.59 18.05 10.45
N GLU D 152 -15.48 18.47 9.84
CA GLU D 152 -14.98 17.89 8.60
C GLU D 152 -13.46 17.82 8.65
N PHE D 153 -12.89 16.99 7.79
CA PHE D 153 -11.46 16.79 7.72
C PHE D 153 -10.72 17.91 6.99
N SER D 154 -11.45 18.74 6.24
CA SER D 154 -10.82 19.70 5.33
C SER D 154 -10.85 21.13 5.84
N LEU D 155 -11.21 21.36 7.11
CA LEU D 155 -11.28 22.71 7.64
C LEU D 155 -9.89 23.32 7.77
N ARG D 156 -9.78 24.59 7.38
CA ARG D 156 -8.51 25.30 7.46
C ARG D 156 -8.18 25.67 8.90
N GLY D 157 -6.89 25.66 9.21
CA GLY D 157 -6.47 25.87 10.60
C GLY D 157 -6.50 27.32 11.04
N LYS D 158 -6.34 28.26 10.11
CA LYS D 158 -6.25 29.67 10.49
C LYS D 158 -7.58 30.15 11.08
N GLU D 159 -8.65 30.10 10.28
CA GLU D 159 -9.95 30.56 10.75
C GLU D 159 -10.37 29.82 12.02
N LEU D 160 -9.99 28.55 12.14
CA LEU D 160 -10.24 27.83 13.38
C LEU D 160 -9.45 28.44 14.53
N ARG D 161 -8.25 28.96 14.26
CA ARG D 161 -7.44 29.54 15.33
C ARG D 161 -8.00 30.88 15.78
N GLU D 162 -8.39 31.77 14.86
CA GLU D 162 -8.94 33.05 15.30
C GLU D 162 -10.29 32.90 15.99
N ASN D 163 -11.00 31.81 15.74
CA ASN D 163 -12.27 31.57 16.40
C ASN D 163 -12.14 30.73 17.67
N GLY D 164 -10.93 30.30 18.01
CA GLY D 164 -10.72 29.51 19.22
C GLY D 164 -11.33 28.12 19.19
N ILE D 165 -11.23 27.43 18.06
CA ILE D 165 -11.73 26.06 17.93
C ILE D 165 -10.56 25.16 17.60
N ASN D 166 -10.42 24.07 18.36
CA ASN D 166 -9.36 23.09 18.13
C ASN D 166 -9.93 21.89 17.38
N ARG D 167 -9.16 21.38 16.43
CA ARG D 167 -9.60 20.28 15.57
C ARG D 167 -8.90 19.00 15.97
N ILE D 168 -9.67 17.91 16.06
CA ILE D 168 -9.14 16.56 16.29
C ILE D 168 -9.79 15.68 15.24
N GLY D 169 -9.05 15.38 14.18
CA GLY D 169 -9.61 14.62 13.07
C GLY D 169 -10.72 15.40 12.39
N ASN D 170 -11.97 14.96 12.56
CA ASN D 170 -13.13 15.68 12.06
C ASN D 170 -14.04 16.10 13.21
N LEU D 171 -13.48 16.31 14.40
CA LEU D 171 -14.23 16.76 15.56
C LEU D 171 -13.70 18.13 16.00
N LEU D 172 -14.60 18.95 16.53
CA LEU D 172 -14.29 20.31 16.92
C LEU D 172 -14.51 20.48 18.43
N VAL D 173 -13.55 21.08 19.10
CA VAL D 173 -13.63 21.35 20.53
C VAL D 173 -13.43 22.84 20.75
N PRO D 174 -14.41 23.55 21.30
CA PRO D 174 -14.19 24.95 21.66
C PRO D 174 -13.12 25.09 22.73
N ASN D 175 -12.35 26.17 22.65
CA ASN D 175 -11.31 26.42 23.64
C ASN D 175 -11.91 26.68 25.02
N GLU D 176 -13.15 27.17 25.07
CA GLU D 176 -13.80 27.47 26.34
C GLU D 176 -13.94 26.23 27.22
N ASN D 177 -13.91 25.04 26.64
CA ASN D 177 -13.98 23.82 27.44
C ASN D 177 -12.75 23.63 28.31
N TYR D 178 -11.63 24.27 27.97
CA TYR D 178 -10.41 24.11 28.74
C TYR D 178 -10.32 25.15 29.86
N CSS D 179 -11.25 26.09 29.86
CA CSS D 179 -11.29 27.13 30.87
CB CSS D 179 -11.85 28.46 30.36
SG CSS D 179 -10.76 29.37 29.34
SD CSS D 179 -10.32 31.16 30.38
C CSS D 179 -12.14 26.64 32.03
O CSS D 179 -12.08 27.11 33.17
N LYS D 180 -12.97 25.65 31.72
CA LYS D 180 -13.80 24.99 32.73
C LYS D 180 -12.98 23.96 33.49
N PHE D 181 -11.98 23.40 32.81
CA PHE D 181 -11.16 22.35 33.40
C PHE D 181 -10.20 22.90 34.45
N GLU D 182 -9.62 24.06 34.17
CA GLU D 182 -8.67 24.68 35.12
C GLU D 182 -9.36 25.04 36.43
N ASP D 183 -10.56 25.64 36.33
CA ASP D 183 -11.30 26.04 37.53
C ASP D 183 -11.65 24.84 38.38
N TRP D 184 -12.07 23.75 37.75
CA TRP D 184 -12.41 22.54 38.49
C TRP D 184 -11.17 21.84 39.03
N LEU D 185 -10.01 22.04 38.40
CA LEU D 185 -8.83 21.25 38.71
C LEU D 185 -7.93 21.86 39.78
N MET D 186 -7.82 23.19 39.83
CA MET D 186 -6.83 23.81 40.72
C MET D 186 -7.00 23.45 42.20
N PRO D 187 -8.19 23.53 42.81
CA PRO D 187 -8.30 23.16 44.24
C PRO D 187 -7.91 21.73 44.52
N ILE D 188 -8.15 20.81 43.59
CA ILE D 188 -7.74 19.42 43.77
C ILE D 188 -6.22 19.34 43.88
N LEU D 189 -5.51 20.09 43.02
CA LEU D 189 -4.05 20.11 43.10
C LEU D 189 -3.59 20.72 44.41
N ASP D 190 -4.27 21.76 44.88
CA ASP D 190 -3.91 22.35 46.18
C ASP D 190 -4.05 21.33 47.30
N GLN D 191 -5.15 20.58 47.31
CA GLN D 191 -5.35 19.56 48.33
C GLN D 191 -4.31 18.44 48.21
N MET D 192 -3.94 18.07 46.99
CA MET D 192 -2.92 17.04 46.81
C MET D 192 -1.58 17.49 47.38
N VAL D 193 -1.20 18.74 47.12
CA VAL D 193 0.04 19.26 47.68
C VAL D 193 -0.04 19.31 49.21
N MET D 194 -1.21 19.68 49.74
CA MET D 194 -1.38 19.71 51.20
C MET D 194 -1.21 18.33 51.81
N GLU D 195 -1.80 17.31 51.18
CA GLU D 195 -1.71 15.95 51.71
C GLU D 195 -0.34 15.33 51.50
N GLN D 196 0.41 15.79 50.49
CA GLN D 196 1.77 15.29 50.32
C GLN D 196 2.66 15.65 51.50
N ASN D 197 2.51 16.86 52.04
CA ASN D 197 3.33 17.34 53.14
C ASN D 197 2.77 16.99 54.51
N THR D 198 1.47 17.18 54.72
CA THR D 198 0.90 16.94 56.05
C THR D 198 0.77 15.46 56.37
N GLU D 199 0.34 14.64 55.40
CA GLU D 199 0.02 13.25 55.65
C GLU D 199 1.04 12.27 55.09
N GLY D 200 2.07 12.73 54.41
CA GLY D 200 3.07 11.84 53.85
C GLY D 200 2.53 10.91 52.78
N VAL D 201 1.75 11.46 51.86
CA VAL D 201 1.16 10.68 50.77
C VAL D 201 2.11 10.69 49.58
N LYS D 202 2.42 9.52 49.05
CA LYS D 202 3.28 9.37 47.88
C LYS D 202 2.40 9.19 46.65
N TRP D 203 2.42 10.16 45.75
CA TRP D 203 1.52 10.16 44.60
C TRP D 203 2.17 9.46 43.41
N THR D 204 1.36 8.69 42.71
CA THR D 204 1.70 8.03 41.46
C THR D 204 0.56 8.27 40.48
N PRO D 205 0.80 8.11 39.17
CA PRO D 205 -0.27 8.37 38.20
C PRO D 205 -1.56 7.60 38.45
N SER D 206 -1.48 6.34 38.88
CA SER D 206 -2.69 5.57 39.13
C SER D 206 -3.49 6.17 40.29
N LYS D 207 -2.81 6.55 41.37
CA LYS D 207 -3.50 7.16 42.50
C LYS D 207 -4.14 8.48 42.11
N MET D 208 -3.44 9.27 41.30
CA MET D 208 -3.99 10.55 40.84
C MET D 208 -5.21 10.34 39.96
N ILE D 209 -5.17 9.34 39.08
CA ILE D 209 -6.33 9.06 38.23
C ILE D 209 -7.51 8.61 39.07
N ALA D 210 -7.28 7.75 40.07
CA ALA D 210 -8.38 7.34 40.95
C ALA D 210 -8.94 8.52 41.73
N ARG D 211 -8.07 9.40 42.22
CA ARG D 211 -8.52 10.58 42.96
C ARG D 211 -9.36 11.49 42.07
N LEU D 212 -8.93 11.71 40.82
CA LEU D 212 -9.71 12.53 39.90
C LEU D 212 -11.04 11.88 39.57
N GLY D 213 -11.05 10.57 39.39
CA GLY D 213 -12.30 9.88 39.11
C GLY D 213 -13.30 9.96 40.25
N LYS D 214 -12.81 9.93 41.49
CA LYS D 214 -13.70 10.07 42.63
C LYS D 214 -14.39 11.43 42.66
N GLU D 215 -13.64 12.50 42.34
CA GLU D 215 -14.15 13.86 42.51
C GLU D 215 -15.17 14.27 41.45
N ILE D 216 -15.15 13.66 40.26
CA ILE D 216 -16.07 14.09 39.22
C ILE D 216 -17.51 13.73 39.57
N ASN D 217 -17.72 12.56 40.18
CA ASN D 217 -19.03 12.13 40.67
C ASN D 217 -20.11 12.20 39.59
N ASN D 218 -19.79 11.64 38.43
CA ASN D 218 -20.72 11.58 37.30
C ASN D 218 -20.82 10.13 36.85
N PRO D 219 -22.03 9.55 36.82
CA PRO D 219 -22.15 8.13 36.43
C PRO D 219 -21.89 7.86 34.96
N GLU D 220 -21.70 8.89 34.13
CA GLU D 220 -21.39 8.70 32.72
C GLU D 220 -19.89 8.73 32.44
N SER D 221 -19.07 8.80 33.47
CA SER D 221 -17.61 8.85 33.30
C SER D 221 -17.02 7.46 33.43
N VAL D 222 -15.97 7.21 32.65
CA VAL D 222 -15.29 5.91 32.69
C VAL D 222 -14.53 5.74 34.00
N TYR D 223 -13.82 6.77 34.44
CA TYR D 223 -12.93 6.67 35.58
C TYR D 223 -13.65 6.81 36.92
N TYR D 224 -14.91 7.23 36.92
CA TYR D 224 -15.74 7.11 38.11
C TYR D 224 -16.07 5.64 38.38
N TRP D 225 -16.52 4.93 37.34
CA TRP D 225 -16.82 3.51 37.48
C TRP D 225 -15.55 2.70 37.69
N ALA D 226 -14.44 3.12 37.10
CA ALA D 226 -13.18 2.40 37.29
C ALA D 226 -12.74 2.43 38.75
N GLN D 227 -12.83 3.59 39.40
CA GLN D 227 -12.43 3.67 40.80
C GLN D 227 -13.49 3.08 41.73
N LYS D 228 -14.77 3.13 41.32
CA LYS D 228 -15.80 2.54 42.16
C LYS D 228 -15.68 1.02 42.22
N ASN D 229 -15.12 0.40 41.18
CA ASN D 229 -15.01 -1.05 41.09
C ASN D 229 -13.60 -1.55 41.31
N HIS D 230 -12.68 -0.69 41.75
CA HIS D 230 -11.29 -1.05 42.05
C HIS D 230 -10.59 -1.61 40.82
N ILE D 231 -10.61 -0.83 39.74
CA ILE D 231 -9.97 -1.20 38.49
C ILE D 231 -8.79 -0.27 38.24
N PRO D 232 -7.56 -0.76 38.29
CA PRO D 232 -6.40 0.13 38.10
C PRO D 232 -6.28 0.64 36.67
N VAL D 233 -5.91 1.91 36.57
CA VAL D 233 -5.65 2.59 35.31
C VAL D 233 -4.21 3.08 35.32
N PHE D 234 -3.46 2.75 34.29
CA PHE D 234 -2.05 3.09 34.20
C PHE D 234 -1.78 4.03 33.04
N SER D 235 -0.90 5.01 33.28
CA SER D 235 -0.53 6.00 32.27
C SER D 235 0.90 6.44 32.54
N PRO D 236 1.88 5.86 31.85
CA PRO D 236 3.29 6.18 32.16
C PRO D 236 3.65 7.65 31.94
N ALA D 237 3.06 8.30 30.95
CA ALA D 237 3.38 9.69 30.60
C ALA D 237 2.12 10.53 30.79
N LEU D 238 1.91 11.02 32.01
CA LEU D 238 0.73 11.80 32.33
C LEU D 238 0.91 13.30 32.11
N THR D 239 2.13 13.75 31.84
CA THR D 239 2.41 15.17 31.66
C THR D 239 2.32 15.64 30.22
N ASP D 240 1.96 14.75 29.29
CA ASP D 240 1.89 15.10 27.87
C ASP D 240 0.42 15.37 27.54
N GLY D 241 -0.02 16.58 27.89
CA GLY D 241 -1.40 16.97 27.63
C GLY D 241 -1.73 18.26 28.34
N SER D 242 -3.02 18.51 28.52
CA SER D 242 -3.46 19.69 29.24
C SER D 242 -3.26 19.57 30.75
N LEU D 243 -3.18 18.35 31.28
CA LEU D 243 -2.82 18.18 32.69
C LEU D 243 -1.41 18.69 32.96
N GLY D 244 -0.47 18.41 32.04
CA GLY D 244 0.88 18.89 32.22
C GLY D 244 0.96 20.41 32.24
N ASP D 245 0.21 21.07 31.37
CA ASP D 245 0.19 22.53 31.36
C ASP D 245 -0.39 23.08 32.66
N MET D 246 -1.46 22.44 33.15
CA MET D 246 -2.07 22.89 34.40
C MET D 246 -1.11 22.74 35.57
N ILE D 247 -0.40 21.61 35.63
CA ILE D 247 0.57 21.41 36.71
C ILE D 247 1.72 22.40 36.59
N PHE D 248 2.18 22.66 35.36
CA PHE D 248 3.27 23.61 35.15
C PHE D 248 2.89 25.00 35.62
N PHE D 249 1.67 25.44 35.30
CA PHE D 249 1.22 26.76 35.75
C PHE D 249 0.96 26.79 37.25
N HIS D 250 0.48 25.68 37.82
CA HIS D 250 0.17 25.64 39.24
C HIS D 250 1.43 25.62 40.09
N SER D 251 2.52 25.04 39.57
CA SER D 251 3.76 24.95 40.34
C SER D 251 4.41 26.30 40.61
N TYR D 252 3.99 27.36 39.92
CA TYR D 252 4.55 28.68 40.15
C TYR D 252 4.01 29.34 41.41
N LYS D 253 2.96 28.79 42.00
CA LYS D 253 2.36 29.32 43.23
C LYS D 253 2.51 28.39 44.41
N ASN D 254 2.22 27.11 44.24
CA ASN D 254 2.24 26.12 45.33
C ASN D 254 3.11 24.96 44.87
N PRO D 255 4.43 25.09 44.93
CA PRO D 255 5.31 24.05 44.42
C PRO D 255 5.42 22.86 45.36
N GLY D 256 6.06 21.81 44.84
CA GLY D 256 6.37 20.63 45.64
C GLY D 256 5.69 19.35 45.19
N LEU D 257 4.93 19.34 44.11
CA LEU D 257 4.27 18.12 43.67
C LEU D 257 5.27 17.17 43.03
N VAL D 258 5.22 15.90 43.43
CA VAL D 258 6.11 14.85 42.91
C VAL D 258 5.24 13.69 42.45
N LEU D 259 5.51 13.20 41.24
CA LEU D 259 4.83 12.04 40.67
C LEU D 259 5.87 10.98 40.33
N ASP D 260 5.87 9.89 41.08
CA ASP D 260 6.82 8.79 40.87
C ASP D 260 6.24 7.78 39.89
N ILE D 261 7.10 7.26 39.02
CA ILE D 261 6.71 6.24 38.05
C ILE D 261 7.31 4.88 38.34
N VAL D 262 8.32 4.80 39.21
CA VAL D 262 8.92 3.51 39.53
C VAL D 262 7.93 2.65 40.34
N GLU D 263 7.21 3.28 41.27
CA GLU D 263 6.22 2.55 42.05
C GLU D 263 5.07 2.04 41.18
N ASP D 264 4.68 2.82 40.18
CA ASP D 264 3.57 2.46 39.31
C ASP D 264 3.90 1.31 38.37
N LEU D 265 5.17 0.94 38.23
CA LEU D 265 5.56 -0.15 37.34
C LEU D 265 5.48 -1.49 38.03
N ARG D 266 5.81 -1.54 39.32
CA ARG D 266 5.73 -2.79 40.08
C ARG D 266 4.30 -3.28 40.14
N LEU D 267 3.33 -2.37 40.26
CA LEU D 267 1.93 -2.77 40.33
C LEU D 267 1.49 -3.48 39.05
N ILE D 268 1.79 -2.89 37.89
CA ILE D 268 1.35 -3.50 36.64
C ILE D 268 2.14 -4.78 36.34
N ASN D 269 3.39 -4.88 36.80
CA ASN D 269 4.12 -6.13 36.59
C ASN D 269 3.60 -7.24 37.48
N THR D 270 3.30 -6.93 38.75
CA THR D 270 2.77 -7.94 39.66
C THR D 270 1.34 -8.34 39.32
N GLN D 271 0.57 -7.47 38.67
CA GLN D 271 -0.74 -7.88 38.19
C GLN D 271 -0.63 -9.04 37.19
N ALA D 272 0.35 -8.95 36.28
CA ALA D 272 0.55 -10.03 35.31
C ALA D 272 1.24 -11.24 35.90
N ILE D 273 2.16 -11.04 36.85
CA ILE D 273 2.92 -12.17 37.39
C ILE D 273 2.01 -13.12 38.15
N PHE D 274 1.10 -12.58 38.97
CA PHE D 274 0.28 -13.39 39.87
C PHE D 274 -1.09 -13.70 39.29
N ALA D 275 -1.18 -13.90 37.98
CA ALA D 275 -2.44 -14.18 37.32
C ALA D 275 -2.46 -15.62 36.81
N LYS D 276 -3.62 -16.26 36.92
CA LYS D 276 -3.77 -17.62 36.42
C LYS D 276 -3.81 -17.68 34.90
N CYS D 277 -4.35 -16.64 34.26
CA CYS D 277 -4.48 -16.57 32.82
C CYS D 277 -4.65 -15.10 32.43
N THR D 278 -4.11 -14.74 31.27
CA THR D 278 -4.13 -13.35 30.82
C THR D 278 -4.62 -13.24 29.39
N GLY D 279 -5.30 -12.14 29.12
CA GLY D 279 -5.74 -11.81 27.77
C GLY D 279 -5.58 -10.32 27.54
N MET D 280 -5.34 -9.97 26.27
CA MET D 280 -5.05 -8.61 25.88
C MET D 280 -6.03 -8.14 24.80
N ILE D 281 -6.50 -6.90 24.93
CA ILE D 281 -7.30 -6.23 23.90
C ILE D 281 -6.76 -4.82 23.76
N ILE D 282 -6.11 -4.53 22.64
CA ILE D 282 -5.46 -3.25 22.40
C ILE D 282 -6.10 -2.60 21.19
N LEU D 283 -6.53 -1.35 21.35
CA LEU D 283 -7.13 -0.55 20.28
C LEU D 283 -6.13 0.54 19.92
N GLY D 284 -5.44 0.35 18.80
CA GLY D 284 -4.38 1.26 18.40
C GLY D 284 -3.01 0.72 18.75
N GLY D 285 -2.05 1.64 18.80
CA GLY D 285 -0.69 1.29 19.14
C GLY D 285 0.02 2.37 19.93
N GLY D 286 1.34 2.28 20.03
CA GLY D 286 2.13 3.30 20.69
C GLY D 286 2.66 2.84 22.03
N VAL D 287 2.50 3.69 23.05
CA VAL D 287 3.04 3.37 24.36
C VAL D 287 2.24 2.26 25.03
N VAL D 288 0.91 2.28 24.88
CA VAL D 288 0.08 1.34 25.63
C VAL D 288 0.29 -0.09 25.14
N LYS D 289 0.50 -0.27 23.84
CA LYS D 289 0.70 -1.61 23.29
C LYS D 289 1.97 -2.24 23.85
N HIS D 290 3.09 -1.53 23.77
CA HIS D 290 4.34 -2.07 24.28
C HIS D 290 4.31 -2.17 25.80
N HIS D 291 3.60 -1.27 26.48
CA HIS D 291 3.56 -1.30 27.94
C HIS D 291 2.78 -2.52 28.44
N ILE D 292 1.71 -2.91 27.74
CA ILE D 292 1.01 -4.13 28.09
C ILE D 292 1.84 -5.37 27.72
N ALA D 293 2.48 -5.33 26.55
CA ALA D 293 3.28 -6.48 26.12
C ALA D 293 4.45 -6.75 27.05
N ASN D 294 5.12 -5.70 27.50
CA ASN D 294 6.25 -5.88 28.42
C ASN D 294 5.80 -6.46 29.76
N ALA D 295 4.64 -6.04 30.26
CA ALA D 295 4.11 -6.62 31.49
C ALA D 295 3.77 -8.09 31.29
N ASN D 296 3.18 -8.44 30.15
CA ASN D 296 2.84 -9.84 29.89
C ASN D 296 4.08 -10.69 29.60
N LEU D 297 5.21 -10.07 29.26
CA LEU D 297 6.44 -10.82 29.06
C LEU D 297 6.90 -11.52 30.34
N MET D 298 6.60 -10.94 31.51
CA MET D 298 7.11 -11.49 32.76
C MET D 298 6.53 -12.85 33.10
N ARG D 299 5.38 -13.21 32.52
CA ARG D 299 4.79 -14.53 32.72
C ARG D 299 4.98 -15.44 31.51
N ASN D 300 5.98 -15.16 30.67
CA ASN D 300 6.28 -15.92 29.46
C ASN D 300 5.16 -15.81 28.42
N GLY D 301 4.47 -14.70 28.37
CA GLY D 301 3.52 -14.41 27.31
C GLY D 301 2.08 -14.54 27.76
N ALA D 302 1.20 -14.05 26.89
CA ALA D 302 -0.24 -14.09 27.10
C ALA D 302 -0.86 -15.26 26.33
N ASP D 303 -2.09 -15.61 26.71
CA ASP D 303 -2.79 -16.74 26.12
C ASP D 303 -3.75 -16.34 25.01
N TYR D 304 -4.29 -15.12 25.04
CA TYR D 304 -5.15 -14.62 23.99
C TYR D 304 -4.79 -13.17 23.69
N ALA D 305 -4.97 -12.76 22.44
CA ALA D 305 -4.60 -11.41 22.04
C ALA D 305 -5.38 -11.00 20.79
N VAL D 306 -5.93 -9.79 20.80
CA VAL D 306 -6.67 -9.23 19.67
C VAL D 306 -6.18 -7.81 19.44
N TYR D 307 -5.82 -7.51 18.20
CA TYR D 307 -5.30 -6.20 17.80
C TYR D 307 -6.24 -5.55 16.79
N ILE D 308 -6.50 -4.25 16.99
CA ILE D 308 -7.28 -3.47 16.04
C ILE D 308 -6.62 -2.13 15.81
N ASN D 309 -5.89 -1.99 14.71
CA ASN D 309 -5.23 -0.73 14.36
C ASN D 309 -4.95 -0.72 12.87
N THR D 310 -4.60 0.47 12.36
CA THR D 310 -4.43 0.72 10.94
C THR D 310 -2.99 1.02 10.57
N ALA D 311 -2.03 0.55 11.35
CA ALA D 311 -0.63 0.80 11.08
C ALA D 311 -0.03 -0.32 10.23
N GLN D 312 1.02 0.03 9.48
CA GLN D 312 1.71 -0.91 8.60
C GLN D 312 3.14 -1.09 9.06
N GLU D 313 3.70 -2.27 8.75
CA GLU D 313 4.97 -2.70 9.32
C GLU D 313 6.16 -2.45 8.40
N PHE D 314 5.98 -1.80 7.25
CA PHE D 314 7.07 -1.67 6.30
C PHE D 314 8.16 -0.72 6.75
N ASP D 315 7.90 0.11 7.76
CA ASP D 315 8.89 1.06 8.27
C ASP D 315 9.56 0.60 9.55
N GLY D 316 9.30 -0.63 9.99
CA GLY D 316 9.95 -1.16 11.18
C GLY D 316 9.43 -0.63 12.48
N SER D 317 8.30 0.06 12.49
CA SER D 317 7.75 0.62 13.72
C SER D 317 7.13 -0.46 14.58
N ASP D 318 7.11 -0.20 15.89
CA ASP D 318 6.46 -1.12 16.83
C ASP D 318 4.95 -1.08 16.70
N SER D 319 4.38 0.05 16.32
CA SER D 319 2.93 0.18 16.21
C SER D 319 2.37 -0.77 15.15
N GLY D 320 3.03 -0.84 14.00
CA GLY D 320 2.57 -1.65 12.89
C GLY D 320 3.02 -3.09 12.89
N ALA D 321 3.74 -3.53 13.92
CA ALA D 321 4.26 -4.89 13.93
C ALA D 321 3.14 -5.91 13.94
N ARG D 322 3.31 -6.97 13.16
CA ARG D 322 2.35 -8.05 13.13
C ARG D 322 2.40 -8.83 14.44
N PRO D 323 1.31 -9.52 14.80
CA PRO D 323 1.30 -10.28 16.06
C PRO D 323 2.34 -11.38 16.13
N ASP D 324 2.87 -11.84 14.99
CA ASP D 324 3.90 -12.86 15.00
C ASP D 324 5.26 -12.32 15.43
N GLU D 325 5.45 -11.00 15.44
CA GLU D 325 6.71 -10.44 15.94
C GLU D 325 6.79 -10.46 17.45
N ALA D 326 5.66 -10.31 18.15
CA ALA D 326 5.66 -10.38 19.60
C ALA D 326 5.95 -11.78 20.11
N VAL D 327 5.68 -12.80 19.31
CA VAL D 327 6.05 -14.16 19.70
C VAL D 327 7.55 -14.33 19.73
N SER D 328 8.28 -13.57 18.90
CA SER D 328 9.73 -13.72 18.82
C SER D 328 10.41 -13.35 20.12
N TRP D 329 9.96 -12.30 20.80
CA TRP D 329 10.59 -11.86 22.05
C TRP D 329 9.75 -12.17 23.28
N GLY D 330 8.86 -13.15 23.20
CA GLY D 330 8.21 -13.70 24.37
C GLY D 330 7.00 -12.95 24.89
N ALA D 331 6.48 -11.97 24.15
CA ALA D 331 5.31 -11.25 24.61
C ALA D 331 4.03 -12.08 24.49
N ILE D 332 3.99 -13.00 23.51
CA ILE D 332 2.83 -13.86 23.29
C ILE D 332 3.33 -15.30 23.23
N ARG D 333 2.54 -16.21 23.78
CA ARG D 333 2.94 -17.61 23.85
C ARG D 333 3.00 -18.22 22.45
N VAL D 334 3.84 -19.24 22.30
CA VAL D 334 4.09 -19.84 20.99
C VAL D 334 2.94 -20.72 20.53
N ASP D 335 2.04 -21.13 21.41
CA ASP D 335 0.91 -21.98 21.06
C ASP D 335 -0.40 -21.21 20.96
N ALA D 336 -0.36 -19.89 21.03
CA ALA D 336 -1.57 -19.09 20.95
C ALA D 336 -1.93 -18.81 19.49
N GLN D 337 -3.09 -18.19 19.29
CA GLN D 337 -3.59 -17.83 17.96
C GLN D 337 -4.00 -16.36 17.96
N PRO D 338 -3.02 -15.45 17.94
CA PRO D 338 -3.35 -14.03 17.93
C PRO D 338 -4.00 -13.60 16.62
N VAL D 339 -4.80 -12.54 16.70
CA VAL D 339 -5.54 -12.01 15.57
C VAL D 339 -5.34 -10.50 15.49
N LYS D 340 -5.16 -9.99 14.29
CA LYS D 340 -5.14 -8.55 14.04
C LYS D 340 -6.15 -8.20 12.96
N VAL D 341 -6.88 -7.11 13.17
CA VAL D 341 -7.86 -6.61 12.21
C VAL D 341 -7.38 -5.25 11.72
N TYR D 342 -7.27 -5.11 10.39
CA TYR D 342 -6.83 -3.86 9.77
C TYR D 342 -8.06 -3.01 9.45
N ALA D 343 -8.54 -2.30 10.47
CA ALA D 343 -9.73 -1.48 10.29
C ALA D 343 -9.75 -0.39 11.34
N ASP D 344 -10.61 0.60 11.11
CA ASP D 344 -10.85 1.65 12.10
C ASP D 344 -11.61 1.07 13.28
N ALA D 345 -11.16 1.41 14.50
CA ALA D 345 -11.78 0.87 15.69
C ALA D 345 -13.20 1.38 15.87
N SER D 346 -13.48 2.61 15.43
CA SER D 346 -14.81 3.20 15.59
C SER D 346 -15.88 2.46 14.80
N LEU D 347 -15.48 1.62 13.83
CA LEU D 347 -16.43 0.83 13.07
C LEU D 347 -16.53 -0.61 13.54
N VAL D 348 -15.49 -1.12 14.22
CA VAL D 348 -15.40 -2.54 14.54
C VAL D 348 -15.70 -2.82 16.00
N PHE D 349 -15.24 -1.97 16.91
CA PHE D 349 -15.41 -2.25 18.34
C PHE D 349 -16.88 -2.35 18.75
N PRO D 350 -17.77 -1.44 18.36
CA PRO D 350 -19.19 -1.63 18.72
C PRO D 350 -19.78 -2.93 18.21
N LEU D 351 -19.40 -3.37 17.00
CA LEU D 351 -19.88 -4.64 16.50
C LEU D 351 -19.27 -5.82 17.25
N LEU D 352 -18.01 -5.70 17.67
CA LEU D 352 -17.38 -6.77 18.44
C LEU D 352 -18.04 -6.92 19.81
N VAL D 353 -18.33 -5.81 20.49
CA VAL D 353 -18.95 -5.88 21.80
C VAL D 353 -20.38 -6.41 21.69
N ALA D 354 -21.10 -6.03 20.64
CA ALA D 354 -22.47 -6.49 20.47
C ALA D 354 -22.57 -7.99 20.23
N GLU D 355 -21.45 -8.64 19.89
CA GLU D 355 -21.44 -10.07 19.59
C GLU D 355 -20.85 -10.92 20.70
N THR D 356 -20.04 -10.34 21.59
CA THR D 356 -19.36 -11.12 22.62
C THR D 356 -19.80 -10.76 24.03
N PHE D 357 -19.66 -9.50 24.44
CA PHE D 357 -19.92 -9.14 25.83
C PHE D 357 -21.40 -8.92 26.09
N ALA D 358 -22.13 -8.39 25.11
CA ALA D 358 -23.54 -8.09 25.32
C ALA D 358 -24.40 -9.34 25.43
N GLN D 359 -23.93 -10.48 24.92
CA GLN D 359 -24.68 -11.71 24.97
C GLN D 359 -24.49 -12.49 26.27
N LYS D 360 -23.55 -12.07 27.11
CA LYS D 360 -23.30 -12.69 28.40
C LYS D 360 -23.53 -11.71 29.54
N MET D 361 -24.55 -10.86 29.37
CA MET D 361 -24.83 -9.83 30.36
C MET D 361 -25.23 -10.43 31.71
N ASP D 362 -26.05 -11.48 31.69
CA ASP D 362 -26.57 -12.05 32.93
C ASP D 362 -25.46 -12.69 33.76
N ALA D 363 -24.52 -13.38 33.11
CA ALA D 363 -23.47 -14.08 33.83
C ALA D 363 -22.52 -13.16 34.57
N PHE D 364 -22.52 -11.86 34.25
CA PHE D 364 -21.65 -10.89 34.90
C PHE D 364 -22.36 -10.15 36.03
N MET D 365 -23.56 -10.61 36.42
CA MET D 365 -24.27 -10.00 37.54
C MET D 365 -23.84 -10.62 38.86
N SER E 17 4.22 -48.67 -39.69
CA SER E 17 4.58 -48.58 -41.09
C SER E 17 5.19 -47.21 -41.41
N ALA E 18 4.56 -46.48 -42.32
CA ALA E 18 5.06 -45.17 -42.73
C ALA E 18 4.68 -44.06 -41.76
N THR E 19 3.78 -44.31 -40.82
CA THR E 19 3.30 -43.29 -39.90
C THR E 19 2.75 -43.96 -38.65
N PHE E 20 3.25 -43.53 -37.49
CA PHE E 20 2.81 -44.16 -36.26
C PHE E 20 2.53 -43.12 -35.17
N PRO E 21 1.54 -43.39 -34.31
CA PRO E 21 1.21 -42.43 -33.25
C PRO E 21 2.29 -42.36 -32.18
N MET E 22 2.32 -41.21 -31.51
CA MET E 22 3.24 -40.99 -30.39
C MET E 22 2.74 -39.80 -29.58
N GLN E 23 2.91 -39.89 -28.26
CA GLN E 23 2.50 -38.82 -27.35
C GLN E 23 3.49 -37.67 -27.46
N CYS E 24 2.99 -36.49 -27.83
CA CYS E 24 3.88 -35.37 -28.12
C CYS E 24 4.46 -34.72 -26.87
N SER E 25 4.11 -35.21 -25.68
CA SER E 25 4.89 -34.83 -24.50
C SER E 25 6.24 -35.52 -24.48
N ALA E 26 6.37 -36.64 -25.18
CA ALA E 26 7.59 -37.43 -25.20
C ALA E 26 8.51 -37.07 -26.36
N LEU E 27 8.11 -36.15 -27.23
CA LEU E 27 8.99 -35.74 -28.31
C LEU E 27 10.20 -34.98 -27.77
N ARG E 28 11.25 -34.92 -28.58
CA ARG E 28 12.47 -34.22 -28.23
C ARG E 28 12.93 -33.40 -29.43
N LYS E 29 13.95 -32.56 -29.19
CA LYS E 29 14.53 -31.76 -30.25
C LYS E 29 15.24 -32.66 -31.26
N ASN E 30 15.32 -32.18 -32.51
CA ASN E 30 15.97 -32.89 -33.60
C ASN E 30 15.27 -34.20 -33.93
N GLY E 31 13.97 -34.27 -33.66
CA GLY E 31 13.14 -35.39 -34.06
C GLY E 31 12.40 -35.11 -35.35
N PHE E 32 11.35 -35.88 -35.59
CA PHE E 32 10.49 -35.69 -36.74
C PHE E 32 9.04 -35.79 -36.30
N VAL E 33 8.17 -35.03 -36.97
CA VAL E 33 6.76 -34.99 -36.62
C VAL E 33 5.98 -34.47 -37.82
N VAL E 34 4.71 -34.85 -37.90
CA VAL E 34 3.82 -34.37 -38.95
C VAL E 34 3.16 -33.09 -38.46
N LEU E 35 3.55 -31.96 -39.06
CA LEU E 35 3.00 -30.65 -38.73
C LEU E 35 2.21 -30.17 -39.94
N LYS E 36 0.88 -30.07 -39.79
CA LYS E 36 -0.01 -29.66 -40.86
C LYS E 36 0.20 -30.52 -42.11
N GLY E 37 0.32 -31.83 -41.89
CA GLY E 37 0.52 -32.76 -42.98
C GLY E 37 1.85 -32.60 -43.70
N ARG E 38 2.92 -32.32 -42.96
CA ARG E 38 4.24 -32.15 -43.53
C ARG E 38 5.27 -32.85 -42.64
N PRO E 39 6.16 -33.65 -43.22
CA PRO E 39 7.21 -34.31 -42.40
C PRO E 39 8.31 -33.35 -41.97
N CYS E 40 8.05 -32.62 -40.88
CA CYS E 40 8.97 -31.59 -40.41
C CYS E 40 9.90 -32.13 -39.34
N LYS E 41 11.06 -31.48 -39.22
CA LYS E 41 12.02 -31.75 -38.17
C LYS E 41 11.92 -30.68 -37.10
N ILE E 42 11.83 -31.10 -35.85
CA ILE E 42 11.62 -30.18 -34.74
C ILE E 42 12.91 -29.44 -34.45
N VAL E 43 12.82 -28.11 -34.37
CA VAL E 43 13.97 -27.28 -34.02
C VAL E 43 13.80 -26.54 -32.71
N GLU E 44 12.58 -26.44 -32.19
CA GLU E 44 12.33 -25.77 -30.92
C GLU E 44 11.22 -26.53 -30.19
N MET E 45 11.33 -26.62 -28.88
CA MET E 45 10.31 -27.28 -28.07
C MET E 45 10.30 -26.64 -26.69
N SER E 46 9.09 -26.44 -26.16
CA SER E 46 8.92 -25.85 -24.84
C SER E 46 7.62 -26.35 -24.23
N THR E 47 7.52 -26.22 -22.91
CA THR E 47 6.34 -26.67 -22.17
C THR E 47 5.89 -25.56 -21.23
N SER E 48 4.59 -25.31 -21.20
CA SER E 48 4.00 -24.25 -20.39
C SER E 48 3.48 -24.75 -19.04
N LYS E 49 3.59 -26.06 -18.77
CA LYS E 49 3.12 -26.66 -17.53
C LYS E 49 1.65 -26.35 -17.26
N THR E 50 1.20 -26.58 -16.02
CA THR E 50 -0.20 -26.44 -15.66
C THR E 50 -0.36 -25.24 -14.75
N GLY E 51 -1.40 -24.45 -15.01
CA GLY E 51 -1.65 -23.24 -14.26
C GLY E 51 -2.97 -22.59 -14.58
N LYS E 52 -2.97 -21.26 -14.72
CA LYS E 52 -4.21 -20.53 -14.98
C LYS E 52 -4.68 -20.63 -16.42
N HIS E 53 -3.87 -21.17 -17.33
CA HIS E 53 -4.31 -21.38 -18.70
C HIS E 53 -5.05 -22.69 -18.89
N GLY E 54 -4.83 -23.69 -18.03
CA GLY E 54 -5.69 -24.85 -17.98
C GLY E 54 -5.03 -26.21 -18.03
N HIS E 55 -4.00 -26.38 -18.84
CA HIS E 55 -3.33 -27.67 -18.98
C HIS E 55 -1.90 -27.46 -19.44
N ALA E 56 -1.10 -28.51 -19.28
CA ALA E 56 0.26 -28.50 -19.81
C ALA E 56 0.21 -28.55 -21.33
N LYS E 57 0.90 -27.62 -21.97
CA LYS E 57 0.88 -27.49 -23.41
C LYS E 57 2.30 -27.41 -23.96
N VAL E 58 2.47 -27.95 -25.16
CA VAL E 58 3.77 -28.01 -25.83
C VAL E 58 3.72 -27.15 -27.08
N HIS E 59 4.71 -26.28 -27.23
CA HIS E 59 4.83 -25.41 -28.40
C HIS E 59 5.94 -25.95 -29.29
N LEU E 60 5.58 -26.32 -30.51
CA LEU E 60 6.50 -26.96 -31.44
C LEU E 60 6.76 -26.06 -32.64
N VAL E 61 8.03 -25.91 -32.99
CA VAL E 61 8.47 -25.22 -34.20
C VAL E 61 9.27 -26.22 -35.03
N GLY E 62 8.91 -26.35 -36.30
CA GLY E 62 9.52 -27.35 -37.16
C GLY E 62 9.87 -26.76 -38.51
N ILE E 63 10.87 -27.39 -39.14
CA ILE E 63 11.35 -26.99 -40.46
C ILE E 63 11.13 -28.17 -41.41
N ASP E 64 10.56 -27.88 -42.58
CA ASP E 64 10.29 -28.92 -43.55
C ASP E 64 11.58 -29.49 -44.11
N ILE E 65 11.57 -30.80 -44.36
CA ILE E 65 12.75 -31.48 -44.90
C ILE E 65 12.85 -31.37 -46.42
N PHE E 66 11.76 -31.04 -47.11
CA PHE E 66 11.77 -30.91 -48.56
C PHE E 66 11.84 -29.46 -49.02
N THR E 67 10.88 -28.63 -48.58
CA THR E 67 10.82 -27.25 -49.07
C THR E 67 11.67 -26.32 -48.20
N GLY E 68 11.40 -26.29 -46.90
CA GLY E 68 12.14 -25.42 -46.00
C GLY E 68 11.27 -24.40 -45.29
N LYS E 69 9.96 -24.60 -45.35
CA LYS E 69 9.04 -23.70 -44.66
C LYS E 69 9.06 -23.99 -43.15
N LYS E 70 8.71 -22.97 -42.38
CA LYS E 70 8.61 -23.09 -40.93
C LYS E 70 7.16 -23.26 -40.52
N TYR E 71 6.91 -24.21 -39.62
CA TYR E 71 5.58 -24.48 -39.10
C TYR E 71 5.62 -24.40 -37.57
N GLU E 72 4.49 -24.00 -37.00
CA GLU E 72 4.36 -23.92 -35.55
C GLU E 72 3.02 -24.48 -35.14
N ASP E 73 2.99 -25.16 -33.99
CA ASP E 73 1.77 -25.78 -33.50
C ASP E 73 1.84 -25.91 -31.98
N ILE E 74 0.69 -26.22 -31.38
CA ILE E 74 0.58 -26.37 -29.95
C ILE E 74 -0.23 -27.63 -29.62
N CYS E 75 0.35 -28.51 -28.79
CA CYS E 75 -0.09 -29.76 -28.17
C CYS E 75 -0.71 -29.52 -26.80
N PRO E 76 -1.79 -30.22 -26.50
CA PRO E 76 -2.03 -30.62 -25.11
C PRO E 76 -1.12 -31.79 -24.77
N SER E 77 -0.62 -31.80 -23.53
CA SER E 77 0.48 -32.68 -23.19
C SER E 77 0.14 -34.16 -23.23
N THR E 78 -1.15 -34.53 -23.29
CA THR E 78 -1.53 -35.94 -23.24
C THR E 78 -1.89 -36.54 -24.58
N HIS E 79 -2.40 -35.74 -25.52
CA HIS E 79 -2.89 -36.28 -26.78
C HIS E 79 -1.73 -36.67 -27.69
N ASN E 80 -2.07 -37.33 -28.79
CA ASN E 80 -1.10 -37.99 -29.66
C ASN E 80 -1.00 -37.28 -31.00
N MET E 81 0.18 -37.35 -31.61
CA MET E 81 0.36 -36.94 -33.00
C MET E 81 1.11 -38.01 -33.76
N ASP E 82 1.08 -37.89 -35.08
CA ASP E 82 1.69 -38.86 -35.98
C ASP E 82 3.15 -38.52 -36.23
N VAL E 83 4.02 -39.51 -36.07
CA VAL E 83 5.43 -39.43 -36.42
C VAL E 83 5.62 -40.19 -37.73
N PRO E 84 6.21 -39.58 -38.75
CA PRO E 84 6.41 -40.27 -40.02
C PRO E 84 7.61 -41.22 -39.96
N ASN E 85 7.67 -42.09 -40.97
CA ASN E 85 8.79 -43.00 -41.15
C ASN E 85 9.55 -42.59 -42.40
N ILE E 86 10.84 -42.28 -42.24
CA ILE E 86 11.70 -41.84 -43.33
C ILE E 86 12.72 -42.93 -43.62
N LYS E 87 12.87 -43.25 -44.90
CA LYS E 87 13.83 -44.24 -45.35
C LYS E 87 14.99 -43.55 -46.05
N ARG E 88 16.21 -43.92 -45.67
CA ARG E 88 17.42 -43.33 -46.21
C ARG E 88 18.09 -44.31 -47.16
N ASN E 89 18.31 -43.87 -48.40
CA ASN E 89 19.01 -44.67 -49.39
C ASN E 89 19.89 -43.76 -50.23
N ASP E 90 21.01 -44.32 -50.68
CA ASP E 90 21.92 -43.65 -51.60
C ASP E 90 22.04 -44.50 -52.86
N PHE E 91 21.70 -43.93 -54.00
CA PHE E 91 21.62 -44.66 -55.25
C PHE E 91 22.91 -44.47 -56.05
N GLN E 92 23.07 -45.31 -57.07
CA GLN E 92 24.26 -45.31 -57.92
C GLN E 92 24.01 -44.40 -59.11
N LEU E 93 24.66 -43.24 -59.11
CA LEU E 93 24.61 -42.30 -60.23
C LEU E 93 26.04 -42.12 -60.72
N ILE E 94 26.49 -43.05 -61.58
CA ILE E 94 27.84 -43.04 -62.12
C ILE E 94 27.71 -43.10 -63.64
N GLY E 95 27.99 -41.99 -64.30
CA GLY E 95 27.92 -41.93 -65.76
C GLY E 95 26.68 -41.21 -66.23
N ILE E 96 26.86 -40.34 -67.21
CA ILE E 96 25.77 -39.56 -67.80
C ILE E 96 25.57 -40.08 -69.21
N GLN E 97 24.39 -40.61 -69.49
CA GLN E 97 24.06 -41.17 -70.80
C GLN E 97 23.00 -40.31 -71.48
N ASP E 98 23.27 -39.96 -72.74
CA ASP E 98 22.36 -39.19 -73.59
C ASP E 98 22.04 -37.81 -73.02
N GLY E 99 22.80 -37.35 -72.02
CA GLY E 99 22.53 -36.09 -71.38
C GLY E 99 21.49 -36.12 -70.29
N TYR E 100 20.94 -37.29 -69.97
CA TYR E 100 19.92 -37.43 -68.95
C TYR E 100 20.53 -37.99 -67.67
N LEU E 101 19.70 -38.14 -66.63
CA LEU E 101 20.12 -38.65 -65.34
C LEU E 101 19.96 -40.18 -65.34
N SER E 102 21.01 -40.86 -65.80
CA SER E 102 21.01 -42.32 -65.89
C SER E 102 21.32 -42.92 -64.52
N LEU E 103 20.30 -42.92 -63.66
CA LEU E 103 20.43 -43.52 -62.35
C LEU E 103 20.58 -45.02 -62.47
N LEU E 104 21.68 -45.55 -61.93
CA LEU E 104 21.97 -46.98 -62.01
C LEU E 104 21.28 -47.67 -60.85
N GLN E 105 19.96 -47.81 -60.96
CA GLN E 105 19.19 -48.49 -59.92
C GLN E 105 19.49 -49.98 -59.92
N ASP E 106 19.45 -50.58 -58.73
CA ASP E 106 19.71 -52.01 -58.59
C ASP E 106 18.52 -52.88 -58.96
N SER E 107 17.42 -52.28 -59.42
CA SER E 107 16.22 -53.01 -59.80
C SER E 107 16.29 -53.54 -61.23
N GLY E 108 17.40 -53.32 -61.94
CA GLY E 108 17.57 -53.83 -63.28
C GLY E 108 16.97 -52.97 -64.38
N GLU E 109 16.34 -51.86 -64.04
CA GLU E 109 15.75 -50.95 -65.01
C GLU E 109 16.30 -49.54 -64.82
N VAL E 110 16.02 -48.70 -65.81
CA VAL E 110 16.46 -47.30 -65.78
C VAL E 110 15.26 -46.41 -66.11
N ARG E 111 15.10 -45.35 -65.32
CA ARG E 111 13.97 -44.44 -65.47
C ARG E 111 14.40 -43.04 -65.04
N GLU E 112 13.71 -42.04 -65.58
CA GLU E 112 13.95 -40.64 -65.22
C GLU E 112 12.76 -40.04 -64.48
N ASP E 113 12.00 -40.85 -63.74
CA ASP E 113 10.86 -40.32 -62.98
C ASP E 113 11.31 -39.43 -61.83
N LEU E 114 12.54 -39.60 -61.35
CA LEU E 114 13.09 -38.70 -60.35
C LEU E 114 13.64 -37.45 -61.02
N ARG E 115 13.06 -36.30 -60.70
CA ARG E 115 13.50 -35.04 -61.27
C ARG E 115 14.50 -34.35 -60.35
N LEU E 116 15.13 -33.31 -60.88
CA LEU E 116 16.15 -32.59 -60.12
C LEU E 116 15.49 -31.70 -59.06
N PRO E 117 16.19 -31.39 -57.98
CA PRO E 117 15.68 -30.39 -57.04
C PRO E 117 15.48 -29.05 -57.70
N GLU E 118 14.35 -28.40 -57.44
CA GLU E 118 13.96 -27.20 -58.18
C GLU E 118 14.95 -26.07 -57.95
N GLY E 119 15.30 -25.37 -59.03
CA GLY E 119 16.27 -24.30 -58.98
C GLY E 119 17.58 -24.70 -59.63
N ASP E 120 18.64 -23.98 -59.28
CA ASP E 120 19.97 -24.26 -59.81
C ASP E 120 20.75 -25.26 -58.98
N LEU E 121 20.22 -25.67 -57.82
CA LEU E 121 20.91 -26.66 -57.00
C LEU E 121 21.02 -28.01 -57.70
N GLY E 122 19.94 -28.44 -58.39
CA GLY E 122 20.00 -29.69 -59.11
C GLY E 122 21.04 -29.70 -60.21
N LYS E 123 21.30 -28.54 -60.83
CA LYS E 123 22.35 -28.46 -61.83
C LYS E 123 23.73 -28.65 -61.21
N GLU E 124 23.86 -28.43 -59.90
CA GLU E 124 25.15 -28.53 -59.23
C GLU E 124 25.69 -29.96 -59.18
N ILE E 125 24.86 -30.97 -59.39
CA ILE E 125 25.32 -32.35 -59.33
C ILE E 125 25.91 -32.80 -60.65
N GLU E 126 25.22 -32.54 -61.77
CA GLU E 126 25.69 -32.98 -63.07
C GLU E 126 26.92 -32.24 -63.55
N GLN E 127 27.03 -30.93 -63.31
CA GLN E 127 28.14 -30.16 -63.86
C GLN E 127 29.45 -30.43 -63.13
N LYS E 128 29.40 -30.91 -61.89
CA LYS E 128 30.62 -31.20 -61.14
C LYS E 128 31.26 -32.51 -61.56
N TYR E 129 30.53 -33.41 -62.21
CA TYR E 129 31.11 -34.69 -62.60
C TYR E 129 32.15 -34.50 -63.70
N ASP E 130 31.91 -33.54 -64.61
CA ASP E 130 32.91 -33.18 -65.61
C ASP E 130 34.13 -32.52 -64.99
N CYS E 131 34.02 -32.03 -63.76
CA CYS E 131 35.15 -31.47 -63.03
C CYS E 131 35.86 -32.51 -62.18
N GLY E 132 35.46 -33.78 -62.27
CA GLY E 132 36.09 -34.84 -61.50
C GLY E 132 35.84 -34.80 -60.01
N GLU E 133 34.63 -34.45 -59.59
CA GLU E 133 34.23 -34.51 -58.18
C GLU E 133 33.12 -35.54 -58.00
N GLU E 134 33.35 -36.49 -57.10
CA GLU E 134 32.34 -37.49 -56.79
C GLU E 134 31.33 -36.94 -55.80
N ILE E 135 30.07 -37.37 -55.97
CA ILE E 135 28.99 -36.97 -55.08
C ILE E 135 28.27 -38.24 -54.61
N LEU E 136 27.92 -38.27 -53.33
CA LEU E 136 27.14 -39.38 -52.77
C LEU E 136 25.67 -38.98 -52.82
N ILE E 137 25.05 -39.25 -53.97
CA ILE E 137 23.66 -38.88 -54.17
C ILE E 137 22.77 -39.70 -53.25
N THR E 138 21.87 -39.00 -52.55
CA THR E 138 20.97 -39.62 -51.58
C THR E 138 19.54 -39.28 -51.98
N VAL E 139 18.69 -40.31 -52.03
CA VAL E 139 17.28 -40.16 -52.35
C VAL E 139 16.50 -40.39 -51.06
N LEU E 140 15.67 -39.42 -50.69
CA LEU E 140 14.94 -39.44 -49.43
C LEU E 140 13.52 -39.95 -49.66
N SER E 141 13.10 -40.90 -48.85
CA SER E 141 11.77 -41.49 -48.92
C SER E 141 10.94 -40.99 -47.74
N ALA E 142 9.76 -40.49 -48.02
CA ALA E 142 8.89 -39.89 -47.02
C ALA E 142 7.65 -40.78 -46.82
N MET E 143 6.71 -40.27 -46.02
CA MET E 143 5.50 -41.03 -45.74
C MET E 143 4.65 -41.21 -46.99
N THR E 144 4.55 -40.19 -47.84
CA THR E 144 3.75 -40.27 -49.04
C THR E 144 4.41 -39.67 -50.27
N GLU E 145 5.64 -39.18 -50.18
CA GLU E 145 6.28 -38.46 -51.27
C GLU E 145 7.64 -39.09 -51.60
N GLU E 146 8.00 -39.02 -52.88
CA GLU E 146 9.26 -39.56 -53.39
C GLU E 146 10.01 -38.43 -54.09
N ALA E 147 10.91 -37.77 -53.36
CA ALA E 147 11.72 -36.69 -53.92
C ALA E 147 13.12 -36.78 -53.35
N ALA E 148 14.09 -36.35 -54.15
CA ALA E 148 15.50 -36.37 -53.76
C ALA E 148 15.92 -34.95 -53.39
N VAL E 149 16.30 -34.76 -52.13
CA VAL E 149 16.72 -33.45 -51.62
C VAL E 149 18.10 -33.54 -50.95
N ALA E 150 18.27 -34.49 -50.04
CA ALA E 150 19.49 -34.57 -49.26
C ALA E 150 20.69 -34.90 -50.13
N ILE E 151 21.76 -34.12 -49.95
CA ILE E 151 22.99 -34.26 -50.73
C ILE E 151 24.15 -34.39 -49.75
N LYS E 152 24.98 -35.42 -49.94
CA LYS E 152 26.16 -35.59 -49.11
C LYS E 152 27.17 -36.51 -49.80
PA NAD F . -3.67 4.25 -10.65
O1A NAD F . -3.77 5.74 -10.64
O2A NAD F . -4.93 3.47 -10.53
O5B NAD F . -2.63 3.76 -9.54
C5B NAD F . -2.50 2.34 -9.32
C4B NAD F . -1.48 2.08 -8.23
O4B NAD F . -0.17 2.50 -8.67
C3B NAD F . -1.65 2.85 -6.93
O3B NAD F . -2.72 2.36 -6.12
C2B NAD F . -0.27 2.63 -6.31
O2B NAD F . -0.15 1.32 -5.80
C1B NAD F . 0.63 2.78 -7.55
N9A NAD F . 1.21 4.10 -7.70
C8A NAD F . 0.62 5.20 -8.28
N7A NAD F . 1.39 6.27 -8.27
C5A NAD F . 2.56 5.84 -7.66
C6A NAD F . 3.76 6.51 -7.35
N6A NAD F . 3.99 7.79 -7.64
N1A NAD F . 4.73 5.80 -6.73
C2A NAD F . 4.49 4.52 -6.44
N3A NAD F . 3.41 3.79 -6.67
C4A NAD F . 2.46 4.52 -7.29
O3 NAD F . -2.90 3.80 -11.99
PN NAD F . -3.29 3.48 -13.51
O1N NAD F . -3.98 2.16 -13.54
O2N NAD F . -2.08 3.66 -14.36
O5D NAD F . -4.36 4.63 -13.85
C5D NAD F . -5.74 4.43 -13.48
C4D NAD F . -6.64 4.87 -14.60
O4D NAD F . -6.55 6.31 -14.74
C3D NAD F . -6.29 4.31 -16.00
O3D NAD F . -7.48 3.85 -16.64
C2D NAD F . -5.75 5.56 -16.71
O2D NAD F . -5.83 5.50 -18.13
C1D NAD F . -6.63 6.65 -16.11
N1N NAD F . -6.07 8.00 -16.29
C2N NAD F . -5.26 8.54 -15.32
C3N NAD F . -4.73 9.82 -15.48
C7N NAD F . -3.86 10.38 -14.38
O7N NAD F . -3.72 9.74 -13.34
N7N NAD F . -3.29 11.55 -14.58
C4N NAD F . -5.00 10.53 -16.65
C5N NAD F . -5.81 9.97 -17.61
C6N NAD F . -6.33 8.72 -17.41
N1 SPD G . 15.06 -9.83 27.23
C2 SPD G . 14.37 -8.54 27.01
C3 SPD G . 14.25 -8.13 25.56
C4 SPD G . 12.82 -7.88 25.13
C5 SPD G . 12.55 -6.41 24.82
N6 SPD G . 12.40 -6.17 23.38
C7 SPD G . 11.48 -5.11 23.03
C8 SPD G . 11.44 -4.87 21.54
C9 SPD G . 10.16 -4.24 21.06
N10 SPD G . 10.09 -4.22 19.59
PA NAD H . -6.15 -3.92 -8.28
O1A NAD H . -5.90 -4.74 -7.07
O2A NAD H . -5.05 -3.75 -9.27
O5B NAD H . -6.67 -2.46 -7.83
C5B NAD H . -7.80 -2.39 -6.93
C4B NAD H . -7.98 -0.97 -6.45
O4B NAD H . -9.04 -0.94 -5.47
C3B NAD H . -6.79 -0.39 -5.66
O3B NAD H . -6.95 1.01 -5.49
C2B NAD H . -6.98 -1.10 -4.33
O2B NAD H . -6.28 -0.54 -3.25
C1B NAD H . -8.51 -1.02 -4.17
N9A NAD H . -9.08 -2.19 -3.51
C8A NAD H . -8.76 -3.50 -3.75
N7A NAD H . -9.44 -4.34 -2.99
C5A NAD H . -10.24 -3.53 -2.20
C6A NAD H . -11.18 -3.82 -1.19
N6A NAD H . -11.47 -5.05 -0.79
N1A NAD H . -11.81 -2.78 -0.60
C2A NAD H . -11.50 -1.53 -1.01
N3A NAD H . -10.63 -1.15 -1.94
C4A NAD H . -10.02 -2.20 -2.52
O3 NAD H . -7.45 -4.49 -9.02
PN NAD H . -8.15 -4.25 -10.45
O1N NAD H . -7.75 -2.89 -10.96
O2N NAD H . -9.62 -4.52 -10.31
O5D NAD H . -7.49 -5.39 -11.35
C5D NAD H . -6.11 -5.27 -11.79
C4D NAD H . -5.86 -6.30 -12.86
O4D NAD H . -5.82 -7.62 -12.26
C3D NAD H . -6.93 -6.40 -13.97
O3D NAD H . -6.32 -6.32 -15.24
C2D NAD H . -7.52 -7.79 -13.72
O2D NAD H . -8.11 -8.38 -14.87
C1D NAD H . -6.30 -8.55 -13.22
N1N NAD H . -6.66 -9.81 -12.50
C2N NAD H . -6.81 -9.82 -11.14
C3N NAD H . -7.12 -11.00 -10.48
C7N NAD H . -7.23 -10.99 -8.98
O7N NAD H . -7.00 -9.96 -8.36
N7N NAD H . -7.61 -12.13 -8.39
C4N NAD H . -7.31 -12.17 -11.22
C5N NAD H . -7.18 -12.13 -12.59
C6N NAD H . -6.86 -10.95 -13.21
N1 SPD I . -5.90 12.49 -10.06
C2 SPD I . -5.61 12.07 -11.43
C3 SPD I . -6.84 11.84 -12.30
C4 SPD I . -7.19 13.04 -13.17
C5 SPD I . -7.01 12.77 -14.65
N6 SPD I . -8.29 12.48 -15.31
C7 SPD I . -8.51 13.25 -16.53
C8 SPD I . -9.35 12.49 -17.52
C9 SPD I . -9.18 12.92 -18.95
N10 SPD I . -10.46 13.10 -19.62
PA NAD J . 6.18 3.68 17.24
O1A NAD J . 7.00 2.45 17.00
O2A NAD J . 4.83 3.52 17.87
O5B NAD J . 6.03 4.50 15.88
C5B NAD J . 5.21 5.70 15.90
C4B NAD J . 5.12 6.28 14.52
O4B NAD J . 6.42 6.71 14.06
C3B NAD J . 4.67 5.34 13.39
O3B NAD J . 3.28 5.04 13.44
C2B NAD J . 5.09 6.16 12.18
O2B NAD J . 4.18 7.21 11.96
C1B NAD J . 6.43 6.74 12.65
N9A NAD J . 7.60 6.01 12.17
C8A NAD J . 8.14 4.88 12.72
N7A NAD J . 9.19 4.44 12.08
C5A NAD J . 9.34 5.33 11.03
C6A NAD J . 10.29 5.41 9.98
N6A NAD J . 11.28 4.55 9.81
N1A NAD J . 10.15 6.43 9.09
C2A NAD J . 9.15 7.30 9.27
N3A NAD J . 8.22 7.33 10.22
C4A NAD J . 8.37 6.31 11.08
O3 NAD J . 7.04 4.70 18.13
PN NAD J . 7.38 4.82 19.69
O1N NAD J . 6.20 5.41 20.38
O2N NAD J . 8.71 5.46 19.85
O5D NAD J . 7.48 3.27 20.10
C5D NAD J . 6.44 2.72 20.93
C4D NAD J . 7.03 2.28 22.25
O4D NAD J . 7.95 1.19 22.03
C3D NAD J . 7.82 3.33 23.04
O3D NAD J . 7.19 3.58 24.28
C2D NAD J . 9.18 2.65 23.21
O2D NAD J . 9.85 2.97 24.42
C1D NAD J . 8.86 1.16 23.10
N1N NAD J . 10.05 0.36 22.68
C2N NAD J . 10.32 0.20 21.34
C3N NAD J . 11.43 -0.53 20.94
C7N NAD J . 11.69 -0.70 19.46
O7N NAD J . 10.88 -0.25 18.65
N7N NAD J . 12.80 -1.32 19.10
C4N NAD J . 12.26 -1.10 21.91
C5N NAD J . 11.96 -0.94 23.24
C6N NAD J . 10.85 -0.21 23.60
N1 SPD K . -4.81 15.75 17.69
C2 SPD K . -4.56 16.95 18.50
C3 SPD K . -3.82 16.69 19.80
C4 SPD K . -3.60 17.93 20.63
C5 SPD K . -4.88 18.45 21.27
N6 SPD K . -4.64 19.63 22.10
C7 SPD K . -3.69 19.41 23.19
C8 SPD K . -4.19 20.00 24.48
C9 SPD K . -3.54 21.31 24.85
N10 SPD K . -2.33 21.12 25.65
PA NAD L . -2.00 8.34 18.47
O1A NAD L . -3.32 8.59 17.81
O2A NAD L . -0.86 9.23 18.12
O5B NAD L . -1.58 6.81 18.21
C5B NAD L . -1.29 6.43 16.85
C4B NAD L . -1.23 4.93 16.73
O4B NAD L . -2.54 4.39 17.07
C3B NAD L . -0.98 4.38 15.33
O3B NAD L . -0.60 3.01 15.38
C2B NAD L . -2.39 4.50 14.74
O2B NAD L . -2.58 3.79 13.55
C1B NAD L . -3.21 3.97 15.92
N9A NAD L . -4.57 4.46 15.95
C8A NAD L . -4.98 5.66 16.49
N7A NAD L . -6.28 5.86 16.39
C5A NAD L . -6.74 4.72 15.73
C6A NAD L . -8.03 4.34 15.32
N6A NAD L . -9.13 5.06 15.52
N1A NAD L . -8.15 3.14 14.69
C2A NAD L . -7.05 2.42 14.49
N3A NAD L . -5.80 2.68 14.83
C4A NAD L . -5.71 3.86 15.45
O3 NAD L . -2.21 8.35 20.06
PN NAD L . -1.19 8.61 21.26
O1N NAD L . -0.01 7.71 21.12
O2N NAD L . -1.96 8.57 22.54
O5D NAD L . -0.76 10.12 20.94
C5D NAD L . 0.46 10.68 21.49
C4D NAD L . 0.17 11.53 22.70
O4D NAD L . -0.86 12.51 22.41
C3D NAD L . -0.31 10.82 23.98
O3D NAD L . 0.73 10.76 24.93
C2D NAD L . -1.48 11.72 24.42
O2D NAD L . -1.57 11.91 25.83
C1D NAD L . -1.29 13.02 23.65
N1N NAD L . -2.57 13.76 23.46
C2N NAD L . -3.46 13.38 22.49
C3N NAD L . -4.68 14.03 22.38
C7N NAD L . -5.68 13.55 21.35
O7N NAD L . -5.36 12.66 20.56
N7N NAD L . -6.88 14.11 21.34
C4N NAD L . -4.96 15.11 23.21
C5N NAD L . -4.03 15.51 24.13
C6N NAD L . -2.85 14.82 24.25
#